data_3L93
# 
_entry.id   3L93 
# 
_audit_conform.dict_name       mmcif_pdbx.dic 
_audit_conform.dict_version    5.378 
_audit_conform.dict_location   http://mmcif.pdb.org/dictionaries/ascii/mmcif_pdbx.dic 
# 
loop_
_database_2.database_id 
_database_2.database_code 
_database_2.pdbx_database_accession 
_database_2.pdbx_DOI 
PDB   3L93         pdb_00003l93 10.2210/pdb3l93/pdb 
RCSB  RCSB056987   ?            ?                   
WWPDB D_1000056987 ?            ?                   
# 
loop_
_pdbx_database_related.db_name 
_pdbx_database_related.db_id 
_pdbx_database_related.details 
_pdbx_database_related.content_type 
PDB      3L92     'Phosphopantetheine adenylyltransferase from Yersinia pestis complexed with coenzyme A.' unspecified 
TargetDB IDP90549 .                                                                                        unspecified 
# 
_pdbx_database_status.entry_id                        3L93 
_pdbx_database_status.status_code                     REL 
_pdbx_database_status.deposit_site                    RCSB 
_pdbx_database_status.process_site                    RCSB 
_pdbx_database_status.recvd_initial_deposition_date   2010-01-04 
_pdbx_database_status.status_code_sf                  REL 
_pdbx_database_status.status_code_mr                  ? 
_pdbx_database_status.SG_entry                        Y 
_pdbx_database_status.status_code_cs                  ? 
_pdbx_database_status.methods_development_category    ? 
_pdbx_database_status.pdb_format_compatible           Y 
_pdbx_database_status.status_code_nmr_data            ? 
# 
loop_
_audit_author.name 
_audit_author.pdbx_ordinal 
'Osipiuk, J.'                                                   1 
'Maltseva, N.'                                                  2 
'Makowska-grzyska, M.'                                          3 
'Kwon, K.'                                                      4 
'Anderson, W.F.'                                                5 
'Joachimiak, A.'                                                6 
'Center for Structural Genomics of Infectious Diseases (CSGID)' 7 
# 
_citation.id                        primary 
_citation.title                     'X-ray crystal structure of phosphopantetheine adenylyltransferase from Yersinia pestis.' 
_citation.journal_abbrev            'To be Published' 
_citation.journal_volume            ? 
_citation.page_first                ? 
_citation.page_last                 ? 
_citation.year                      ? 
_citation.journal_id_ASTM           ? 
_citation.country                   ? 
_citation.journal_id_ISSN           ? 
_citation.journal_id_CSD            0353 
_citation.book_publisher            ? 
_citation.pdbx_database_id_PubMed   ? 
_citation.pdbx_database_id_DOI      ? 
# 
loop_
_citation_author.citation_id 
_citation_author.name 
_citation_author.ordinal 
_citation_author.identifier_ORCID 
primary 'Osipiuk, J.'          1 ? 
primary 'Maltseva, N.'         2 ? 
primary 'Makowska-grzyska, M.' 3 ? 
primary 'Kwon, K.'             4 ? 
primary 'Anderson, W.F.'       5 ? 
primary 'Joachimiak, A.'       6 ? 
# 
_cell.length_a           115.511 
_cell.length_b           115.511 
_cell.length_c           117.090 
_cell.angle_alpha        90.000 
_cell.angle_beta         90.000 
_cell.angle_gamma        120.000 
_cell.entry_id           3L93 
_cell.pdbx_unique_axis   ? 
_cell.Z_PDB              18 
_cell.length_a_esd       ? 
_cell.length_b_esd       ? 
_cell.length_c_esd       ? 
_cell.angle_alpha_esd    ? 
_cell.angle_beta_esd     ? 
_cell.angle_gamma_esd    ? 
# 
_symmetry.space_group_name_H-M             'H 3 2' 
_symmetry.entry_id                         3L93 
_symmetry.Int_Tables_number                155 
_symmetry.pdbx_full_space_group_name_H-M   ? 
_symmetry.cell_setting                     ? 
_symmetry.space_group_name_Hall            ? 
# 
loop_
_entity.id 
_entity.type 
_entity.src_method 
_entity.pdbx_description 
_entity.formula_weight 
_entity.pdbx_number_of_molecules 
_entity.pdbx_ec 
_entity.pdbx_mutation 
_entity.pdbx_fragment 
_entity.details 
1 polymer     man 'Phosphopantetheine adenylyltransferase' 17948.002 1  2.7.7.3 ? ? ? 
2 non-polymer syn 'FORMIC ACID'                            46.025    1  ?       ? ? ? 
3 water       nat water                                    18.015    79 ?       ? ? ? 
# 
_entity_name_com.entity_id   1 
_entity_name_com.name        'Pantetheine-phosphate adenylyltransferase, PPAT, Dephospho-CoA pyrophosphorylase' 
# 
_entity_poly.entity_id                      1 
_entity_poly.type                           'polypeptide(L)' 
_entity_poly.nstd_linkage                   no 
_entity_poly.nstd_monomer                   no 
_entity_poly.pdbx_seq_one_letter_code       
;SNAMITKAIYPGTFDPITNGHLDLVTRASAMFSHVILAIADSSSKKPMFTLDERVALAKKVTAPLKNVEVLGFSELMAEF
AKKHNANILVRGLRSVSDFEYEWQLANMNRHLMPKLESVFLIPSEKWSFISSSLVKEVARHGGDITPFLPKPVTKALLAK
LA
;
_entity_poly.pdbx_seq_one_letter_code_can   
;SNAMITKAIYPGTFDPITNGHLDLVTRASAMFSHVILAIADSSSKKPMFTLDERVALAKKVTAPLKNVEVLGFSELMAEF
AKKHNANILVRGLRSVSDFEYEWQLANMNRHLMPKLESVFLIPSEKWSFISSSLVKEVARHGGDITPFLPKPVTKALLAK
LA
;
_entity_poly.pdbx_strand_id                 A 
_entity_poly.pdbx_target_identifier         IDP90549 
# 
loop_
_entity_poly_seq.entity_id 
_entity_poly_seq.num 
_entity_poly_seq.mon_id 
_entity_poly_seq.hetero 
1 1   SER n 
1 2   ASN n 
1 3   ALA n 
1 4   MET n 
1 5   ILE n 
1 6   THR n 
1 7   LYS n 
1 8   ALA n 
1 9   ILE n 
1 10  TYR n 
1 11  PRO n 
1 12  GLY n 
1 13  THR n 
1 14  PHE n 
1 15  ASP n 
1 16  PRO n 
1 17  ILE n 
1 18  THR n 
1 19  ASN n 
1 20  GLY n 
1 21  HIS n 
1 22  LEU n 
1 23  ASP n 
1 24  LEU n 
1 25  VAL n 
1 26  THR n 
1 27  ARG n 
1 28  ALA n 
1 29  SER n 
1 30  ALA n 
1 31  MET n 
1 32  PHE n 
1 33  SER n 
1 34  HIS n 
1 35  VAL n 
1 36  ILE n 
1 37  LEU n 
1 38  ALA n 
1 39  ILE n 
1 40  ALA n 
1 41  ASP n 
1 42  SER n 
1 43  SER n 
1 44  SER n 
1 45  LYS n 
1 46  LYS n 
1 47  PRO n 
1 48  MET n 
1 49  PHE n 
1 50  THR n 
1 51  LEU n 
1 52  ASP n 
1 53  GLU n 
1 54  ARG n 
1 55  VAL n 
1 56  ALA n 
1 57  LEU n 
1 58  ALA n 
1 59  LYS n 
1 60  LYS n 
1 61  VAL n 
1 62  THR n 
1 63  ALA n 
1 64  PRO n 
1 65  LEU n 
1 66  LYS n 
1 67  ASN n 
1 68  VAL n 
1 69  GLU n 
1 70  VAL n 
1 71  LEU n 
1 72  GLY n 
1 73  PHE n 
1 74  SER n 
1 75  GLU n 
1 76  LEU n 
1 77  MET n 
1 78  ALA n 
1 79  GLU n 
1 80  PHE n 
1 81  ALA n 
1 82  LYS n 
1 83  LYS n 
1 84  HIS n 
1 85  ASN n 
1 86  ALA n 
1 87  ASN n 
1 88  ILE n 
1 89  LEU n 
1 90  VAL n 
1 91  ARG n 
1 92  GLY n 
1 93  LEU n 
1 94  ARG n 
1 95  SER n 
1 96  VAL n 
1 97  SER n 
1 98  ASP n 
1 99  PHE n 
1 100 GLU n 
1 101 TYR n 
1 102 GLU n 
1 103 TRP n 
1 104 GLN n 
1 105 LEU n 
1 106 ALA n 
1 107 ASN n 
1 108 MET n 
1 109 ASN n 
1 110 ARG n 
1 111 HIS n 
1 112 LEU n 
1 113 MET n 
1 114 PRO n 
1 115 LYS n 
1 116 LEU n 
1 117 GLU n 
1 118 SER n 
1 119 VAL n 
1 120 PHE n 
1 121 LEU n 
1 122 ILE n 
1 123 PRO n 
1 124 SER n 
1 125 GLU n 
1 126 LYS n 
1 127 TRP n 
1 128 SER n 
1 129 PHE n 
1 130 ILE n 
1 131 SER n 
1 132 SER n 
1 133 SER n 
1 134 LEU n 
1 135 VAL n 
1 136 LYS n 
1 137 GLU n 
1 138 VAL n 
1 139 ALA n 
1 140 ARG n 
1 141 HIS n 
1 142 GLY n 
1 143 GLY n 
1 144 ASP n 
1 145 ILE n 
1 146 THR n 
1 147 PRO n 
1 148 PHE n 
1 149 LEU n 
1 150 PRO n 
1 151 LYS n 
1 152 PRO n 
1 153 VAL n 
1 154 THR n 
1 155 LYS n 
1 156 ALA n 
1 157 LEU n 
1 158 LEU n 
1 159 ALA n 
1 160 LYS n 
1 161 LEU n 
1 162 ALA n 
# 
_entity_src_gen.entity_id                          1 
_entity_src_gen.pdbx_src_id                        1 
_entity_src_gen.pdbx_alt_source_flag               sample 
_entity_src_gen.pdbx_seq_type                      ? 
_entity_src_gen.pdbx_beg_seq_num                   ? 
_entity_src_gen.pdbx_end_seq_num                   ? 
_entity_src_gen.gene_src_common_name               ? 
_entity_src_gen.gene_src_genus                     ? 
_entity_src_gen.pdbx_gene_src_gene                 'coaD, kdtB, y0088, YPO0053, YP_0054' 
_entity_src_gen.gene_src_species                   ? 
_entity_src_gen.gene_src_strain                    CO92 
_entity_src_gen.gene_src_tissue                    ? 
_entity_src_gen.gene_src_tissue_fraction           ? 
_entity_src_gen.gene_src_details                   ? 
_entity_src_gen.pdbx_gene_src_fragment             ? 
_entity_src_gen.pdbx_gene_src_scientific_name      'Yersinia pestis' 
_entity_src_gen.pdbx_gene_src_ncbi_taxonomy_id     214092 
_entity_src_gen.pdbx_gene_src_variant              ? 
_entity_src_gen.pdbx_gene_src_cell_line            ? 
_entity_src_gen.pdbx_gene_src_atcc                 ? 
_entity_src_gen.pdbx_gene_src_organ                ? 
_entity_src_gen.pdbx_gene_src_organelle            ? 
_entity_src_gen.pdbx_gene_src_cell                 ? 
_entity_src_gen.pdbx_gene_src_cellular_location    ? 
_entity_src_gen.host_org_common_name               ? 
_entity_src_gen.pdbx_host_org_scientific_name      'Escherichia coli' 
_entity_src_gen.pdbx_host_org_ncbi_taxonomy_id     562 
_entity_src_gen.host_org_genus                     ? 
_entity_src_gen.pdbx_host_org_gene                 ? 
_entity_src_gen.pdbx_host_org_organ                ? 
_entity_src_gen.host_org_species                   ? 
_entity_src_gen.pdbx_host_org_tissue               ? 
_entity_src_gen.pdbx_host_org_tissue_fraction      ? 
_entity_src_gen.pdbx_host_org_strain               'BL21(DE3)' 
_entity_src_gen.pdbx_host_org_variant              ? 
_entity_src_gen.pdbx_host_org_cell_line            ? 
_entity_src_gen.pdbx_host_org_atcc                 ? 
_entity_src_gen.pdbx_host_org_culture_collection   ? 
_entity_src_gen.pdbx_host_org_cell                 ? 
_entity_src_gen.pdbx_host_org_organelle            ? 
_entity_src_gen.pdbx_host_org_cellular_location    ? 
_entity_src_gen.pdbx_host_org_vector_type          plasmid 
_entity_src_gen.pdbx_host_org_vector               ? 
_entity_src_gen.host_org_details                   ? 
_entity_src_gen.expression_system_id               ? 
_entity_src_gen.plasmid_name                       pMCSG7 
_entity_src_gen.plasmid_details                    ? 
_entity_src_gen.pdbx_description                   ? 
# 
_struct_ref.id                         1 
_struct_ref.db_name                    UNP 
_struct_ref.db_code                    COAD_YERPE 
_struct_ref.pdbx_db_accession          Q8ZJN9 
_struct_ref.entity_id                  1 
_struct_ref.pdbx_seq_one_letter_code   
;MITKAIYPGTFDPITNGHLDLVTRASAMFSHVILAIADSSSKKPMFTLDERVALAKKVTAPLKNVEVLGFSELMAEFAKK
HNANILVRGLRSVSDFEYEWQLANMNRHLMPKLESVFLIPSEKWSFISSSLVKEVARHGGDITPFLPKPVTKALLAKLA
;
_struct_ref.pdbx_align_begin           1 
_struct_ref.pdbx_db_isoform            ? 
# 
_struct_ref_seq.align_id                      1 
_struct_ref_seq.ref_id                        1 
_struct_ref_seq.pdbx_PDB_id_code              3L93 
_struct_ref_seq.pdbx_strand_id                A 
_struct_ref_seq.seq_align_beg                 4 
_struct_ref_seq.pdbx_seq_align_beg_ins_code   ? 
_struct_ref_seq.seq_align_end                 162 
_struct_ref_seq.pdbx_seq_align_end_ins_code   ? 
_struct_ref_seq.pdbx_db_accession             Q8ZJN9 
_struct_ref_seq.db_align_beg                  1 
_struct_ref_seq.pdbx_db_align_beg_ins_code    ? 
_struct_ref_seq.db_align_end                  159 
_struct_ref_seq.pdbx_db_align_end_ins_code    ? 
_struct_ref_seq.pdbx_auth_seq_align_beg       1 
_struct_ref_seq.pdbx_auth_seq_align_end       159 
# 
loop_
_struct_ref_seq_dif.align_id 
_struct_ref_seq_dif.pdbx_pdb_id_code 
_struct_ref_seq_dif.mon_id 
_struct_ref_seq_dif.pdbx_pdb_strand_id 
_struct_ref_seq_dif.seq_num 
_struct_ref_seq_dif.pdbx_pdb_ins_code 
_struct_ref_seq_dif.pdbx_seq_db_name 
_struct_ref_seq_dif.pdbx_seq_db_accession_code 
_struct_ref_seq_dif.db_mon_id 
_struct_ref_seq_dif.pdbx_seq_db_seq_num 
_struct_ref_seq_dif.details 
_struct_ref_seq_dif.pdbx_auth_seq_num 
_struct_ref_seq_dif.pdbx_ordinal 
1 3L93 SER A 1 ? UNP Q8ZJN9 ? ? 'expression tag' -2 1 
1 3L93 ASN A 2 ? UNP Q8ZJN9 ? ? 'expression tag' -1 2 
1 3L93 ALA A 3 ? UNP Q8ZJN9 ? ? 'expression tag' 0  3 
# 
loop_
_chem_comp.id 
_chem_comp.type 
_chem_comp.mon_nstd_flag 
_chem_comp.name 
_chem_comp.pdbx_synonyms 
_chem_comp.formula 
_chem_comp.formula_weight 
ALA 'L-peptide linking' y ALANINE         ? 'C3 H7 N O2'     89.093  
ARG 'L-peptide linking' y ARGININE        ? 'C6 H15 N4 O2 1' 175.209 
ASN 'L-peptide linking' y ASPARAGINE      ? 'C4 H8 N2 O3'    132.118 
ASP 'L-peptide linking' y 'ASPARTIC ACID' ? 'C4 H7 N O4'     133.103 
FMT non-polymer         . 'FORMIC ACID'   ? 'C H2 O2'        46.025  
GLN 'L-peptide linking' y GLUTAMINE       ? 'C5 H10 N2 O3'   146.144 
GLU 'L-peptide linking' y 'GLUTAMIC ACID' ? 'C5 H9 N O4'     147.129 
GLY 'peptide linking'   y GLYCINE         ? 'C2 H5 N O2'     75.067  
HIS 'L-peptide linking' y HISTIDINE       ? 'C6 H10 N3 O2 1' 156.162 
HOH non-polymer         . WATER           ? 'H2 O'           18.015  
ILE 'L-peptide linking' y ISOLEUCINE      ? 'C6 H13 N O2'    131.173 
LEU 'L-peptide linking' y LEUCINE         ? 'C6 H13 N O2'    131.173 
LYS 'L-peptide linking' y LYSINE          ? 'C6 H15 N2 O2 1' 147.195 
MET 'L-peptide linking' y METHIONINE      ? 'C5 H11 N O2 S'  149.211 
PHE 'L-peptide linking' y PHENYLALANINE   ? 'C9 H11 N O2'    165.189 
PRO 'L-peptide linking' y PROLINE         ? 'C5 H9 N O2'     115.130 
SER 'L-peptide linking' y SERINE          ? 'C3 H7 N O3'     105.093 
THR 'L-peptide linking' y THREONINE       ? 'C4 H9 N O3'     119.119 
TRP 'L-peptide linking' y TRYPTOPHAN      ? 'C11 H12 N2 O2'  204.225 
TYR 'L-peptide linking' y TYROSINE        ? 'C9 H11 N O3'    181.189 
VAL 'L-peptide linking' y VALINE          ? 'C5 H11 N O2'    117.146 
# 
_exptl.crystals_number   1 
_exptl.entry_id          3L93 
_exptl.method            'X-RAY DIFFRACTION' 
# 
_exptl_crystal.id                    1 
_exptl_crystal.density_Matthews      4.19 
_exptl_crystal.density_meas          ? 
_exptl_crystal.density_percent_sol   70.63 
_exptl_crystal.description           ? 
_exptl_crystal.F_000                 ? 
_exptl_crystal.preparation           ? 
# 
_exptl_crystal_grow.crystal_id      1 
_exptl_crystal_grow.method          'VAPOR DIFFUSION, SITTING DROP' 
_exptl_crystal_grow.pH              7.0 
_exptl_crystal_grow.temp            289 
_exptl_crystal_grow.pdbx_details    '60% Tacsimate, pH 7.0, VAPOR DIFFUSION, SITTING DROP, temperature 289K' 
_exptl_crystal_grow.temp_details    ? 
_exptl_crystal_grow.pdbx_pH_range   ? 
# 
_diffrn.id                     1 
_diffrn.ambient_temp           100 
_diffrn.ambient_temp_details   ? 
_diffrn.crystal_id             1 
# 
_diffrn_detector.diffrn_id              1 
_diffrn_detector.detector               CCD 
_diffrn_detector.type                   'ADSC QUANTUM 210r' 
_diffrn_detector.pdbx_collection_date   2009-12-19 
_diffrn_detector.details                ? 
# 
_diffrn_radiation.diffrn_id                        1 
_diffrn_radiation.pdbx_diffrn_protocol             'SINGLE WAVELENGTH' 
_diffrn_radiation.monochromator                    'double crystal monochromator' 
_diffrn_radiation.wavelength_id                    1 
_diffrn_radiation.pdbx_monochromatic_or_laue_m_l   M 
_diffrn_radiation.pdbx_scattering_type             x-ray 
# 
_diffrn_radiation_wavelength.id           1 
_diffrn_radiation_wavelength.wavelength   0.9792 
_diffrn_radiation_wavelength.wt           1.0 
# 
_diffrn_source.diffrn_id                   1 
_diffrn_source.source                      SYNCHROTRON 
_diffrn_source.type                        'APS BEAMLINE 19-BM' 
_diffrn_source.pdbx_wavelength_list        0.9792 
_diffrn_source.pdbx_wavelength             ? 
_diffrn_source.pdbx_synchrotron_site       APS 
_diffrn_source.pdbx_synchrotron_beamline   19-BM 
# 
_reflns.entry_id                     3L93 
_reflns.d_resolution_high            2.160 
_reflns.d_resolution_low             32.3 
_reflns.number_obs                   16233 
_reflns.pdbx_Rmerge_I_obs            0.065 
_reflns.pdbx_netI_over_sigmaI        15.700 
_reflns.pdbx_chi_squared             1.875 
_reflns.pdbx_redundancy              10.100 
_reflns.percent_possible_obs         100.000 
_reflns.observed_criterion_sigma_F   0 
_reflns.observed_criterion_sigma_I   0 
_reflns.number_all                   16233 
_reflns.pdbx_Rsym_value              ? 
_reflns.B_iso_Wilson_estimate        52.5 
_reflns.R_free_details               ? 
_reflns.limit_h_max                  ? 
_reflns.limit_h_min                  ? 
_reflns.limit_k_max                  ? 
_reflns.limit_k_min                  ? 
_reflns.limit_l_max                  ? 
_reflns.limit_l_min                  ? 
_reflns.observed_criterion_F_max     ? 
_reflns.observed_criterion_F_min     ? 
_reflns.pdbx_scaling_rejects         ? 
_reflns.pdbx_ordinal                 1 
_reflns.pdbx_diffrn_id               1 
# 
_reflns_shell.d_res_high             2.17 
_reflns_shell.d_res_low              2.21 
_reflns_shell.number_measured_obs    ? 
_reflns_shell.number_measured_all    ? 
_reflns_shell.number_unique_obs      ? 
_reflns_shell.Rmerge_I_obs           0.764 
_reflns_shell.meanI_over_sigI_obs    2.88 
_reflns_shell.pdbx_Rsym_value        ? 
_reflns_shell.pdbx_chi_squared       1.484 
_reflns_shell.pdbx_redundancy        6.90 
_reflns_shell.percent_possible_obs   ? 
_reflns_shell.number_unique_all      807 
_reflns_shell.percent_possible_all   100.00 
_reflns_shell.pdbx_ordinal           1 
_reflns_shell.pdbx_diffrn_id         1 
# 
_refine.entry_id                                 3L93 
_refine.ls_d_res_high                            2.160 
_refine.ls_d_res_low                             32.3 
_refine.pdbx_ls_sigma_F                          0.00 
_refine.pdbx_data_cutoff_high_absF               ? 
_refine.pdbx_data_cutoff_low_absF                ? 
_refine.ls_percent_reflns_obs                    99.580 
_refine.ls_number_reflns_obs                     16216 
_refine.ls_number_reflns_all                     16216 
_refine.pdbx_ls_cross_valid_method               THROUGHOUT 
_refine.pdbx_R_Free_selection_details            RANDOM 
_refine.details                                  'HYDROGENS HAVE BEEN ADDED IN THE RIDING POSITIONS U VALUES      : RESIDUAL ONLY' 
_refine.ls_R_factor_all                          0.177 
_refine.ls_R_factor_obs                          0.177 
_refine.ls_R_factor_R_work                       0.175 
_refine.ls_wR_factor_R_work                      ? 
_refine.ls_R_factor_R_free                       0.210 
_refine.ls_wR_factor_R_free                      ? 
_refine.ls_percent_reflns_R_free                 5.000 
_refine.ls_number_reflns_R_free                  812 
_refine.ls_R_factor_R_free_error                 ? 
_refine.B_iso_mean                               34.293 
_refine.solvent_model_param_bsol                 ? 
_refine.solvent_model_param_ksol                 ? 
_refine.pdbx_isotropic_thermal_model             ? 
_refine.aniso_B[1][1]                            -1.230 
_refine.aniso_B[2][2]                            -1.230 
_refine.aniso_B[3][3]                            1.850 
_refine.aniso_B[1][2]                            -0.620 
_refine.aniso_B[1][3]                            0.000 
_refine.aniso_B[2][3]                            0.000 
_refine.correlation_coeff_Fo_to_Fc               0.970 
_refine.correlation_coeff_Fo_to_Fc_free          0.953 
_refine.overall_SU_R_Cruickshank_DPI             ? 
_refine.overall_SU_R_free                        ? 
_refine.pdbx_overall_ESU_R                       0.146 
_refine.pdbx_overall_ESU_R_Free                  0.139 
_refine.overall_SU_ML                            0.106 
_refine.overall_SU_B                             9.388 
_refine.solvent_model_details                    MASK 
_refine.pdbx_solvent_vdw_probe_radii             1.400 
_refine.pdbx_solvent_ion_probe_radii             0.800 
_refine.pdbx_solvent_shrinkage_radii             0.800 
_refine.ls_number_parameters                     ? 
_refine.ls_number_restraints                     ? 
_refine.pdbx_starting_model                      3L92 
_refine.pdbx_method_to_determine_struct          'MOLECULAR REPLACEMENT' 
_refine.pdbx_stereochemistry_target_values       'MAXIMUM LIKELIHOOD' 
_refine.pdbx_stereochem_target_val_spec_case     ? 
_refine.overall_FOM_work_R_set                   ? 
_refine.B_iso_max                                67.86 
_refine.B_iso_min                                19.98 
_refine.occupancy_max                            1.00 
_refine.occupancy_min                            0.40 
_refine.pdbx_ls_sigma_I                          0 
_refine.ls_redundancy_reflns_obs                 ? 
_refine.ls_R_factor_R_free_error_details         ? 
_refine.pdbx_data_cutoff_high_rms_absF           ? 
_refine.overall_FOM_free_R_set                   ? 
_refine.pdbx_overall_phase_error                 ? 
_refine.pdbx_refine_id                           'X-RAY DIFFRACTION' 
_refine.pdbx_TLS_residual_ADP_flag               'LIKELY RESIDUAL' 
_refine.pdbx_diffrn_id                           1 
_refine.pdbx_overall_SU_R_free_Cruickshank_DPI   ? 
_refine.pdbx_overall_SU_R_Blow_DPI               ? 
_refine.pdbx_overall_SU_R_free_Blow_DPI          ? 
# 
_refine_hist.pdbx_refine_id                   'X-RAY DIFFRACTION' 
_refine_hist.cycle_id                         LAST 
_refine_hist.pdbx_number_atoms_protein        1256 
_refine_hist.pdbx_number_atoms_nucleic_acid   0 
_refine_hist.pdbx_number_atoms_ligand         3 
_refine_hist.number_atoms_solvent             79 
_refine_hist.number_atoms_total               1338 
_refine_hist.d_res_high                       2.160 
_refine_hist.d_res_low                        32.3 
# 
loop_
_refine_ls_restr.type 
_refine_ls_restr.number 
_refine_ls_restr.dev_ideal 
_refine_ls_restr.dev_ideal_target 
_refine_ls_restr.weight 
_refine_ls_restr.pdbx_refine_id 
_refine_ls_restr.pdbx_restraint_function 
r_bond_refined_d       1365 0.019  0.022  ? 'X-RAY DIFFRACTION' ? 
r_angle_refined_deg    1865 1.667  1.979  ? 'X-RAY DIFFRACTION' ? 
r_dihedral_angle_1_deg 186  5.427  5.000  ? 'X-RAY DIFFRACTION' ? 
r_dihedral_angle_2_deg 53   34.961 23.962 ? 'X-RAY DIFFRACTION' ? 
r_dihedral_angle_3_deg 258  18.315 15.000 ? 'X-RAY DIFFRACTION' ? 
r_dihedral_angle_4_deg 7    22.781 15.000 ? 'X-RAY DIFFRACTION' ? 
r_chiral_restr         218  0.109  0.200  ? 'X-RAY DIFFRACTION' ? 
r_gen_planes_refined   1008 0.008  0.021  ? 'X-RAY DIFFRACTION' ? 
r_mcbond_it            849  1.020  1.500  ? 'X-RAY DIFFRACTION' ? 
r_mcangle_it           1388 1.857  2.000  ? 'X-RAY DIFFRACTION' ? 
r_scbond_it            516  2.847  3.000  ? 'X-RAY DIFFRACTION' ? 
r_scangle_it           464  4.537  4.500  ? 'X-RAY DIFFRACTION' ? 
# 
_refine_ls_shell.d_res_high                       2.161 
_refine_ls_shell.d_res_low                        2.217 
_refine_ls_shell.pdbx_total_number_of_bins_used   20 
_refine_ls_shell.percent_reflns_obs               96.510 
_refine_ls_shell.number_reflns_R_work             1100 
_refine_ls_shell.R_factor_all                     ? 
_refine_ls_shell.R_factor_R_work                  0.252 
_refine_ls_shell.R_factor_R_free                  0.337 
_refine_ls_shell.percent_reflns_R_free            ? 
_refine_ls_shell.number_reflns_R_free             61 
_refine_ls_shell.R_factor_R_free_error            ? 
_refine_ls_shell.number_reflns_all                1161 
_refine_ls_shell.number_reflns_obs                1161 
_refine_ls_shell.redundancy_reflns_obs            ? 
_refine_ls_shell.pdbx_refine_id                   'X-RAY DIFFRACTION' 
# 
_struct.entry_id                  3L93 
_struct.title                     'Phosphopantetheine adenylyltransferase from Yersinia pestis.' 
_struct.pdbx_model_details        ? 
_struct.pdbx_CASP_flag            ? 
_struct.pdbx_model_type_details   ? 
# 
_struct_keywords.entry_id        3L93 
_struct_keywords.text            
;structural genomics, phosphopantetheine adenylyltransferase, ATP-binding, Coenzyme A biosynthesis, Nucleotide-binding, Nucleotidyltransferase, Transferase, Center for Structural Genomics of Infectious Diseases, CSGID
;
_struct_keywords.pdbx_keywords   TRANSFERASE 
# 
loop_
_struct_asym.id 
_struct_asym.pdbx_blank_PDB_chainid_flag 
_struct_asym.pdbx_modified 
_struct_asym.entity_id 
_struct_asym.details 
A N N 1 ? 
B N N 2 ? 
C N N 3 ? 
# 
_struct_biol.id        1 
_struct_biol.details   ? 
# 
loop_
_struct_conf.conf_type_id 
_struct_conf.id 
_struct_conf.pdbx_PDB_helix_id 
_struct_conf.beg_label_comp_id 
_struct_conf.beg_label_asym_id 
_struct_conf.beg_label_seq_id 
_struct_conf.pdbx_beg_PDB_ins_code 
_struct_conf.end_label_comp_id 
_struct_conf.end_label_asym_id 
_struct_conf.end_label_seq_id 
_struct_conf.pdbx_end_PDB_ins_code 
_struct_conf.beg_auth_comp_id 
_struct_conf.beg_auth_asym_id 
_struct_conf.beg_auth_seq_id 
_struct_conf.end_auth_comp_id 
_struct_conf.end_auth_asym_id 
_struct_conf.end_auth_seq_id 
_struct_conf.pdbx_PDB_helix_class 
_struct_conf.details 
_struct_conf.pdbx_PDB_helix_length 
HELX_P HELX_P1 1 THR A 18  ? PHE A 32  ? THR A 15  PHE A 29  1 ? 15 
HELX_P HELX_P2 2 SER A 42  ? LYS A 46  ? SER A 39  LYS A 43  5 ? 5  
HELX_P HELX_P3 3 THR A 50  ? ALA A 63  ? THR A 47  ALA A 60  1 ? 14 
HELX_P HELX_P4 4 LEU A 76  ? HIS A 84  ? LEU A 73  HIS A 81  1 ? 9  
HELX_P HELX_P5 5 SER A 95  ? MET A 113 ? SER A 92  MET A 110 1 ? 19 
HELX_P HELX_P6 6 SER A 131 ? HIS A 141 ? SER A 128 HIS A 138 1 ? 11 
HELX_P HELX_P7 7 PRO A 150 ? ALA A 162 ? PRO A 147 ALA A 159 1 ? 13 
# 
_struct_conf_type.id          HELX_P 
_struct_conf_type.criteria    ? 
_struct_conf_type.reference   ? 
# 
_struct_mon_prot_cis.pdbx_id                1 
_struct_mon_prot_cis.label_comp_id          ASP 
_struct_mon_prot_cis.label_seq_id           15 
_struct_mon_prot_cis.label_asym_id          A 
_struct_mon_prot_cis.label_alt_id           . 
_struct_mon_prot_cis.pdbx_PDB_ins_code      ? 
_struct_mon_prot_cis.auth_comp_id           ASP 
_struct_mon_prot_cis.auth_seq_id            12 
_struct_mon_prot_cis.auth_asym_id           A 
_struct_mon_prot_cis.pdbx_label_comp_id_2   PRO 
_struct_mon_prot_cis.pdbx_label_seq_id_2    16 
_struct_mon_prot_cis.pdbx_label_asym_id_2   A 
_struct_mon_prot_cis.pdbx_PDB_ins_code_2    ? 
_struct_mon_prot_cis.pdbx_auth_comp_id_2    PRO 
_struct_mon_prot_cis.pdbx_auth_seq_id_2     13 
_struct_mon_prot_cis.pdbx_auth_asym_id_2    A 
_struct_mon_prot_cis.pdbx_PDB_model_num     1 
_struct_mon_prot_cis.pdbx_omega_angle       -2.81 
# 
_struct_sheet.id               A 
_struct_sheet.type             ? 
_struct_sheet.number_strands   5 
_struct_sheet.details          ? 
# 
loop_
_struct_sheet_order.sheet_id 
_struct_sheet_order.range_id_1 
_struct_sheet_order.range_id_2 
_struct_sheet_order.offset 
_struct_sheet_order.sense 
A 1 2 ? parallel 
A 2 3 ? parallel 
A 3 4 ? parallel 
A 4 5 ? parallel 
# 
loop_
_struct_sheet_range.sheet_id 
_struct_sheet_range.id 
_struct_sheet_range.beg_label_comp_id 
_struct_sheet_range.beg_label_asym_id 
_struct_sheet_range.beg_label_seq_id 
_struct_sheet_range.pdbx_beg_PDB_ins_code 
_struct_sheet_range.end_label_comp_id 
_struct_sheet_range.end_label_asym_id 
_struct_sheet_range.end_label_seq_id 
_struct_sheet_range.pdbx_end_PDB_ins_code 
_struct_sheet_range.beg_auth_comp_id 
_struct_sheet_range.beg_auth_asym_id 
_struct_sheet_range.beg_auth_seq_id 
_struct_sheet_range.end_auth_comp_id 
_struct_sheet_range.end_auth_asym_id 
_struct_sheet_range.end_auth_seq_id 
A 1 VAL A 68  ? PHE A 73  ? VAL A 65  PHE A 70  
A 2 HIS A 34  ? ALA A 40  ? HIS A 31  ALA A 37  
A 3 LYS A 7   ? GLY A 12  ? LYS A 4   GLY A 9   
A 4 ILE A 88  ? GLY A 92  ? ILE A 85  GLY A 89  
A 5 GLU A 117 ? LEU A 121 ? GLU A 114 LEU A 118 
# 
loop_
_pdbx_struct_sheet_hbond.sheet_id 
_pdbx_struct_sheet_hbond.range_id_1 
_pdbx_struct_sheet_hbond.range_id_2 
_pdbx_struct_sheet_hbond.range_1_label_atom_id 
_pdbx_struct_sheet_hbond.range_1_label_comp_id 
_pdbx_struct_sheet_hbond.range_1_label_asym_id 
_pdbx_struct_sheet_hbond.range_1_label_seq_id 
_pdbx_struct_sheet_hbond.range_1_PDB_ins_code 
_pdbx_struct_sheet_hbond.range_1_auth_atom_id 
_pdbx_struct_sheet_hbond.range_1_auth_comp_id 
_pdbx_struct_sheet_hbond.range_1_auth_asym_id 
_pdbx_struct_sheet_hbond.range_1_auth_seq_id 
_pdbx_struct_sheet_hbond.range_2_label_atom_id 
_pdbx_struct_sheet_hbond.range_2_label_comp_id 
_pdbx_struct_sheet_hbond.range_2_label_asym_id 
_pdbx_struct_sheet_hbond.range_2_label_seq_id 
_pdbx_struct_sheet_hbond.range_2_PDB_ins_code 
_pdbx_struct_sheet_hbond.range_2_auth_atom_id 
_pdbx_struct_sheet_hbond.range_2_auth_comp_id 
_pdbx_struct_sheet_hbond.range_2_auth_asym_id 
_pdbx_struct_sheet_hbond.range_2_auth_seq_id 
A 1 2 O GLU A 69 ? O GLU A 66 N LEU A 37  ? N LEU A 34  
A 2 3 O ILE A 36 ? O ILE A 33 N TYR A 10  ? N TYR A 7   
A 3 4 N ILE A 9  ? N ILE A 6  O VAL A 90  ? O VAL A 87  
A 4 5 N LEU A 89 ? N LEU A 86 O GLU A 117 ? O GLU A 114 
# 
_struct_site.id                   AC1 
_struct_site.pdbx_evidence_code   Software 
_struct_site.pdbx_auth_asym_id    A 
_struct_site.pdbx_auth_comp_id    FMT 
_struct_site.pdbx_auth_seq_id     301 
_struct_site.pdbx_auth_ins_code   ? 
_struct_site.pdbx_num_residues    3 
_struct_site.details              'BINDING SITE FOR RESIDUE FMT A 301' 
# 
loop_
_struct_site_gen.id 
_struct_site_gen.site_id 
_struct_site_gen.pdbx_num_res 
_struct_site_gen.label_comp_id 
_struct_site_gen.label_asym_id 
_struct_site_gen.label_seq_id 
_struct_site_gen.pdbx_auth_ins_code 
_struct_site_gen.auth_comp_id 
_struct_site_gen.auth_asym_id 
_struct_site_gen.auth_seq_id 
_struct_site_gen.label_atom_id 
_struct_site_gen.label_alt_id 
_struct_site_gen.symmetry 
_struct_site_gen.details 
1 AC1 3 MET A 77 ? MET A 74  . ? 1_555 ? 
2 AC1 3 HOH C .  ? HOH A 208 . ? 1_555 ? 
3 AC1 3 HOH C .  ? HOH A 238 . ? 1_555 ? 
# 
_atom_sites.entry_id                    3L93 
_atom_sites.fract_transf_matrix[1][1]   0.00144589 
_atom_sites.fract_transf_matrix[1][2]   -0.00118160 
_atom_sites.fract_transf_matrix[1][3]   0.00982023 
_atom_sites.fract_transf_matrix[2][1]   0.00535868 
_atom_sites.fract_transf_matrix[2][2]   -0.00773721 
_atom_sites.fract_transf_matrix[2][3]   0.00336751 
_atom_sites.fract_transf_matrix[3][1]   0.00710574 
_atom_sites.fract_transf_matrix[3][2]   0.00471279 
_atom_sites.fract_transf_matrix[3][3]   -0.00047916 
_atom_sites.fract_transf_vector[1]      0.139350 
_atom_sites.fract_transf_vector[2]      0.190156 
_atom_sites.fract_transf_vector[3]      0.387425 
# 
loop_
_atom_type.symbol 
C 
N 
O 
S 
# 
loop_
_atom_site.group_PDB 
_atom_site.id 
_atom_site.type_symbol 
_atom_site.label_atom_id 
_atom_site.label_alt_id 
_atom_site.label_comp_id 
_atom_site.label_asym_id 
_atom_site.label_entity_id 
_atom_site.label_seq_id 
_atom_site.pdbx_PDB_ins_code 
_atom_site.Cartn_x 
_atom_site.Cartn_y 
_atom_site.Cartn_z 
_atom_site.occupancy 
_atom_site.B_iso_or_equiv 
_atom_site.pdbx_formal_charge 
_atom_site.auth_seq_id 
_atom_site.auth_comp_id 
_atom_site.auth_asym_id 
_atom_site.auth_atom_id 
_atom_site.pdbx_PDB_model_num 
ATOM   1    N N   . ASN A 1 2   ? 22.078  5.211   19.516  1.00 56.01 ? -1  ASN A N   1 
ATOM   2    C CA  . ASN A 1 2   ? 20.821  4.979   20.285  1.00 56.06 ? -1  ASN A CA  1 
ATOM   3    C C   . ASN A 1 2   ? 19.690  4.307   19.474  1.00 55.21 ? -1  ASN A C   1 
ATOM   4    O O   . ASN A 1 2   ? 18.887  4.980   18.821  1.00 55.18 ? -1  ASN A O   1 
ATOM   5    C CB  . ASN A 1 2   ? 20.343  6.287   20.929  1.00 56.59 ? -1  ASN A CB  1 
ATOM   6    C CG  . ASN A 1 2   ? 19.727  6.071   22.312  1.00 58.23 ? -1  ASN A CG  1 
ATOM   7    O OD1 . ASN A 1 2   ? 20.382  5.573   23.241  1.00 57.75 ? -1  ASN A OD1 1 
ATOM   8    N ND2 . ASN A 1 2   ? 18.458  6.450   22.453  1.00 60.68 ? -1  ASN A ND2 1 
ATOM   9    N N   . ALA A 1 3   ? 19.640  2.973   19.545  1.00 54.40 ? 0   ALA A N   1 
ATOM   10   C CA  . ALA A 1 3   ? 18.630  2.129   18.876  1.00 53.31 ? 0   ALA A CA  1 
ATOM   11   C C   . ALA A 1 3   ? 17.166  2.463   19.213  1.00 52.66 ? 0   ALA A C   1 
ATOM   12   O O   . ALA A 1 3   ? 16.848  2.820   20.345  1.00 52.39 ? 0   ALA A O   1 
ATOM   13   C CB  . ALA A 1 3   ? 18.912  0.650   19.159  1.00 53.44 ? 0   ALA A CB  1 
ATOM   14   N N   . MET A 1 4   ? 16.283  2.320   18.222  1.00 51.61 ? 1   MET A N   1 
ATOM   15   C CA  . MET A 1 4   ? 14.862  2.622   18.388  1.00 50.70 ? 1   MET A CA  1 
ATOM   16   C C   . MET A 1 4   ? 13.951  1.596   17.728  1.00 49.37 ? 1   MET A C   1 
ATOM   17   O O   . MET A 1 4   ? 14.359  0.903   16.774  1.00 48.55 ? 1   MET A O   1 
ATOM   18   C CB  . MET A 1 4   ? 14.538  3.914   17.683  1.00 51.49 ? 1   MET A CB  1 
ATOM   19   C CG  . MET A 1 4   ? 14.697  5.225   18.427  1.00 53.93 ? 1   MET A CG  1 
ATOM   20   S SD  . MET A 1 4   ? 14.110  6.317   17.097  1.00 59.19 ? 1   MET A SD  1 
ATOM   21   C CE  . MET A 1 4   ? 14.758  5.431   15.661  1.00 57.29 ? 1   MET A CE  1 
ATOM   22   N N   . ILE A 1 5   ? 12.710  1.531   18.230  1.00 48.15 ? 2   ILE A N   1 
ATOM   23   C CA  A ILE A 1 5   ? 11.656  0.732   17.608  0.60 47.04 ? 2   ILE A CA  1 
ATOM   24   C CA  B ILE A 1 5   ? 11.650  0.736   17.609  0.40 47.17 ? 2   ILE A CA  1 
ATOM   25   C C   . ILE A 1 5   ? 10.833  1.711   16.802  1.00 46.26 ? 2   ILE A C   1 
ATOM   26   O O   . ILE A 1 5   ? 10.228  2.601   17.365  1.00 47.49 ? 2   ILE A O   1 
ATOM   27   C CB  A ILE A 1 5   ? 10.761  0.002   18.654  0.60 47.26 ? 2   ILE A CB  1 
ATOM   28   C CB  B ILE A 1 5   ? 10.754  -0.025  18.646  0.40 47.37 ? 2   ILE A CB  1 
ATOM   29   C CG1 A ILE A 1 5   ? 11.572  -0.403  19.907  0.60 47.48 ? 2   ILE A CG1 1 
ATOM   30   C CG1 B ILE A 1 5   ? 9.652   0.872   19.250  0.40 47.47 ? 2   ILE A CG1 1 
ATOM   31   C CG2 A ILE A 1 5   ? 10.008  -1.194  18.020  0.60 46.59 ? 2   ILE A CG2 1 
ATOM   32   C CG2 B ILE A 1 5   ? 11.612  -0.679  19.733  0.40 47.62 ? 2   ILE A CG2 1 
ATOM   33   C CD1 A ILE A 1 5   ? 12.529  -1.593  19.729  0.60 47.28 ? 2   ILE A CD1 1 
ATOM   34   C CD1 B ILE A 1 5   ? 8.248   0.662   18.642  0.40 47.54 ? 2   ILE A CD1 1 
ATOM   35   N N   . THR A 1 6   ? 10.886  1.589   15.486  1.00 43.78 ? 3   THR A N   1 
ATOM   36   C CA  . THR A 1 6   ? 10.038  2.387   14.625  1.00 41.57 ? 3   THR A CA  1 
ATOM   37   C C   . THR A 1 6   ? 9.037   1.404   14.056  1.00 40.14 ? 3   THR A C   1 
ATOM   38   O O   . THR A 1 6   ? 9.416   0.354   13.510  1.00 41.16 ? 3   THR A O   1 
ATOM   39   C CB  . THR A 1 6   ? 10.795  3.134   13.477  1.00 41.56 ? 3   THR A CB  1 
ATOM   40   O OG1 . THR A 1 6   ? 11.637  2.233   12.744  1.00 41.00 ? 3   THR A OG1 1 
ATOM   41   C CG2 . THR A 1 6   ? 11.657  4.264   14.038  1.00 42.03 ? 3   THR A CG2 1 
ATOM   42   N N   . LYS A 1 7   ? 7.761   1.712   14.237  1.00 37.56 ? 4   LYS A N   1 
ATOM   43   C CA  . LYS A 1 7   ? 6.692   0.892   13.738  1.00 34.95 ? 4   LYS A CA  1 
ATOM   44   C C   . LYS A 1 7   ? 5.910   1.655   12.665  1.00 32.57 ? 4   LYS A C   1 
ATOM   45   O O   . LYS A 1 7   ? 5.349   2.705   12.936  1.00 32.01 ? 4   LYS A O   1 
ATOM   46   C CB  . LYS A 1 7   ? 5.791   0.469   14.884  1.00 35.09 ? 4   LYS A CB  1 
ATOM   47   C CG  . LYS A 1 7   ? 4.757   -0.566  14.437  1.00 39.04 ? 4   LYS A CG  1 
ATOM   48   C CD  . LYS A 1 7   ? 4.371   -1.491  15.603  1.00 46.06 ? 4   LYS A CD  1 
ATOM   49   C CE  . LYS A 1 7   ? 3.328   -2.471  15.132  1.00 47.63 ? 4   LYS A CE  1 
ATOM   50   N NZ  . LYS A 1 7   ? 2.568   -3.016  16.287  1.00 51.45 ? 4   LYS A NZ  1 
ATOM   51   N N   . ALA A 1 8   ? 5.864   1.132   11.452  1.00 29.09 ? 5   ALA A N   1 
ATOM   52   C CA  . ALA A 1 8   ? 5.308   1.903   10.371  1.00 28.22 ? 5   ALA A CA  1 
ATOM   53   C C   . ALA A 1 8   ? 4.109   1.176   9.844   1.00 28.42 ? 5   ALA A C   1 
ATOM   54   O O   . ALA A 1 8   ? 4.025   -0.042  9.925   1.00 28.88 ? 5   ALA A O   1 
ATOM   55   C CB  . ALA A 1 8   ? 6.350   2.072   9.245   1.00 26.74 ? 5   ALA A CB  1 
ATOM   56   N N   . ILE A 1 9   ? 3.158   1.917   9.316   1.00 28.33 ? 6   ILE A N   1 
ATOM   57   C CA  A ILE A 1 9   ? 2.050   1.323   8.600   0.50 28.02 ? 6   ILE A CA  1 
ATOM   58   C CA  B ILE A 1 9   ? 2.069   1.296   8.590   0.50 28.02 ? 6   ILE A CA  1 
ATOM   59   C C   . ILE A 1 9   ? 2.127   1.795   7.153   1.00 28.26 ? 6   ILE A C   1 
ATOM   60   O O   . ILE A 1 9   ? 2.487   2.968   6.900   1.00 28.13 ? 6   ILE A O   1 
ATOM   61   C CB  A ILE A 1 9   ? 0.717   1.717   9.269   0.50 29.15 ? 6   ILE A CB  1 
ATOM   62   C CB  B ILE A 1 9   ? 0.689   1.566   9.241   0.50 29.01 ? 6   ILE A CB  1 
ATOM   63   C CG1 A ILE A 1 9   ? 0.663   1.060   10.662  0.50 30.31 ? 6   ILE A CG1 1 
ATOM   64   C CG1 B ILE A 1 9   ? 0.471   3.054   9.480   0.50 26.07 ? 6   ILE A CG1 1 
ATOM   65   C CG2 A ILE A 1 9   ? -0.468  1.302   8.430   0.50 24.60 ? 6   ILE A CG2 1 
ATOM   66   C CG2 B ILE A 1 9   ? 0.575   0.803   10.597  0.50 29.21 ? 6   ILE A CG2 1 
ATOM   67   C CD1 A ILE A 1 9   ? -0.679  1.052   11.273  0.50 34.91 ? 6   ILE A CD1 1 
ATOM   68   C CD1 B ILE A 1 9   ? -0.924  3.447   9.198   0.50 29.53 ? 6   ILE A CD1 1 
ATOM   69   N N   . TYR A 1 10  ? 1.794   0.900   6.226   1.00 26.57 ? 7   TYR A N   1 
ATOM   70   C CA  . TYR A 1 10  ? 1.756   1.210   4.821   1.00 26.24 ? 7   TYR A CA  1 
ATOM   71   C C   . TYR A 1 10  ? 0.340   0.853   4.357   1.00 26.64 ? 7   TYR A C   1 
ATOM   72   O O   . TYR A 1 10  ? 0.063   -0.284  3.983   1.00 24.42 ? 7   TYR A O   1 
ATOM   73   C CB  . TYR A 1 10  ? 2.827   0.430   4.068   1.00 26.05 ? 7   TYR A CB  1 
ATOM   74   C CG  . TYR A 1 10  ? 2.825   0.610   2.566   1.00 28.26 ? 7   TYR A CG  1 
ATOM   75   C CD1 . TYR A 1 10  ? 2.423   1.816   1.966   1.00 25.66 ? 7   TYR A CD1 1 
ATOM   76   C CD2 . TYR A 1 10  ? 3.237   -0.433  1.738   1.00 29.12 ? 7   TYR A CD2 1 
ATOM   77   C CE1 . TYR A 1 10  ? 2.403   1.943   0.563   1.00 30.23 ? 7   TYR A CE1 1 
ATOM   78   C CE2 . TYR A 1 10  ? 3.269   -0.309  0.351   1.00 28.88 ? 7   TYR A CE2 1 
ATOM   79   C CZ  . TYR A 1 10  ? 2.868   0.874   -0.237  1.00 31.20 ? 7   TYR A CZ  1 
ATOM   80   O OH  . TYR A 1 10  ? 2.877   0.940   -1.621  1.00 28.79 ? 7   TYR A OH  1 
ATOM   81   N N   . PRO A 1 11  ? -0.566  1.847   4.355   1.00 26.92 ? 8   PRO A N   1 
ATOM   82   C CA  . PRO A 1 11  ? -1.964  1.522   4.060   1.00 27.37 ? 8   PRO A CA  1 
ATOM   83   C C   . PRO A 1 11  ? -2.354  1.800   2.608   1.00 27.50 ? 8   PRO A C   1 
ATOM   84   O O   . PRO A 1 11  ? -1.843  2.733   1.983   1.00 30.00 ? 8   PRO A O   1 
ATOM   85   C CB  . PRO A 1 11  ? -2.742  2.424   5.046   1.00 26.47 ? 8   PRO A CB  1 
ATOM   86   C CG  . PRO A 1 11  ? -1.850  3.704   5.144   1.00 28.46 ? 8   PRO A CG  1 
ATOM   87   C CD  . PRO A 1 11  ? -0.391  3.225   4.870   1.00 26.74 ? 8   PRO A CD  1 
ATOM   88   N N   . GLY A 1 12  ? -3.295  1.045   2.070   1.00 26.77 ? 9   GLY A N   1 
ATOM   89   C CA  . GLY A 1 12  ? -3.732  1.271   0.671   1.00 26.27 ? 9   GLY A CA  1 
ATOM   90   C C   . GLY A 1 12  ? -4.844  0.262   0.396   1.00 27.94 ? 9   GLY A C   1 
ATOM   91   O O   . GLY A 1 12  ? -5.200  -0.536  1.276   1.00 27.23 ? 9   GLY A O   1 
ATOM   92   N N   . THR A 1 13  ? -5.375  0.290   -0.819  1.00 27.57 ? 10  THR A N   1 
ATOM   93   C CA  . THR A 1 13  ? -6.384  -0.617  -1.233  1.00 27.88 ? 10  THR A CA  1 
ATOM   94   C C   . THR A 1 13  ? -5.755  -1.899  -1.772  1.00 28.51 ? 10  THR A C   1 
ATOM   95   O O   . THR A 1 13  ? -6.350  -2.992  -1.657  1.00 28.36 ? 10  THR A O   1 
ATOM   96   C CB  . THR A 1 13  ? -7.252  0.060   -2.343  1.00 29.40 ? 10  THR A CB  1 
ATOM   97   O OG1 . THR A 1 13  ? -7.852  1.246   -1.788  1.00 30.67 ? 10  THR A OG1 1 
ATOM   98   C CG2 . THR A 1 13  ? -8.372  -0.862  -2.756  1.00 28.86 ? 10  THR A CG2 1 
ATOM   99   N N   . PHE A 1 14  ? -4.592  -1.760  -2.396  1.00 27.50 ? 11  PHE A N   1 
ATOM   100  C CA  . PHE A 1 14  ? -3.814  -2.901  -2.893  1.00 28.81 ? 11  PHE A CA  1 
ATOM   101  C C   . PHE A 1 14  ? -4.737  -3.884  -3.631  1.00 29.79 ? 11  PHE A C   1 
ATOM   102  O O   . PHE A 1 14  ? -4.890  -5.062  -3.216  1.00 29.06 ? 11  PHE A O   1 
ATOM   103  C CB  . PHE A 1 14  ? -3.075  -3.621  -1.706  1.00 27.64 ? 11  PHE A CB  1 
ATOM   104  C CG  . PHE A 1 14  ? -2.132  -2.729  -0.924  1.00 29.32 ? 11  PHE A CG  1 
ATOM   105  C CD1 . PHE A 1 14  ? -0.884  -2.374  -1.448  1.00 27.78 ? 11  PHE A CD1 1 
ATOM   106  C CD2 . PHE A 1 14  ? -2.471  -2.279  0.349   1.00 27.11 ? 11  PHE A CD2 1 
ATOM   107  C CE1 . PHE A 1 14  ? 0.013   -1.566  -0.715  1.00 27.76 ? 11  PHE A CE1 1 
ATOM   108  C CE2 . PHE A 1 14  ? -1.579  -1.474  1.105   1.00 26.41 ? 11  PHE A CE2 1 
ATOM   109  C CZ  . PHE A 1 14  ? -0.349  -1.120  0.572   1.00 26.96 ? 11  PHE A CZ  1 
ATOM   110  N N   . ASP A 1 15  ? -5.365  -3.401  -4.705  1.00 30.67 ? 12  ASP A N   1 
ATOM   111  C CA  . ASP A 1 15  ? -6.348  -4.186  -5.452  1.00 31.30 ? 12  ASP A CA  1 
ATOM   112  C C   . ASP A 1 15  ? -5.976  -4.312  -6.935  1.00 31.99 ? 12  ASP A C   1 
ATOM   113  O O   . ASP A 1 15  ? -6.513  -3.611  -7.769  1.00 33.12 ? 12  ASP A O   1 
ATOM   114  C CB  . ASP A 1 15  ? -7.722  -3.532  -5.281  1.00 30.82 ? 12  ASP A CB  1 
ATOM   115  C CG  . ASP A 1 15  ? -8.829  -4.280  -6.030  1.00 34.27 ? 12  ASP A CG  1 
ATOM   116  O OD1 . ASP A 1 15  ? -8.897  -5.522  -5.870  1.00 32.14 ? 12  ASP A OD1 1 
ATOM   117  O OD2 . ASP A 1 15  ? -9.609  -3.620  -6.795  1.00 32.44 ? 12  ASP A OD2 1 
ATOM   118  N N   . PRO A 1 16  ? -5.003  -5.171  -7.281  1.00 33.31 ? 13  PRO A N   1 
ATOM   119  C CA  . PRO A 1 16  ? -4.196  -5.979  -6.408  1.00 33.63 ? 13  PRO A CA  1 
ATOM   120  C C   . PRO A 1 16  ? -2.841  -5.318  -6.126  1.00 34.09 ? 13  PRO A C   1 
ATOM   121  O O   . PRO A 1 16  ? -2.499  -4.307  -6.733  1.00 34.84 ? 13  PRO A O   1 
ATOM   122  C CB  . PRO A 1 16  ? -4.015  -7.248  -7.229  1.00 34.50 ? 13  PRO A CB  1 
ATOM   123  C CG  . PRO A 1 16  ? -3.912  -6.723  -8.659  1.00 33.37 ? 13  PRO A CG  1 
ATOM   124  C CD  . PRO A 1 16  ? -4.642  -5.385  -8.701  1.00 33.42 ? 13  PRO A CD  1 
ATOM   125  N N   . ILE A 1 17  ? -2.090  -5.877  -5.176  1.00 33.77 ? 14  ILE A N   1 
ATOM   126  C CA  . ILE A 1 17  ? -0.734  -5.458  -4.944  1.00 32.02 ? 14  ILE A CA  1 
ATOM   127  C C   . ILE A 1 17  ? 0.108   -5.571  -6.249  1.00 32.20 ? 14  ILE A C   1 
ATOM   128  O O   . ILE A 1 17  ? -0.018  -6.555  -6.977  1.00 32.44 ? 14  ILE A O   1 
ATOM   129  C CB  . ILE A 1 17  ? -0.156  -6.212  -3.748  1.00 32.25 ? 14  ILE A CB  1 
ATOM   130  C CG1 . ILE A 1 17  ? 1.097   -5.493  -3.238  1.00 29.89 ? 14  ILE A CG1 1 
ATOM   131  C CG2 . ILE A 1 17  ? 0.028   -7.706  -4.046  1.00 30.14 ? 14  ILE A CG2 1 
ATOM   132  C CD1 . ILE A 1 17  ? 1.658   -6.129  -1.922  1.00 31.72 ? 14  ILE A CD1 1 
ATOM   133  N N   . THR A 1 18  ? 0.851   -4.505  -6.578  1.00 30.76 ? 15  THR A N   1 
ATOM   134  C CA  . THR A 1 18  ? 1.655   -4.397  -7.780  1.00 29.99 ? 15  THR A CA  1 
ATOM   135  C C   . THR A 1 18  ? 3.152   -4.435  -7.446  1.00 29.55 ? 15  THR A C   1 
ATOM   136  O O   . THR A 1 18  ? 3.543   -4.426  -6.286  1.00 28.10 ? 15  THR A O   1 
ATOM   137  C CB  . THR A 1 18  ? 1.372   -3.077  -8.586  1.00 30.98 ? 15  THR A CB  1 
ATOM   138  O OG1 . THR A 1 18  ? 2.071   -1.984  -7.974  1.00 29.89 ? 15  THR A OG1 1 
ATOM   139  C CG2 . THR A 1 18  ? -0.162  -2.776  -8.680  1.00 28.35 ? 15  THR A CG2 1 
ATOM   140  N N   . ASN A 1 19  ? 3.971   -4.496  -8.495  1.00 29.17 ? 16  ASN A N   1 
ATOM   141  C CA  . ASN A 1 19  ? 5.410   -4.418  -8.342  1.00 29.13 ? 16  ASN A CA  1 
ATOM   142  C C   . ASN A 1 19  ? 5.829   -3.109  -7.711  1.00 28.78 ? 16  ASN A C   1 
ATOM   143  O O   . ASN A 1 19  ? 6.840   -3.069  -6.977  1.00 30.07 ? 16  ASN A O   1 
ATOM   144  C CB  . ASN A 1 19  ? 6.111   -4.651  -9.695  1.00 28.28 ? 16  ASN A CB  1 
ATOM   145  C CG  . ASN A 1 19  ? 6.165   -6.137  -10.073 1.00 31.09 ? 16  ASN A CG  1 
ATOM   146  O OD1 . ASN A 1 19  ? 6.013   -7.032  -9.238  1.00 34.87 ? 16  ASN A OD1 1 
ATOM   147  N ND2 . ASN A 1 19  ? 6.460   -6.393  -11.326 1.00 36.55 ? 16  ASN A ND2 1 
ATOM   148  N N   . GLY A 1 20  ? 5.058   -2.041  -7.974  1.00 28.41 ? 17  GLY A N   1 
ATOM   149  C CA  . GLY A 1 20  ? 5.259   -0.751  -7.296  1.00 27.65 ? 17  GLY A CA  1 
ATOM   150  C C   . GLY A 1 20  ? 5.061   -0.801  -5.788  1.00 26.29 ? 17  GLY A C   1 
ATOM   151  O O   . GLY A 1 20  ? 5.908   -0.339  -5.030  1.00 26.08 ? 17  GLY A O   1 
ATOM   152  N N   . HIS A 1 21  ? 3.927   -1.330  -5.348  1.00 26.85 ? 18  HIS A N   1 
ATOM   153  C CA  . HIS A 1 21  ? 3.683   -1.572  -3.914  1.00 26.03 ? 18  HIS A CA  1 
ATOM   154  C C   . HIS A 1 21  ? 4.782   -2.428  -3.289  1.00 26.28 ? 18  HIS A C   1 
ATOM   155  O O   . HIS A 1 21  ? 5.266   -2.166  -2.153  1.00 26.67 ? 18  HIS A O   1 
ATOM   156  C CB  . HIS A 1 21  ? 2.331   -2.254  -3.697  1.00 24.93 ? 18  HIS A CB  1 
ATOM   157  C CG  . HIS A 1 21  ? 1.167   -1.544  -4.332  1.00 30.22 ? 18  HIS A CG  1 
ATOM   158  N ND1 . HIS A 1 21  ? 1.027   -0.168  -4.327  1.00 34.83 ? 18  HIS A ND1 1 
ATOM   159  C CD2 . HIS A 1 21  ? 0.102   -2.022  -5.029  1.00 30.89 ? 18  HIS A CD2 1 
ATOM   160  C CE1 . HIS A 1 21  ? -0.076  0.169   -4.981  1.00 32.54 ? 18  HIS A CE1 1 
ATOM   161  N NE2 . HIS A 1 21  ? -0.655  -0.935  -5.418  1.00 30.97 ? 18  HIS A NE2 1 
ATOM   162  N N   . LEU A 1 22  ? 5.162   -3.499  -3.991  1.00 26.52 ? 19  LEU A N   1 
ATOM   163  C CA  . LEU A 1 22  ? 6.170   -4.396  -3.454  1.00 26.08 ? 19  LEU A CA  1 
ATOM   164  C C   . LEU A 1 22  ? 7.511   -3.649  -3.253  1.00 25.09 ? 19  LEU A C   1 
ATOM   165  O O   . LEU A 1 22  ? 8.211   -3.862  -2.240  1.00 25.33 ? 19  LEU A O   1 
ATOM   166  C CB  . LEU A 1 22  ? 6.364   -5.621  -4.388  1.00 25.77 ? 19  LEU A CB  1 
ATOM   167  C CG  . LEU A 1 22  ? 7.426   -6.633  -3.917  1.00 29.89 ? 19  LEU A CG  1 
ATOM   168  C CD1 . LEU A 1 22  ? 7.131   -7.117  -2.436  1.00 29.45 ? 19  LEU A CD1 1 
ATOM   169  C CD2 . LEU A 1 22  ? 7.602   -7.819  -4.917  1.00 27.87 ? 19  LEU A CD2 1 
ATOM   170  N N   . ASP A 1 23  ? 7.905   -2.831  -4.234  1.00 23.68 ? 20  ASP A N   1 
ATOM   171  C CA  . ASP A 1 23  ? 9.147   -2.047  -4.113  1.00 24.58 ? 20  ASP A CA  1 
ATOM   172  C C   . ASP A 1 23  ? 9.074   -1.128  -2.849  1.00 24.64 ? 20  ASP A C   1 
ATOM   173  O O   . ASP A 1 23  ? 10.008  -1.045  -2.046  1.00 24.93 ? 20  ASP A O   1 
ATOM   174  C CB  . ASP A 1 23  ? 9.318   -1.218  -5.377  1.00 24.94 ? 20  ASP A CB  1 
ATOM   175  C CG  . ASP A 1 23  ? 10.501  -0.234  -5.303  1.00 28.10 ? 20  ASP A CG  1 
ATOM   176  O OD1 . ASP A 1 23  ? 11.653  -0.626  -5.010  1.00 34.48 ? 20  ASP A OD1 1 
ATOM   177  O OD2 . ASP A 1 23  ? 10.288  0.954   -5.552  1.00 29.56 ? 20  ASP A OD2 1 
ATOM   178  N N   . LEU A 1 24  ? 7.926   -0.501  -2.627  1.00 23.87 ? 21  LEU A N   1 
ATOM   179  C CA  . LEU A 1 24  ? 7.802   0.389   -1.476  1.00 25.69 ? 21  LEU A CA  1 
ATOM   180  C C   . LEU A 1 24  ? 7.833   -0.328  -0.131  1.00 24.53 ? 21  LEU A C   1 
ATOM   181  O O   . LEU A 1 24  ? 8.525   0.109   0.829   1.00 22.61 ? 21  LEU A O   1 
ATOM   182  C CB  . LEU A 1 24  ? 6.533   1.269   -1.607  1.00 25.60 ? 21  LEU A CB  1 
ATOM   183  C CG  . LEU A 1 24  ? 6.592   2.311   -2.744  1.00 30.36 ? 21  LEU A CG  1 
ATOM   184  C CD1 . LEU A 1 24  ? 5.480   3.282   -2.504  1.00 30.55 ? 21  LEU A CD1 1 
ATOM   185  C CD2 . LEU A 1 24  ? 7.898   3.093   -2.808  1.00 25.49 ? 21  LEU A CD2 1 
ATOM   186  N N   . VAL A 1 25  ? 7.051   -1.412  -0.022  1.00 24.35 ? 22  VAL A N   1 
ATOM   187  C CA  . VAL A 1 25  ? 7.074   -2.131  1.229   1.00 23.34 ? 22  VAL A CA  1 
ATOM   188  C C   . VAL A 1 25  ? 8.442   -2.767  1.481   1.00 23.71 ? 22  VAL A C   1 
ATOM   189  O O   . VAL A 1 25  ? 8.860   -2.870  2.622   1.00 25.10 ? 22  VAL A O   1 
ATOM   190  C CB  . VAL A 1 25  ? 5.874   -3.136  1.386   1.00 24.11 ? 22  VAL A CB  1 
ATOM   191  C CG1 . VAL A 1 25  ? 6.114   -4.378  0.485   1.00 24.16 ? 22  VAL A CG1 1 
ATOM   192  C CG2 . VAL A 1 25  ? 5.763   -3.569  2.858   1.00 23.53 ? 22  VAL A CG2 1 
ATOM   193  N N   . THR A 1 26  ? 9.158   -3.186  0.432   1.00 24.89 ? 23  THR A N   1 
ATOM   194  C CA  . THR A 1 26  ? 10.500  -3.759  0.609   1.00 24.87 ? 23  THR A CA  1 
ATOM   195  C C   . THR A 1 26  ? 11.451  -2.680  1.188   1.00 25.99 ? 23  THR A C   1 
ATOM   196  O O   . THR A 1 26  ? 12.207  -2.923  2.119   1.00 25.04 ? 23  THR A O   1 
ATOM   197  C CB  . THR A 1 26  ? 11.042  -4.297  -0.712  1.00 24.82 ? 23  THR A CB  1 
ATOM   198  O OG1 . THR A 1 26  ? 10.158  -5.339  -1.162  1.00 25.65 ? 23  THR A OG1 1 
ATOM   199  C CG2 . THR A 1 26  ? 12.497  -4.849  -0.538  1.00 23.82 ? 23  THR A CG2 1 
ATOM   200  N N   . ARG A 1 27  ? 11.379  -1.479  0.626   1.00 25.90 ? 24  ARG A N   1 
ATOM   201  C CA  . ARG A 1 27  ? 12.166  -0.360  1.157   1.00 26.82 ? 24  ARG A CA  1 
ATOM   202  C C   . ARG A 1 27  ? 11.751  0.028   2.551   1.00 26.30 ? 24  ARG A C   1 
ATOM   203  O O   . ARG A 1 27  ? 12.596  0.181   3.414   1.00 27.50 ? 24  ARG A O   1 
ATOM   204  C CB  . ARG A 1 27  ? 12.107  0.820   0.180   1.00 26.69 ? 24  ARG A CB  1 
ATOM   205  C CG  . ARG A 1 27  ? 12.866  0.451   -1.107  1.00 26.16 ? 24  ARG A CG  1 
ATOM   206  C CD  . ARG A 1 27  ? 12.325  1.277   -2.305  1.00 32.44 ? 24  ARG A CD  1 
ATOM   207  N NE  . ARG A 1 27  ? 12.435  2.692   -2.012  1.00 29.59 ? 24  ARG A NE  1 
ATOM   208  C CZ  . ARG A 1 27  ? 12.036  3.664   -2.818  1.00 36.13 ? 24  ARG A CZ  1 
ATOM   209  N NH1 . ARG A 1 27  ? 12.192  4.953   -2.439  1.00 31.83 ? 24  ARG A NH1 1 
ATOM   210  N NH2 . ARG A 1 27  ? 11.477  3.360   -3.996  1.00 32.98 ? 24  ARG A NH2 1 
ATOM   211  N N   . ALA A 1 28  ? 10.453  0.110   2.817   1.00 28.09 ? 25  ALA A N   1 
ATOM   212  C CA  . ALA A 1 28  ? 9.997   0.394   4.194   1.00 27.73 ? 25  ALA A CA  1 
ATOM   213  C C   . ALA A 1 28  ? 10.539  -0.675  5.146   1.00 28.77 ? 25  ALA A C   1 
ATOM   214  O O   . ALA A 1 28  ? 11.035  -0.369  6.221   1.00 28.32 ? 25  ALA A O   1 
ATOM   215  C CB  . ALA A 1 28  ? 8.493   0.433   4.253   1.00 27.48 ? 25  ALA A CB  1 
ATOM   216  N N   . SER A 1 29  ? 10.440  -1.940  4.738   1.00 28.38 ? 26  SER A N   1 
ATOM   217  C CA  . SER A 1 29  ? 10.949  -3.047  5.542   1.00 28.66 ? 26  SER A CA  1 
ATOM   218  C C   . SER A 1 29  ? 12.445  -2.865  5.903   1.00 28.46 ? 26  SER A C   1 
ATOM   219  O O   . SER A 1 29  ? 12.862  -3.175  7.037   1.00 26.41 ? 26  SER A O   1 
ATOM   220  C CB  . SER A 1 29  ? 10.738  -4.358  4.763   1.00 28.45 ? 26  SER A CB  1 
ATOM   221  O OG  . SER A 1 29  ? 11.330  -5.449  5.434   1.00 30.76 ? 26  SER A OG  1 
ATOM   222  N N   . ALA A 1 30  ? 13.250  -2.347  4.968   1.00 28.99 ? 27  ALA A N   1 
ATOM   223  C CA  . ALA A 1 30  ? 14.694  -2.162  5.263   1.00 30.06 ? 27  ALA A CA  1 
ATOM   224  C C   . ALA A 1 30  ? 14.891  -1.015  6.236   1.00 31.40 ? 27  ALA A C   1 
ATOM   225  O O   . ALA A 1 30  ? 15.863  -0.996  6.955   1.00 31.20 ? 27  ALA A O   1 
ATOM   226  C CB  . ALA A 1 30  ? 15.493  -1.899  4.005   1.00 29.14 ? 27  ALA A CB  1 
ATOM   227  N N   . MET A 1 31  ? 13.955  -0.066  6.285   1.00 32.19 ? 28  MET A N   1 
ATOM   228  C CA  . MET A 1 31  ? 14.196  1.148   7.071   1.00 33.48 ? 28  MET A CA  1 
ATOM   229  C C   . MET A 1 31  ? 13.665  1.114   8.491   1.00 33.13 ? 28  MET A C   1 
ATOM   230  O O   . MET A 1 31  ? 14.219  1.792   9.361   1.00 33.64 ? 28  MET A O   1 
ATOM   231  C CB  . MET A 1 31  ? 13.523  2.342   6.398   1.00 33.99 ? 28  MET A CB  1 
ATOM   232  C CG  . MET A 1 31  ? 14.305  2.962   5.253   1.00 38.78 ? 28  MET A CG  1 
ATOM   233  S SD  . MET A 1 31  ? 13.316  4.376   4.588   1.00 44.57 ? 28  MET A SD  1 
ATOM   234  C CE  . MET A 1 31  ? 12.179  3.526   3.536   1.00 39.30 ? 28  MET A CE  1 
ATOM   235  N N   . PHE A 1 32  ? 12.542  0.425   8.710   1.00 31.69 ? 29  PHE A N   1 
ATOM   236  C CA  . PHE A 1 32  ? 11.833  0.515   9.974   1.00 31.48 ? 29  PHE A CA  1 
ATOM   237  C C   . PHE A 1 32  ? 11.858  -0.813  10.710  1.00 31.61 ? 29  PHE A C   1 
ATOM   238  O O   . PHE A 1 32  ? 12.020  -1.844  10.081  1.00 31.38 ? 29  PHE A O   1 
ATOM   239  C CB  . PHE A 1 32  ? 10.396  0.983   9.737   1.00 32.16 ? 29  PHE A CB  1 
ATOM   240  C CG  . PHE A 1 32  ? 10.309  2.285   8.983   1.00 34.87 ? 29  PHE A CG  1 
ATOM   241  C CD1 . PHE A 1 32  ? 10.877  3.462   9.513   1.00 37.22 ? 29  PHE A CD1 1 
ATOM   242  C CD2 . PHE A 1 32  ? 9.712   2.336   7.746   1.00 34.15 ? 29  PHE A CD2 1 
ATOM   243  C CE1 . PHE A 1 32  ? 10.827  4.669   8.788   1.00 37.69 ? 29  PHE A CE1 1 
ATOM   244  C CE2 . PHE A 1 32  ? 9.647   3.541   7.012   1.00 35.27 ? 29  PHE A CE2 1 
ATOM   245  C CZ  . PHE A 1 32  ? 10.209  4.700   7.536   1.00 35.27 ? 29  PHE A CZ  1 
ATOM   246  N N   . SER A 1 33  ? 11.694  -0.799  12.032  1.00 31.83 ? 30  SER A N   1 
ATOM   247  C CA  . SER A 1 33  ? 11.761  -2.065  12.816  1.00 33.11 ? 30  SER A CA  1 
ATOM   248  C C   . SER A 1 33  ? 10.658  -3.040  12.396  1.00 32.16 ? 30  SER A C   1 
ATOM   249  O O   . SER A 1 33  ? 10.915  -4.225  12.266  1.00 31.39 ? 30  SER A O   1 
ATOM   250  C CB  . SER A 1 33  ? 11.658  -1.846  14.337  1.00 32.67 ? 30  SER A CB  1 
ATOM   251  O OG  . SER A 1 33  ? 12.561  -0.862  14.771  1.00 36.79 ? 30  SER A OG  1 
ATOM   252  N N   . HIS A 1 34  ? 9.457   -2.513  12.186  1.00 31.63 ? 31  HIS A N   1 
ATOM   253  C CA  . HIS A 1 34  ? 8.279   -3.313  11.863  1.00 32.05 ? 31  HIS A CA  1 
ATOM   254  C C   . HIS A 1 34  ? 7.392   -2.544  10.882  1.00 31.45 ? 31  HIS A C   1 
ATOM   255  O O   . HIS A 1 34  ? 7.225   -1.315  11.014  1.00 30.93 ? 31  HIS A O   1 
ATOM   256  C CB  . HIS A 1 34  ? 7.494   -3.656  13.149  1.00 32.54 ? 31  HIS A CB  1 
ATOM   257  C CG  . HIS A 1 34  ? 6.388   -4.653  12.929  1.00 37.73 ? 31  HIS A CG  1 
ATOM   258  N ND1 . HIS A 1 34  ? 6.615   -6.018  12.843  1.00 42.92 ? 31  HIS A ND1 1 
ATOM   259  C CD2 . HIS A 1 34  ? 5.051   -4.484  12.753  1.00 39.77 ? 31  HIS A CD2 1 
ATOM   260  C CE1 . HIS A 1 34  ? 5.464   -6.639  12.624  1.00 43.48 ? 31  HIS A CE1 1 
ATOM   261  N NE2 . HIS A 1 34  ? 4.497   -5.733  12.585  1.00 40.74 ? 31  HIS A NE2 1 
ATOM   262  N N   . VAL A 1 35  ? 6.843   -3.246  9.882   1.00 30.54 ? 32  VAL A N   1 
ATOM   263  C CA  . VAL A 1 35  ? 5.941   -2.631  8.917   1.00 28.64 ? 32  VAL A CA  1 
ATOM   264  C C   . VAL A 1 35  ? 4.646   -3.449  8.879   1.00 28.48 ? 32  VAL A C   1 
ATOM   265  O O   . VAL A 1 35  ? 4.679   -4.694  8.800   1.00 28.68 ? 32  VAL A O   1 
ATOM   266  C CB  . VAL A 1 35  ? 6.548   -2.572  7.500   1.00 30.20 ? 32  VAL A CB  1 
ATOM   267  C CG1 . VAL A 1 35  ? 5.525   -2.037  6.491   1.00 27.21 ? 32  VAL A CG1 1 
ATOM   268  C CG2 . VAL A 1 35  ? 7.843   -1.763  7.464   1.00 28.66 ? 32  VAL A CG2 1 
ATOM   269  N N   . ILE A 1 36  ? 3.523   -2.770  9.042   1.00 27.29 ? 33  ILE A N   1 
ATOM   270  C CA  . ILE A 1 36  ? 2.218   -3.352  8.748   1.00 27.02 ? 33  ILE A CA  1 
ATOM   271  C C   . ILE A 1 36  ? 1.788   -2.903  7.388   1.00 26.88 ? 33  ILE A C   1 
ATOM   272  O O   . ILE A 1 36  ? 1.673   -1.681  7.141   1.00 27.60 ? 33  ILE A O   1 
ATOM   273  C CB  . ILE A 1 36  ? 1.130   -2.946  9.761   1.00 26.82 ? 33  ILE A CB  1 
ATOM   274  C CG1 . ILE A 1 36  ? 1.517   -3.458  11.158  1.00 27.32 ? 33  ILE A CG1 1 
ATOM   275  C CG2 . ILE A 1 36  ? -0.239  -3.544  9.332   1.00 25.36 ? 33  ILE A CG2 1 
ATOM   276  C CD1 . ILE A 1 36  ? 0.610   -2.929  12.341  1.00 27.28 ? 33  ILE A CD1 1 
ATOM   277  N N   . LEU A 1 37  ? 1.636   -3.861  6.474   1.00 26.03 ? 34  LEU A N   1 
ATOM   278  C CA  . LEU A 1 37  ? 1.058   -3.583  5.177   1.00 25.90 ? 34  LEU A CA  1 
ATOM   279  C C   . LEU A 1 37  ? -0.448  -3.700  5.438   1.00 26.59 ? 34  LEU A C   1 
ATOM   280  O O   . LEU A 1 37  ? -0.968  -4.798  5.749   1.00 25.90 ? 34  LEU A O   1 
ATOM   281  C CB  . LEU A 1 37  ? 1.562   -4.553  4.083   1.00 24.45 ? 34  LEU A CB  1 
ATOM   282  C CG  . LEU A 1 37  ? 1.025   -4.149  2.675   1.00 27.82 ? 34  LEU A CG  1 
ATOM   283  C CD1 . LEU A 1 37  ? 1.922   -4.678  1.614   1.00 28.84 ? 34  LEU A CD1 1 
ATOM   284  C CD2 . LEU A 1 37  ? -0.403  -4.656  2.398   1.00 27.50 ? 34  LEU A CD2 1 
ATOM   285  N N   . ALA A 1 38  ? -1.135  -2.565  5.345   1.00 25.79 ? 35  ALA A N   1 
ATOM   286  C CA  . ALA A 1 38  ? -2.479  -2.412  5.897   1.00 26.19 ? 35  ALA A CA  1 
ATOM   287  C C   . ALA A 1 38  ? -3.455  -2.253  4.735   1.00 26.92 ? 35  ALA A C   1 
ATOM   288  O O   . ALA A 1 38  ? -3.372  -1.288  3.955   1.00 28.04 ? 35  ALA A O   1 
ATOM   289  C CB  . ALA A 1 38  ? -2.542  -1.167  6.847   1.00 25.91 ? 35  ALA A CB  1 
ATOM   290  N N   . ILE A 1 39  ? -4.374  -3.206  4.588   1.00 26.47 ? 36  ILE A N   1 
ATOM   291  C CA  . ILE A 1 39  ? -5.248  -3.245  3.401   1.00 25.89 ? 36  ILE A CA  1 
ATOM   292  C C   . ILE A 1 39  ? -6.627  -2.752  3.743   1.00 27.90 ? 36  ILE A C   1 
ATOM   293  O O   . ILE A 1 39  ? -7.351  -3.393  4.512   1.00 27.27 ? 36  ILE A O   1 
ATOM   294  C CB  . ILE A 1 39  ? -5.322  -4.648  2.792   1.00 26.75 ? 36  ILE A CB  1 
ATOM   295  C CG1 . ILE A 1 39  ? -3.880  -5.210  2.609   1.00 23.95 ? 36  ILE A CG1 1 
ATOM   296  C CG2 . ILE A 1 39  ? -6.217  -4.632  1.473   1.00 22.29 ? 36  ILE A CG2 1 
ATOM   297  C CD1 . ILE A 1 39  ? -3.782  -6.316  1.548   1.00 25.90 ? 36  ILE A CD1 1 
ATOM   298  N N   . ALA A 1 40  ? -6.990  -1.602  3.164   1.00 28.69 ? 37  ALA A N   1 
ATOM   299  C CA  . ALA A 1 40  ? -8.240  -0.955  3.471   1.00 30.62 ? 37  ALA A CA  1 
ATOM   300  C C   . ALA A 1 40  ? -9.381  -1.756  2.878   1.00 32.06 ? 37  ALA A C   1 
ATOM   301  O O   . ALA A 1 40  ? -9.311  -2.094  1.699   1.00 31.79 ? 37  ALA A O   1 
ATOM   302  C CB  . ALA A 1 40  ? -8.245  0.527   2.894   1.00 29.63 ? 37  ALA A CB  1 
ATOM   303  N N   . ASP A 1 41  ? -10.405 -2.072  3.666   1.00 34.26 ? 38  ASP A N   1 
ATOM   304  C CA  A ASP A 1 41  ? -11.560 -2.770  3.136   0.50 37.00 ? 38  ASP A CA  1 
ATOM   305  C CA  B ASP A 1 41  ? -11.582 -2.752  3.142   0.50 36.83 ? 38  ASP A CA  1 
ATOM   306  C C   . ASP A 1 41  ? -12.031 -2.050  1.858   1.00 39.03 ? 38  ASP A C   1 
ATOM   307  O O   . ASP A 1 41  ? -12.195 -2.690  0.806   1.00 38.71 ? 38  ASP A O   1 
ATOM   308  C CB  A ASP A 1 41  ? -12.671 -2.854  4.187   0.50 37.33 ? 38  ASP A CB  1 
ATOM   309  C CB  B ASP A 1 41  ? -12.727 -2.733  4.155   0.50 37.07 ? 38  ASP A CB  1 
ATOM   310  C CG  A ASP A 1 41  ? -13.458 -4.160  4.097   0.50 39.70 ? 38  ASP A CG  1 
ATOM   311  C CG  B ASP A 1 41  ? -14.002 -3.357  3.598   0.50 38.54 ? 38  ASP A CG  1 
ATOM   312  O OD1 A ASP A 1 41  ? -13.506 -4.740  2.980   0.50 41.50 ? 38  ASP A OD1 1 
ATOM   313  O OD1 B ASP A 1 41  ? -13.934 -4.499  3.086   0.50 41.64 ? 38  ASP A OD1 1 
ATOM   314  O OD2 A ASP A 1 41  ? -14.019 -4.616  5.130   0.50 41.28 ? 38  ASP A OD2 1 
ATOM   315  O OD2 B ASP A 1 41  ? -15.070 -2.715  3.656   0.50 40.07 ? 38  ASP A OD2 1 
ATOM   316  N N   . SER A 1 42  ? -12.217 -0.717  1.946   1.00 41.76 ? 39  SER A N   1 
ATOM   317  C CA  . SER A 1 42  ? -12.548 0.136   0.783   1.00 46.01 ? 39  SER A CA  1 
ATOM   318  C C   . SER A 1 42  ? -13.869 -0.269  0.104   1.00 47.41 ? 39  SER A C   1 
ATOM   319  O O   . SER A 1 42  ? -13.950 -0.272  -1.144  1.00 48.02 ? 39  SER A O   1 
ATOM   320  C CB  . SER A 1 42  ? -11.432 0.063   -0.276  1.00 45.99 ? 39  SER A CB  1 
ATOM   321  O OG  . SER A 1 42  ? -10.198 0.622   0.170   1.00 50.48 ? 39  SER A OG  1 
ATOM   322  N N   . SER A 1 43  ? -14.885 -0.633  0.889   1.00 49.35 ? 40  SER A N   1 
ATOM   323  C CA  . SER A 1 43  ? -16.130 -1.199  0.308   1.00 51.18 ? 40  SER A CA  1 
ATOM   324  C C   . SER A 1 43  ? -16.781 -0.344  -0.770  1.00 51.93 ? 40  SER A C   1 
ATOM   325  O O   . SER A 1 43  ? -17.192 -0.861  -1.835  1.00 52.04 ? 40  SER A O   1 
ATOM   326  C CB  . SER A 1 43  ? -17.154 -1.553  1.385   1.00 51.25 ? 40  SER A CB  1 
ATOM   327  O OG  . SER A 1 43  ? -17.054 -2.944  1.627   1.00 53.41 ? 40  SER A OG  1 
ATOM   328  N N   . SER A 1 44  ? -16.854 0.959   -0.484  1.00 52.92 ? 41  SER A N   1 
ATOM   329  C CA  . SER A 1 44  ? -17.459 1.952   -1.387  1.00 53.64 ? 41  SER A CA  1 
ATOM   330  C C   . SER A 1 44  ? -16.633 2.134   -2.686  1.00 53.57 ? 41  SER A C   1 
ATOM   331  O O   . SER A 1 44  ? -17.124 2.728   -3.649  1.00 53.85 ? 41  SER A O   1 
ATOM   332  C CB  . SER A 1 44  ? -17.660 3.301   -0.665  1.00 53.68 ? 41  SER A CB  1 
ATOM   333  O OG  . SER A 1 44  ? -16.414 3.997   -0.533  1.00 53.94 ? 41  SER A OG  1 
ATOM   334  N N   . LYS A 1 45  ? -15.398 1.623   -2.718  1.00 52.88 ? 42  LYS A N   1 
ATOM   335  C CA  . LYS A 1 45  ? -14.639 1.587   -3.978  1.00 52.44 ? 42  LYS A CA  1 
ATOM   336  C C   . LYS A 1 45  ? -14.959 0.350   -4.871  1.00 51.74 ? 42  LYS A C   1 
ATOM   337  O O   . LYS A 1 45  ? -14.454 0.258   -5.995  1.00 52.20 ? 42  LYS A O   1 
ATOM   338  C CB  . LYS A 1 45  ? -13.127 1.729   -3.709  1.00 53.04 ? 42  LYS A CB  1 
ATOM   339  C CG  . LYS A 1 45  ? -12.720 3.152   -3.294  1.00 55.11 ? 42  LYS A CG  1 
ATOM   340  C CD  . LYS A 1 45  ? -11.556 3.187   -2.306  1.00 58.49 ? 42  LYS A CD  1 
ATOM   341  C CE  . LYS A 1 45  ? -10.220 3.429   -2.997  1.00 58.13 ? 42  LYS A CE  1 
ATOM   342  N NZ  . LYS A 1 45  ? -9.353  4.292   -2.103  1.00 59.61 ? 42  LYS A NZ  1 
ATOM   343  N N   . LYS A 1 46  ? -15.805 -0.572  -4.387  1.00 49.71 ? 43  LYS A N   1 
ATOM   344  C CA  . LYS A 1 46  ? -16.051 -1.867  -5.053  1.00 48.09 ? 43  LYS A CA  1 
ATOM   345  C C   . LYS A 1 46  ? -14.788 -2.494  -5.694  1.00 45.88 ? 43  LYS A C   1 
ATOM   346  O O   . LYS A 1 46  ? -14.649 -2.535  -6.917  1.00 45.25 ? 43  LYS A O   1 
ATOM   347  C CB  . LYS A 1 46  ? -17.222 -1.767  -6.040  1.00 48.88 ? 43  LYS A CB  1 
ATOM   348  C CG  . LYS A 1 46  ? -18.537 -1.463  -5.321  1.00 52.02 ? 43  LYS A CG  1 
ATOM   349  C CD  . LYS A 1 46  ? -19.625 -0.842  -6.205  1.00 56.08 ? 43  LYS A CD  1 
ATOM   350  C CE  . LYS A 1 46  ? -20.801 -0.402  -5.311  1.00 57.30 ? 43  LYS A CE  1 
ATOM   351  N NZ  . LYS A 1 46  ? -21.957 0.095   -6.095  1.00 60.58 ? 43  LYS A NZ  1 
ATOM   352  N N   . PRO A 1 47  ? -13.862 -2.999  -4.854  1.00 43.80 ? 44  PRO A N   1 
ATOM   353  C CA  . PRO A 1 47  ? -12.592 -3.533  -5.374  1.00 41.88 ? 44  PRO A CA  1 
ATOM   354  C C   . PRO A 1 47  ? -12.805 -4.766  -6.238  1.00 39.59 ? 44  PRO A C   1 
ATOM   355  O O   . PRO A 1 47  ? -13.770 -5.498  -6.048  1.00 38.03 ? 44  PRO A O   1 
ATOM   356  C CB  . PRO A 1 47  ? -11.818 -3.947  -4.113  1.00 41.70 ? 44  PRO A CB  1 
ATOM   357  C CG  . PRO A 1 47  ? -12.644 -3.518  -2.947  1.00 42.99 ? 44  PRO A CG  1 
ATOM   358  C CD  . PRO A 1 47  ? -14.048 -3.309  -3.430  1.00 43.78 ? 44  PRO A CD  1 
ATOM   359  N N   . MET A 1 48  ? -11.898 -5.011  -7.167  1.00 37.11 ? 45  MET A N   1 
ATOM   360  C CA  . MET A 1 48  ? -11.955 -6.248  -7.904  1.00 36.19 ? 45  MET A CA  1 
ATOM   361  C C   . MET A 1 48  ? -11.839 -7.506  -6.971  1.00 34.73 ? 45  MET A C   1 
ATOM   362  O O   . MET A 1 48  ? -12.556 -8.499  -7.141  1.00 33.17 ? 45  MET A O   1 
ATOM   363  C CB  . MET A 1 48  ? -10.822 -6.248  -8.910  1.00 36.70 ? 45  MET A CB  1 
ATOM   364  C CG  . MET A 1 48  ? -10.673 -7.551  -9.617  1.00 39.48 ? 45  MET A CG  1 
ATOM   365  S SD  . MET A 1 48  ? -9.872  -7.195  -11.137 1.00 47.75 ? 45  MET A SD  1 
ATOM   366  C CE  . MET A 1 48  ? -9.033  -8.712  -11.439 1.00 45.59 ? 45  MET A CE  1 
ATOM   367  N N   . PHE A 1 49  ? -10.913 -7.449  -6.007  1.00 31.84 ? 46  PHE A N   1 
ATOM   368  C CA  . PHE A 1 49  ? -10.630 -8.594  -5.127  1.00 29.61 ? 46  PHE A CA  1 
ATOM   369  C C   . PHE A 1 49  ? -11.249 -8.338  -3.763  1.00 28.00 ? 46  PHE A C   1 
ATOM   370  O O   . PHE A 1 49  ? -11.194 -7.202  -3.254  1.00 27.60 ? 46  PHE A O   1 
ATOM   371  C CB  . PHE A 1 49  ? -9.113  -8.786  -4.980  1.00 29.86 ? 46  PHE A CB  1 
ATOM   372  C CG  . PHE A 1 49  ? -8.443  -9.301  -6.198  1.00 30.26 ? 46  PHE A CG  1 
ATOM   373  C CD1 . PHE A 1 49  ? -8.360  -10.664 -6.432  1.00 33.86 ? 46  PHE A CD1 1 
ATOM   374  C CD2 . PHE A 1 49  ? -7.871  -8.421  -7.106  1.00 33.98 ? 46  PHE A CD2 1 
ATOM   375  C CE1 . PHE A 1 49  ? -7.730  -11.157 -7.576  1.00 36.28 ? 46  PHE A CE1 1 
ATOM   376  C CE2 . PHE A 1 49  ? -7.239  -8.878  -8.230  1.00 34.86 ? 46  PHE A CE2 1 
ATOM   377  C CZ  . PHE A 1 49  ? -7.165  -10.244 -8.481  1.00 36.84 ? 46  PHE A CZ  1 
ATOM   378  N N   . THR A 1 50  ? -11.837 -9.360  -3.146  1.00 26.63 ? 47  THR A N   1 
ATOM   379  C CA  . THR A 1 50  ? -12.354 -9.180  -1.783  1.00 25.85 ? 47  THR A CA  1 
ATOM   380  C C   . THR A 1 50  ? -11.164 -8.848  -0.849  1.00 25.49 ? 47  THR A C   1 
ATOM   381  O O   . THR A 1 50  ? -10.015 -9.077  -1.190  1.00 26.59 ? 47  THR A O   1 
ATOM   382  C CB  . THR A 1 50  ? -13.014 -10.460 -1.261  1.00 26.44 ? 47  THR A CB  1 
ATOM   383  O OG1 . THR A 1 50  ? -12.002 -11.452 -1.122  1.00 26.72 ? 47  THR A OG1 1 
ATOM   384  C CG2 . THR A 1 50  ? -14.151 -10.978 -2.233  1.00 23.18 ? 47  THR A CG2 1 
ATOM   385  N N   . LEU A 1 51  ? -11.437 -8.301  0.316   1.00 24.69 ? 48  LEU A N   1 
ATOM   386  C CA  . LEU A 1 51  ? -10.409 -8.037  1.284   1.00 26.20 ? 48  LEU A CA  1 
ATOM   387  C C   . LEU A 1 51  ? -9.565  -9.321  1.578   1.00 26.70 ? 48  LEU A C   1 
ATOM   388  O O   . LEU A 1 51  ? -8.309  -9.289  1.564   1.00 26.44 ? 48  LEU A O   1 
ATOM   389  C CB  . LEU A 1 51  ? -11.063 -7.472  2.554   1.00 25.38 ? 48  LEU A CB  1 
ATOM   390  C CG  . LEU A 1 51  ? -10.074 -7.141  3.687   1.00 27.09 ? 48  LEU A CG  1 
ATOM   391  C CD1 . LEU A 1 51  ? -9.005  -6.188  3.230   1.00 25.35 ? 48  LEU A CD1 1 
ATOM   392  C CD2 . LEU A 1 51  ? -10.784 -6.627  4.994   1.00 27.79 ? 48  LEU A CD2 1 
ATOM   393  N N   . ASP A 1 52  ? -10.240 -10.459 1.801   1.00 27.00 ? 49  ASP A N   1 
ATOM   394  C CA  . ASP A 1 52  ? -9.483  -11.692 2.056   1.00 27.24 ? 49  ASP A CA  1 
ATOM   395  C C   . ASP A 1 52  ? -8.532  -12.055 0.927   1.00 26.92 ? 49  ASP A C   1 
ATOM   396  O O   . ASP A 1 52  ? -7.390  -12.452 1.177   1.00 26.15 ? 49  ASP A O   1 
ATOM   397  C CB  . ASP A 1 52  ? -10.403 -12.861 2.382   1.00 27.14 ? 49  ASP A CB  1 
ATOM   398  C CG  . ASP A 1 52  ? -11.058 -12.693 3.731   1.00 29.70 ? 49  ASP A CG  1 
ATOM   399  O OD1 . ASP A 1 52  ? -10.585 -11.873 4.537   1.00 32.34 ? 49  ASP A OD1 1 
ATOM   400  O OD2 . ASP A 1 52  ? -12.060 -13.358 3.990   1.00 34.22 ? 49  ASP A OD2 1 
ATOM   401  N N   . GLU A 1 53  ? -9.000  -11.926 -0.313  1.00 27.02 ? 50  GLU A N   1 
ATOM   402  C CA  . GLU A 1 53  ? -8.130  -12.241 -1.441  1.00 27.31 ? 50  GLU A CA  1 
ATOM   403  C C   . GLU A 1 53  ? -6.968  -11.279 -1.458  1.00 26.70 ? 50  GLU A C   1 
ATOM   404  O O   . GLU A 1 53  ? -5.888  -11.682 -1.782  1.00 26.67 ? 50  GLU A O   1 
ATOM   405  C CB  . GLU A 1 53  ? -8.855  -12.149 -2.785  1.00 28.24 ? 50  GLU A CB  1 
ATOM   406  C CG  . GLU A 1 53  ? -9.928  -13.255 -2.972  1.00 30.32 ? 50  GLU A CG  1 
ATOM   407  C CD  . GLU A 1 53  ? -10.857 -12.965 -4.178  1.00 34.81 ? 50  GLU A CD  1 
ATOM   408  O OE1 . GLU A 1 53  ? -11.200 -11.783 -4.449  1.00 33.89 ? 50  GLU A OE1 1 
ATOM   409  O OE2 . GLU A 1 53  ? -11.272 -13.938 -4.841  1.00 38.24 ? 50  GLU A OE2 1 
ATOM   410  N N   . ARG A 1 54  ? -7.196  -10.005 -1.128  1.00 26.08 ? 51  ARG A N   1 
ATOM   411  C CA  . ARG A 1 54  ? -6.115  -9.027  -1.221  1.00 26.21 ? 51  ARG A CA  1 
ATOM   412  C C   . ARG A 1 54  ? -5.080  -9.272  -0.122  1.00 25.70 ? 51  ARG A C   1 
ATOM   413  O O   . ARG A 1 54  ? -3.887  -9.120  -0.377  1.00 25.61 ? 51  ARG A O   1 
ATOM   414  C CB  . ARG A 1 54  ? -6.630  -7.581  -1.162  1.00 24.81 ? 51  ARG A CB  1 
ATOM   415  C CG  . ARG A 1 54  ? -7.322  -7.120  -2.472  1.00 26.73 ? 51  ARG A CG  1 
ATOM   416  C CD  . ARG A 1 54  ? -7.941  -5.712  -2.306  1.00 22.65 ? 51  ARG A CD  1 
ATOM   417  N NE  . ARG A 1 54  ? -9.265  -5.746  -1.675  1.00 25.05 ? 51  ARG A NE  1 
ATOM   418  C CZ  . ARG A 1 54  ? -9.709  -4.823  -0.818  1.00 26.29 ? 51  ARG A CZ  1 
ATOM   419  N NH1 . ARG A 1 54  ? -10.911 -4.938  -0.283  1.00 22.12 ? 51  ARG A NH1 1 
ATOM   420  N NH2 . ARG A 1 54  ? -8.945  -3.798  -0.460  1.00 24.34 ? 51  ARG A NH2 1 
ATOM   421  N N   . VAL A 1 55  ? -5.555  -9.663  1.070   1.00 24.63 ? 52  VAL A N   1 
ATOM   422  C CA  . VAL A 1 55  ? -4.684  -10.060 2.189   1.00 24.29 ? 52  VAL A CA  1 
ATOM   423  C C   . VAL A 1 55  ? -3.841  -11.287 1.823   1.00 24.49 ? 52  VAL A C   1 
ATOM   424  O O   . VAL A 1 55  ? -2.619  -11.269 2.011   1.00 25.20 ? 52  VAL A O   1 
ATOM   425  C CB  . VAL A 1 55  ? -5.459  -10.248 3.506   1.00 23.93 ? 52  VAL A CB  1 
ATOM   426  C CG1 . VAL A 1 55  ? -4.567  -10.936 4.619   1.00 23.03 ? 52  VAL A CG1 1 
ATOM   427  C CG2 . VAL A 1 55  ? -5.981  -8.871  3.992   1.00 23.08 ? 52  VAL A CG2 1 
ATOM   428  N N   . ALA A 1 56  ? -4.457  -12.296 1.223   1.00 23.24 ? 53  ALA A N   1 
ATOM   429  C CA  . ALA A 1 56  ? -3.736  -13.493 0.827   1.00 23.65 ? 53  ALA A CA  1 
ATOM   430  C C   . ALA A 1 56  ? -2.639  -13.161 -0.178  1.00 24.80 ? 53  ALA A C   1 
ATOM   431  O O   . ALA A 1 56  ? -1.513  -13.659 -0.040  1.00 25.19 ? 53  ALA A O   1 
ATOM   432  C CB  . ALA A 1 56  ? -4.718  -14.613 0.244   1.00 23.73 ? 53  ALA A CB  1 
ATOM   433  N N   . LEU A 1 57  ? -2.966  -12.352 -1.196  1.00 24.71 ? 54  LEU A N   1 
ATOM   434  C CA  . LEU A 1 57  ? -1.985  -11.993 -2.230  1.00 25.30 ? 54  LEU A CA  1 
ATOM   435  C C   . LEU A 1 57  ? -0.819  -11.186 -1.654  1.00 25.00 ? 54  LEU A C   1 
ATOM   436  O O   . LEU A 1 57  ? 0.321   -11.434 -1.994  1.00 24.68 ? 54  LEU A O   1 
ATOM   437  C CB  . LEU A 1 57  ? -2.660  -11.218 -3.400  1.00 25.69 ? 54  LEU A CB  1 
ATOM   438  C CG  . LEU A 1 57  ? -3.597  -12.070 -4.282  1.00 26.65 ? 54  LEU A CG  1 
ATOM   439  C CD1 . LEU A 1 57  ? -4.270  -11.158 -5.314  1.00 24.90 ? 54  LEU A CD1 1 
ATOM   440  C CD2 . LEU A 1 57  ? -2.816  -13.186 -5.022  1.00 23.57 ? 54  LEU A CD2 1 
ATOM   441  N N   . ALA A 1 58  ? -1.114  -10.223 -0.789  1.00 24.41 ? 55  ALA A N   1 
ATOM   442  C CA  . ALA A 1 58  ? -0.066  -9.444  -0.150  1.00 24.03 ? 55  ALA A CA  1 
ATOM   443  C C   . ALA A 1 58  ? 0.802   -10.318 0.762   1.00 24.42 ? 55  ALA A C   1 
ATOM   444  O O   . ALA A 1 58  ? 2.013   -10.089 0.865   1.00 23.30 ? 55  ALA A O   1 
ATOM   445  C CB  . ALA A 1 58  ? -0.688  -8.251  0.633   1.00 23.03 ? 55  ALA A CB  1 
ATOM   446  N N   . LYS A 1 59  ? 0.202   -11.313 1.439   1.00 23.81 ? 56  LYS A N   1 
ATOM   447  C CA  . LYS A 1 59  ? 1.026   -12.287 2.224   1.00 24.36 ? 56  LYS A CA  1 
ATOM   448  C C   . LYS A 1 59  ? 1.971   -13.093 1.335   1.00 25.27 ? 56  LYS A C   1 
ATOM   449  O O   . LYS A 1 59  ? 3.081   -13.358 1.713   1.00 24.04 ? 56  LYS A O   1 
ATOM   450  C CB  . LYS A 1 59  ? 0.177   -13.268 3.048   1.00 23.43 ? 56  LYS A CB  1 
ATOM   451  C CG  . LYS A 1 59  ? -0.445  -12.614 4.248   1.00 24.66 ? 56  LYS A CG  1 
ATOM   452  C CD  . LYS A 1 59  ? -1.407  -13.629 4.957   1.00 25.08 ? 56  LYS A CD  1 
ATOM   453  C CE  . LYS A 1 59  ? -1.936  -13.060 6.267   1.00 21.38 ? 56  LYS A CE  1 
ATOM   454  N NZ  . LYS A 1 59  ? -3.040  -13.960 6.754   1.00 26.67 ? 56  LYS A NZ  1 
ATOM   455  N N   . LYS A 1 60  ? 1.503   -13.523 0.172   1.00 26.25 ? 57  LYS A N   1 
ATOM   456  C CA  . LYS A 1 60  ? 2.372   -14.281 -0.707  1.00 28.50 ? 57  LYS A CA  1 
ATOM   457  C C   . LYS A 1 60  ? 3.561   -13.470 -1.164  1.00 28.08 ? 57  LYS A C   1 
ATOM   458  O O   . LYS A 1 60  ? 4.677   -13.998 -1.272  1.00 28.96 ? 57  LYS A O   1 
ATOM   459  C CB  . LYS A 1 60  ? 1.644   -14.715 -1.984  1.00 28.42 ? 57  LYS A CB  1 
ATOM   460  C CG  . LYS A 1 60  ? 0.648   -15.750 -1.729  1.00 33.34 ? 57  LYS A CG  1 
ATOM   461  C CD  . LYS A 1 60  ? -0.019  -16.204 -2.996  1.00 37.04 ? 57  LYS A CD  1 
ATOM   462  C CE  . LYS A 1 60  ? -1.041  -17.230 -2.615  1.00 39.39 ? 57  LYS A CE  1 
ATOM   463  N NZ  . LYS A 1 60  ? -1.218  -18.088 -3.786  1.00 43.39 ? 57  LYS A NZ  1 
ATOM   464  N N   . VAL A 1 61  ? 3.335   -12.215 -1.513  1.00 26.95 ? 58  VAL A N   1 
ATOM   465  C CA  . VAL A 1 61  ? 4.450   -11.453 -2.059  1.00 26.96 ? 58  VAL A CA  1 
ATOM   466  C C   . VAL A 1 61  ? 5.303   -10.814 -0.983  1.00 25.63 ? 58  VAL A C   1 
ATOM   467  O O   . VAL A 1 61  ? 6.460   -10.513 -1.244  1.00 25.91 ? 58  VAL A O   1 
ATOM   468  C CB  . VAL A 1 61  ? 4.033   -10.444 -3.180  1.00 28.56 ? 58  VAL A CB  1 
ATOM   469  C CG1 . VAL A 1 61  ? 2.959   -11.060 -4.069  1.00 28.13 ? 58  VAL A CG1 1 
ATOM   470  C CG2 . VAL A 1 61  ? 3.552   -9.185  -2.607  1.00 28.90 ? 58  VAL A CG2 1 
ATOM   471  N N   . THR A 1 62  ? 4.794   -10.643 0.234   1.00 24.58 ? 59  THR A N   1 
ATOM   472  C CA  . THR A 1 62  ? 5.682   -10.114 1.313   1.00 24.42 ? 59  THR A CA  1 
ATOM   473  C C   . THR A 1 62  ? 6.277   -11.216 2.196   1.00 24.28 ? 59  THR A C   1 
ATOM   474  O O   . THR A 1 62  ? 6.999   -10.924 3.149   1.00 24.27 ? 59  THR A O   1 
ATOM   475  C CB  . THR A 1 62  ? 4.948   -9.111  2.203   1.00 24.40 ? 59  THR A CB  1 
ATOM   476  O OG1 . THR A 1 62  ? 3.808   -9.730  2.811   1.00 25.38 ? 59  THR A OG1 1 
ATOM   477  C CG2 . THR A 1 62  ? 4.476   -7.886  1.372   1.00 23.95 ? 59  THR A CG2 1 
ATOM   478  N N   . ALA A 1 63  ? 5.997   -12.485 1.880   1.00 23.17 ? 60  ALA A N   1 
ATOM   479  C CA  . ALA A 1 63  ? 6.519   -13.613 2.695   1.00 23.00 ? 60  ALA A CA  1 
ATOM   480  C C   . ALA A 1 63  ? 7.997   -13.489 3.051   1.00 23.23 ? 60  ALA A C   1 
ATOM   481  O O   . ALA A 1 63  ? 8.383   -13.705 4.204   1.00 22.72 ? 60  ALA A O   1 
ATOM   482  C CB  . ALA A 1 63  ? 6.285   -14.960 1.959   1.00 22.54 ? 60  ALA A CB  1 
ATOM   483  N N   . PRO A 1 64  ? 8.858   -13.120 2.068   1.00 24.35 ? 61  PRO A N   1 
ATOM   484  C CA  . PRO A 1 64  ? 10.286  -13.052 2.415   1.00 24.32 ? 61  PRO A CA  1 
ATOM   485  C C   . PRO A 1 64  ? 10.701  -11.879 3.331   1.00 25.35 ? 61  PRO A C   1 
ATOM   486  O O   . PRO A 1 64  ? 11.802  -11.910 3.866   1.00 26.39 ? 61  PRO A O   1 
ATOM   487  C CB  . PRO A 1 64  ? 10.996  -12.969 1.065   1.00 24.93 ? 61  PRO A CB  1 
ATOM   488  C CG  . PRO A 1 64  ? 9.916   -12.832 -0.013  1.00 26.24 ? 61  PRO A CG  1 
ATOM   489  C CD  . PRO A 1 64  ? 8.580   -12.657 0.692   1.00 24.68 ? 61  PRO A CD  1 
ATOM   490  N N   . LEU A 1 65  ? 9.818   -10.911 3.588   1.00 24.84 ? 62  LEU A N   1 
ATOM   491  C CA  . LEU A 1 65  ? 10.186  -9.773  4.435   1.00 25.31 ? 62  LEU A CA  1 
ATOM   492  C C   . LEU A 1 65  ? 9.822   -10.058 5.873   1.00 26.14 ? 62  LEU A C   1 
ATOM   493  O O   . LEU A 1 65  ? 8.626   -9.963  6.230   1.00 25.80 ? 62  LEU A O   1 
ATOM   494  C CB  . LEU A 1 65  ? 9.461   -8.466  3.948   1.00 24.57 ? 62  LEU A CB  1 
ATOM   495  C CG  . LEU A 1 65  ? 9.612   -8.181  2.450   1.00 24.91 ? 62  LEU A CG  1 
ATOM   496  C CD1 . LEU A 1 65  ? 8.710   -6.998  1.967   1.00 23.45 ? 62  LEU A CD1 1 
ATOM   497  C CD2 . LEU A 1 65  ? 11.099  -7.972  2.108   1.00 23.56 ? 62  LEU A CD2 1 
ATOM   498  N N   . LYS A 1 66  ? 10.831  -10.319 6.707   1.00 27.12 ? 63  LYS A N   1 
ATOM   499  C CA  . LYS A 1 66  ? 10.624  -10.852 8.068   1.00 29.20 ? 63  LYS A CA  1 
ATOM   500  C C   . LYS A 1 66  ? 9.815   -9.933  8.957   1.00 29.12 ? 63  LYS A C   1 
ATOM   501  O O   . LYS A 1 66  ? 9.077   -10.405 9.828   1.00 29.05 ? 63  LYS A O   1 
ATOM   502  C CB  . LYS A 1 66  ? 11.943  -11.111 8.849   1.00 28.55 ? 63  LYS A CB  1 
ATOM   503  C CG  . LYS A 1 66  ? 12.920  -12.070 8.264   1.00 33.46 ? 63  LYS A CG  1 
ATOM   504  C CD  . LYS A 1 66  ? 14.279  -12.059 9.041   1.00 35.64 ? 63  LYS A CD  1 
ATOM   505  C CE  . LYS A 1 66  ? 14.066  -12.333 10.549  1.00 36.97 ? 63  LYS A CE  1 
ATOM   506  N NZ  . LYS A 1 66  ? 15.327  -12.816 11.210  1.00 39.33 ? 63  LYS A NZ  1 
ATOM   507  N N   . ASN A 1 67  ? 10.020  -8.632  8.799   1.00 28.55 ? 64  ASN A N   1 
ATOM   508  C CA  . ASN A 1 67  ? 9.463   -7.661  9.730   1.00 28.48 ? 64  ASN A CA  1 
ATOM   509  C C   . ASN A 1 67  ? 8.190   -7.015  9.153   1.00 29.03 ? 64  ASN A C   1 
ATOM   510  O O   . ASN A 1 67  ? 7.781   -5.927  9.575   1.00 29.59 ? 64  ASN A O   1 
ATOM   511  C CB  . ASN A 1 67  ? 10.547  -6.615  10.110  1.00 27.55 ? 64  ASN A CB  1 
ATOM   512  C CG  . ASN A 1 67  ? 10.953  -5.757  8.919   1.00 27.92 ? 64  ASN A CG  1 
ATOM   513  O OD1 . ASN A 1 67  ? 10.762  -6.166  7.756   1.00 25.72 ? 64  ASN A OD1 1 
ATOM   514  N ND2 . ASN A 1 67  ? 11.439  -4.546  9.186   1.00 24.17 ? 64  ASN A ND2 1 
ATOM   515  N N   . VAL A 1 68  ? 7.552   -7.682  8.190   1.00 28.39 ? 65  VAL A N   1 
ATOM   516  C CA  . VAL A 1 68  ? 6.325   -7.142  7.607   1.00 28.24 ? 65  VAL A CA  1 
ATOM   517  C C   . VAL A 1 68  ? 5.183   -8.047  7.996   1.00 28.84 ? 65  VAL A C   1 
ATOM   518  O O   . VAL A 1 68  ? 5.294   -9.251  7.900   1.00 28.12 ? 65  VAL A O   1 
ATOM   519  C CB  . VAL A 1 68  ? 6.386   -6.999  6.021   1.00 27.93 ? 65  VAL A CB  1 
ATOM   520  C CG1 . VAL A 1 68  ? 4.998   -6.711  5.439   1.00 28.02 ? 65  VAL A CG1 1 
ATOM   521  C CG2 . VAL A 1 68  ? 7.405   -5.912  5.599   1.00 26.46 ? 65  VAL A CG2 1 
ATOM   522  N N   . GLU A 1 69  ? 4.067   -7.446  8.374   1.00 29.82 ? 66  GLU A N   1 
ATOM   523  C CA  . GLU A 1 69  ? 2.849   -8.159  8.726   1.00 30.16 ? 66  GLU A CA  1 
ATOM   524  C C   . GLU A 1 69  ? 1.705   -7.587  7.843   1.00 29.51 ? 66  GLU A C   1 
ATOM   525  O O   . GLU A 1 69  ? 1.619   -6.362  7.657   1.00 28.59 ? 66  GLU A O   1 
ATOM   526  C CB  . GLU A 1 69  ? 2.594   -7.867  10.200  1.00 31.17 ? 66  GLU A CB  1 
ATOM   527  C CG  . GLU A 1 69  ? 1.225   -8.141  10.688  1.00 37.39 ? 66  GLU A CG  1 
ATOM   528  C CD  . GLU A 1 69  ? 1.067   -7.879  12.179  1.00 44.98 ? 66  GLU A CD  1 
ATOM   529  O OE1 . GLU A 1 69  ? 1.750   -6.947  12.713  1.00 46.89 ? 66  GLU A OE1 1 
ATOM   530  O OE2 . GLU A 1 69  ? 0.248   -8.617  12.802  1.00 47.68 ? 66  GLU A OE2 1 
ATOM   531  N N   . VAL A 1 70  ? 0.839   -8.445  7.309   1.00 27.28 ? 67  VAL A N   1 
ATOM   532  C CA  . VAL A 1 70  ? -0.276  -7.962  6.462   1.00 26.69 ? 67  VAL A CA  1 
ATOM   533  C C   . VAL A 1 70  ? -1.601  -8.003  7.251   1.00 26.77 ? 67  VAL A C   1 
ATOM   534  O O   . VAL A 1 70  ? -1.915  -9.025  7.818   1.00 25.31 ? 67  VAL A O   1 
ATOM   535  C CB  . VAL A 1 70  ? -0.400  -8.837  5.173   1.00 26.88 ? 67  VAL A CB  1 
ATOM   536  C CG1 . VAL A 1 70  ? -1.616  -8.404  4.346   1.00 25.40 ? 67  VAL A CG1 1 
ATOM   537  C CG2 . VAL A 1 70  ? 0.904   -8.780  4.359   1.00 22.28 ? 67  VAL A CG2 1 
ATOM   538  N N   . LEU A 1 71  ? -2.356  -6.904  7.308   1.00 26.64 ? 68  LEU A N   1 
ATOM   539  C CA  . LEU A 1 71  ? -3.588  -6.862  8.101   1.00 27.44 ? 68  LEU A CA  1 
ATOM   540  C C   . LEU A 1 71  ? -4.667  -6.124  7.336   1.00 28.47 ? 68  LEU A C   1 
ATOM   541  O O   . LEU A 1 71  ? -4.377  -5.080  6.711   1.00 27.91 ? 68  LEU A O   1 
ATOM   542  C CB  . LEU A 1 71  ? -3.365  -6.129  9.438   1.00 27.53 ? 68  LEU A CB  1 
ATOM   543  C CG  . LEU A 1 71  ? -2.578  -6.819  10.581  1.00 31.08 ? 68  LEU A CG  1 
ATOM   544  C CD1 . LEU A 1 71  ? -2.396  -5.846  11.753  1.00 31.11 ? 68  LEU A CD1 1 
ATOM   545  C CD2 . LEU A 1 71  ? -3.221  -8.181  11.099  1.00 28.23 ? 68  LEU A CD2 1 
ATOM   546  N N   . GLY A 1 72  ? -5.905  -6.630  7.394   1.00 26.96 ? 69  GLY A N   1 
ATOM   547  C CA  . GLY A 1 72  ? -7.038  -5.947  6.755   1.00 27.12 ? 69  GLY A CA  1 
ATOM   548  C C   . GLY A 1 72  ? -7.628  -4.971  7.765   1.00 28.12 ? 69  GLY A C   1 
ATOM   549  O O   . GLY A 1 72  ? -7.592  -5.233  8.953   1.00 27.58 ? 69  GLY A O   1 
ATOM   550  N N   . PHE A 1 73  ? -8.135  -3.822  7.326   1.00 27.63 ? 70  PHE A N   1 
ATOM   551  C CA  . PHE A 1 73  ? -8.807  -2.953  8.281   1.00 29.04 ? 70  PHE A CA  1 
ATOM   552  C C   . PHE A 1 73  ? -9.909  -2.173  7.589   1.00 29.70 ? 70  PHE A C   1 
ATOM   553  O O   . PHE A 1 73  ? -9.890  -1.995  6.368   1.00 29.82 ? 70  PHE A O   1 
ATOM   554  C CB  . PHE A 1 73  ? -7.813  -1.994  8.972   1.00 28.66 ? 70  PHE A CB  1 
ATOM   555  C CG  . PHE A 1 73  ? -7.344  -0.873  8.086   1.00 29.25 ? 70  PHE A CG  1 
ATOM   556  C CD1 . PHE A 1 73  ? -7.797  0.432   8.286   1.00 29.25 ? 70  PHE A CD1 1 
ATOM   557  C CD2 . PHE A 1 73  ? -6.451  -1.123  7.029   1.00 30.58 ? 70  PHE A CD2 1 
ATOM   558  C CE1 . PHE A 1 73  ? -7.346  1.491   7.442   1.00 30.00 ? 70  PHE A CE1 1 
ATOM   559  C CE2 . PHE A 1 73  ? -6.014  -0.078  6.165   1.00 30.40 ? 70  PHE A CE2 1 
ATOM   560  C CZ  . PHE A 1 73  ? -6.461  1.226   6.373   1.00 29.83 ? 70  PHE A CZ  1 
ATOM   561  N N   . SER A 1 74  ? -10.862 -1.692  8.371   1.00 30.79 ? 71  SER A N   1 
ATOM   562  C CA  . SER A 1 74  ? -11.897 -0.849  7.808   1.00 32.75 ? 71  SER A CA  1 
ATOM   563  C C   . SER A 1 74  ? -12.101 0.481   8.536   1.00 33.44 ? 71  SER A C   1 
ATOM   564  O O   . SER A 1 74  ? -12.932 1.264   8.142   1.00 35.18 ? 71  SER A O   1 
ATOM   565  C CB  . SER A 1 74  ? -13.205 -1.607  7.784   1.00 32.75 ? 71  SER A CB  1 
ATOM   566  O OG  . SER A 1 74  ? -13.556 -1.818  9.132   1.00 34.17 ? 71  SER A OG  1 
ATOM   567  N N   . GLU A 1 75  ? -11.357 0.757   9.582   1.00 34.31 ? 72  GLU A N   1 
ATOM   568  C CA  . GLU A 1 75  ? -11.468 2.065   10.229  1.00 35.16 ? 72  GLU A CA  1 
ATOM   569  C C   . GLU A 1 75  ? -10.591 3.147   9.497   1.00 34.24 ? 72  GLU A C   1 
ATOM   570  O O   . GLU A 1 75  ? -10.011 2.888   8.444   1.00 33.46 ? 72  GLU A O   1 
ATOM   571  C CB  . GLU A 1 75  ? -11.091 1.911   11.714  1.00 35.70 ? 72  GLU A CB  1 
ATOM   572  C CG  . GLU A 1 75  ? -9.658  1.448   11.976  1.00 39.68 ? 72  GLU A CG  1 
ATOM   573  C CD  . GLU A 1 75  ? -9.534  -0.031  12.443  1.00 48.16 ? 72  GLU A CD  1 
ATOM   574  O OE1 . GLU A 1 75  ? -8.896  -0.230  13.512  1.00 49.77 ? 72  GLU A OE1 1 
ATOM   575  O OE2 . GLU A 1 75  ? -10.040 -0.986  11.754  1.00 49.47 ? 72  GLU A OE2 1 
ATOM   576  N N   . LEU A 1 76  ? -10.493 4.347   10.062  1.00 33.93 ? 73  LEU A N   1 
ATOM   577  C CA  . LEU A 1 76  ? -9.542  5.350   9.574   1.00 32.85 ? 73  LEU A CA  1 
ATOM   578  C C   . LEU A 1 76  ? -8.120  4.825   9.701   1.00 32.20 ? 73  LEU A C   1 
ATOM   579  O O   . LEU A 1 76  ? -7.775  4.203   10.734  1.00 30.78 ? 73  LEU A O   1 
ATOM   580  C CB  . LEU A 1 76  ? -9.659  6.618   10.431  1.00 33.77 ? 73  LEU A CB  1 
ATOM   581  C CG  . LEU A 1 76  ? -10.453 7.827   9.961   1.00 34.83 ? 73  LEU A CG  1 
ATOM   582  C CD1 . LEU A 1 76  ? -11.370 7.535   8.782   1.00 35.84 ? 73  LEU A CD1 1 
ATOM   583  C CD2 . LEU A 1 76  ? -11.180 8.463   11.120  1.00 34.01 ? 73  LEU A CD2 1 
ATOM   584  N N   . MET A 1 77  ? -7.295  5.080   8.679   1.00 29.97 ? 74  MET A N   1 
ATOM   585  C CA  . MET A 1 77  ? -5.913  4.716   8.757   1.00 30.89 ? 74  MET A CA  1 
ATOM   586  C C   . MET A 1 77  ? -5.200  5.242   10.029  1.00 30.77 ? 74  MET A C   1 
ATOM   587  O O   . MET A 1 77  ? -4.372  4.534   10.611  1.00 30.38 ? 74  MET A O   1 
ATOM   588  C CB  . MET A 1 77  ? -5.142  5.047   7.466   1.00 30.68 ? 74  MET A CB  1 
ATOM   589  C CG  . MET A 1 77  ? -4.770  6.512   7.252   1.00 33.17 ? 74  MET A CG  1 
ATOM   590  S SD  . MET A 1 77  ? -4.079  6.720   5.567   1.00 35.00 ? 74  MET A SD  1 
ATOM   591  C CE  . MET A 1 77  ? -5.420  6.160   4.466   1.00 34.26 ? 74  MET A CE  1 
ATOM   592  N N   . ALA A 1 78  ? -5.524  6.469   10.442  1.00 29.73 ? 75  ALA A N   1 
ATOM   593  C CA  . ALA A 1 78  ? -4.963  7.049   11.655  1.00 29.55 ? 75  ALA A CA  1 
ATOM   594  C C   . ALA A 1 78  ? -5.376  6.253   12.916  1.00 29.93 ? 75  ALA A C   1 
ATOM   595  O O   . ALA A 1 78  ? -4.543  6.033   13.770  1.00 30.02 ? 75  ALA A O   1 
ATOM   596  C CB  . ALA A 1 78  ? -5.368  8.577   11.807  1.00 29.18 ? 75  ALA A CB  1 
ATOM   597  N N   . GLU A 1 79  ? -6.640  5.852   13.046  1.00 30.15 ? 76  GLU A N   1 
ATOM   598  C CA  A GLU A 1 79  ? -7.053  5.058   14.198  0.60 30.99 ? 76  GLU A CA  1 
ATOM   599  C CA  B GLU A 1 79  ? -7.105  5.031   14.179  0.40 30.70 ? 76  GLU A CA  1 
ATOM   600  C C   . GLU A 1 79  ? -6.408  3.665   14.175  1.00 30.97 ? 76  GLU A C   1 
ATOM   601  O O   . GLU A 1 79  ? -6.042  3.104   15.229  1.00 30.50 ? 76  GLU A O   1 
ATOM   602  C CB  A GLU A 1 79  ? -8.576  4.965   14.279  0.60 31.15 ? 76  GLU A CB  1 
ATOM   603  C CB  B GLU A 1 79  ? -8.625  4.816   14.117  0.40 30.76 ? 76  GLU A CB  1 
ATOM   604  C CG  A GLU A 1 79  ? -9.208  6.190   14.921  0.60 34.23 ? 76  GLU A CG  1 
ATOM   605  C CG  B GLU A 1 79  ? -9.473  6.037   14.428  0.40 32.11 ? 76  GLU A CG  1 
ATOM   606  C CD  A GLU A 1 79  ? -8.723  6.444   16.350  0.60 37.54 ? 76  GLU A CD  1 
ATOM   607  C CD  B GLU A 1 79  ? -10.834 5.675   15.027  0.40 34.55 ? 76  GLU A CD  1 
ATOM   608  O OE1 A GLU A 1 79  ? -8.649  5.478   17.139  0.60 39.12 ? 76  GLU A OE1 1 
ATOM   609  O OE1 B GLU A 1 79  ? -11.039 4.472   15.337  0.40 34.51 ? 76  GLU A OE1 1 
ATOM   610  O OE2 A GLU A 1 79  ? -8.423  7.613   16.681  0.60 40.05 ? 76  GLU A OE2 1 
ATOM   611  O OE2 B GLU A 1 79  ? -11.687 6.590   15.186  0.40 34.19 ? 76  GLU A OE2 1 
ATOM   612  N N   . PHE A 1 80  ? -6.220  3.140   12.971  1.00 30.63 ? 77  PHE A N   1 
ATOM   613  C CA  . PHE A 1 80  ? -5.572  1.886   12.811  1.00 29.85 ? 77  PHE A CA  1 
ATOM   614  C C   . PHE A 1 80  ? -4.142  2.018   13.308  1.00 29.37 ? 77  PHE A C   1 
ATOM   615  O O   . PHE A 1 80  ? -3.679  1.181   14.087  1.00 28.93 ? 77  PHE A O   1 
ATOM   616  C CB  . PHE A 1 80  ? -5.608  1.461   11.363  1.00 29.65 ? 77  PHE A CB  1 
ATOM   617  C CG  . PHE A 1 80  ? -5.064  0.095   11.143  1.00 31.25 ? 77  PHE A CG  1 
ATOM   618  C CD1 . PHE A 1 80  ? -5.819  -1.024  11.495  1.00 32.33 ? 77  PHE A CD1 1 
ATOM   619  C CD2 . PHE A 1 80  ? -3.791  -0.081  10.621  1.00 31.71 ? 77  PHE A CD2 1 
ATOM   620  C CE1 . PHE A 1 80  ? -5.314  -2.309  11.303  1.00 33.52 ? 77  PHE A CE1 1 
ATOM   621  C CE2 . PHE A 1 80  ? -3.269  -1.361  10.448  1.00 34.55 ? 77  PHE A CE2 1 
ATOM   622  C CZ  . PHE A 1 80  ? -4.060  -2.471  10.768  1.00 33.40 ? 77  PHE A CZ  1 
ATOM   623  N N   . ALA A 1 81  ? -3.458  3.093   12.920  1.00 28.65 ? 78  ALA A N   1 
ATOM   624  C CA  . ALA A 1 81  ? -2.075  3.290   13.378  1.00 28.72 ? 78  ALA A CA  1 
ATOM   625  C C   . ALA A 1 81  ? -2.047  3.387   14.906  1.00 29.26 ? 78  ALA A C   1 
ATOM   626  O O   . ALA A 1 81  ? -1.249  2.742   15.565  1.00 28.92 ? 78  ALA A O   1 
ATOM   627  C CB  . ALA A 1 81  ? -1.401  4.535   12.698  1.00 27.74 ? 78  ALA A CB  1 
ATOM   628  N N   . LYS A 1 82  ? -2.956  4.167   15.476  1.00 31.14 ? 79  LYS A N   1 
ATOM   629  C CA  . LYS A 1 82  ? -2.975  4.323   16.930  1.00 32.66 ? 79  LYS A CA  1 
ATOM   630  C C   . LYS A 1 82  ? -3.205  2.963   17.617  1.00 32.50 ? 79  LYS A C   1 
ATOM   631  O O   . LYS A 1 82  ? -2.518  2.624   18.578  1.00 32.04 ? 79  LYS A O   1 
ATOM   632  C CB  . LYS A 1 82  ? -4.023  5.347   17.362  1.00 33.10 ? 79  LYS A CB  1 
ATOM   633  C CG  . LYS A 1 82  ? -3.832  5.798   18.818  1.00 37.43 ? 79  LYS A CG  1 
ATOM   634  C CD  . LYS A 1 82  ? -4.894  6.840   19.225  1.00 44.56 ? 79  LYS A CD  1 
ATOM   635  C CE  . LYS A 1 82  ? -5.028  6.924   20.760  1.00 48.08 ? 79  LYS A CE  1 
ATOM   636  N NZ  . LYS A 1 82  ? -6.449  7.203   21.166  1.00 50.68 ? 79  LYS A NZ  1 
ATOM   637  N N   . LYS A 1 83  ? -4.133  2.185   17.073  1.00 32.58 ? 80  LYS A N   1 
ATOM   638  C CA  . LYS A 1 83  ? -4.445  0.868   17.604  1.00 33.67 ? 80  LYS A CA  1 
ATOM   639  C C   . LYS A 1 83  ? -3.212  -0.030  17.636  1.00 33.37 ? 80  LYS A C   1 
ATOM   640  O O   . LYS A 1 83  ? -2.983  -0.718  18.615  1.00 33.55 ? 80  LYS A O   1 
ATOM   641  C CB  . LYS A 1 83  ? -5.505  0.229   16.740  1.00 34.47 ? 80  LYS A CB  1 
ATOM   642  C CG  . LYS A 1 83  ? -6.229  -0.878  17.407  1.00 38.87 ? 80  LYS A CG  1 
ATOM   643  C CD  . LYS A 1 83  ? -6.915  -1.796  16.377  1.00 45.93 ? 80  LYS A CD  1 
ATOM   644  C CE  . LYS A 1 83  ? -7.259  -3.188  17.001  1.00 49.29 ? 80  LYS A CE  1 
ATOM   645  N NZ  . LYS A 1 83  ? -7.416  -4.202  15.905  1.00 52.70 ? 80  LYS A NZ  1 
ATOM   646  N N   . HIS A 1 84  ? -2.406  -0.005  16.575  1.00 32.23 ? 81  HIS A N   1 
ATOM   647  C CA  . HIS A 1 84  ? -1.208  -0.812  16.489  1.00 31.91 ? 81  HIS A CA  1 
ATOM   648  C C   . HIS A 1 84  ? 0.082   -0.135  16.977  1.00 31.55 ? 81  HIS A C   1 
ATOM   649  O O   . HIS A 1 84  ? 1.174   -0.642  16.750  1.00 31.32 ? 81  HIS A O   1 
ATOM   650  C CB  . HIS A 1 84  ? -1.080  -1.391  15.073  1.00 31.22 ? 81  HIS A CB  1 
ATOM   651  C CG  . HIS A 1 84  ? -2.178  -2.352  14.755  1.00 33.51 ? 81  HIS A CG  1 
ATOM   652  N ND1 . HIS A 1 84  ? -2.119  -3.691  15.101  1.00 32.31 ? 81  HIS A ND1 1 
ATOM   653  C CD2 . HIS A 1 84  ? -3.400  -2.157  14.197  1.00 33.31 ? 81  HIS A CD2 1 
ATOM   654  C CE1 . HIS A 1 84  ? -3.244  -4.282  14.738  1.00 34.31 ? 81  HIS A CE1 1 
ATOM   655  N NE2 . HIS A 1 84  ? -4.042  -3.372  14.202  1.00 34.39 ? 81  HIS A NE2 1 
ATOM   656  N N   . ASN A 1 85  ? -0.045  0.991   17.669  1.00 32.00 ? 82  ASN A N   1 
ATOM   657  C CA  . ASN A 1 85  ? 1.135   1.718   18.161  1.00 33.17 ? 82  ASN A CA  1 
ATOM   658  C C   . ASN A 1 85  ? 2.160   2.070   17.065  1.00 32.47 ? 82  ASN A C   1 
ATOM   659  O O   . ASN A 1 85  ? 3.360   1.959   17.283  1.00 33.46 ? 82  ASN A O   1 
ATOM   660  C CB  . ASN A 1 85  ? 1.814   0.937   19.302  1.00 33.70 ? 82  ASN A CB  1 
ATOM   661  C CG  . ASN A 1 85  ? 0.880   0.682   20.455  1.00 37.33 ? 82  ASN A CG  1 
ATOM   662  O OD1 . ASN A 1 85  ? 0.457   1.614   21.131  1.00 42.78 ? 82  ASN A OD1 1 
ATOM   663  N ND2 . ASN A 1 85  ? 0.530   -0.588  20.677  1.00 41.20 ? 82  ASN A ND2 1 
ATOM   664  N N   . ALA A 1 86  ? 1.693   2.470   15.887  1.00 31.37 ? 83  ALA A N   1 
ATOM   665  C CA  . ALA A 1 86  ? 2.607   2.823   14.808  1.00 31.45 ? 83  ALA A CA  1 
ATOM   666  C C   . ALA A 1 86  ? 2.882   4.309   14.932  1.00 31.46 ? 83  ALA A C   1 
ATOM   667  O O   . ALA A 1 86  ? 2.005   5.061   15.314  1.00 31.09 ? 83  ALA A O   1 
ATOM   668  C CB  . ALA A 1 86  ? 1.996   2.532   13.497  1.00 30.86 ? 83  ALA A CB  1 
ATOM   669  N N   . ASN A 1 87  ? 4.106   4.715   14.662  1.00 31.09 ? 84  ASN A N   1 
ATOM   670  C CA  . ASN A 1 87  ? 4.461   6.122   14.742  1.00 32.58 ? 84  ASN A CA  1 
ATOM   671  C C   . ASN A 1 87  ? 4.763   6.727   13.354  1.00 31.19 ? 84  ASN A C   1 
ATOM   672  O O   . ASN A 1 87  ? 4.992   7.925   13.221  1.00 29.90 ? 84  ASN A O   1 
ATOM   673  C CB  . ASN A 1 87  ? 5.621   6.324   15.745  1.00 34.23 ? 84  ASN A CB  1 
ATOM   674  C CG  . ASN A 1 87  ? 6.595   5.134   15.761  1.00 40.02 ? 84  ASN A CG  1 
ATOM   675  O OD1 . ASN A 1 87  ? 7.232   4.846   14.759  1.00 47.54 ? 84  ASN A OD1 1 
ATOM   676  N ND2 . ASN A 1 87  ? 6.677   4.420   16.893  1.00 42.94 ? 84  ASN A ND2 1 
ATOM   677  N N   . ILE A 1 88  ? 4.757   5.871   12.326  1.00 29.61 ? 85  ILE A N   1 
ATOM   678  C CA  . ILE A 1 88  ? 5.092   6.305   10.975  1.00 28.46 ? 85  ILE A CA  1 
ATOM   679  C C   . ILE A 1 88  ? 4.031   5.804   10.026  1.00 28.35 ? 85  ILE A C   1 
ATOM   680  O O   . ILE A 1 88  ? 3.621   4.646   10.093  1.00 28.08 ? 85  ILE A O   1 
ATOM   681  C CB  . ILE A 1 88  ? 6.483   5.810   10.592  1.00 29.22 ? 85  ILE A CB  1 
ATOM   682  C CG1 . ILE A 1 88  ? 7.488   6.572   11.463  1.00 29.14 ? 85  ILE A CG1 1 
ATOM   683  C CG2 . ILE A 1 88  ? 6.744   5.962   9.047   1.00 27.35 ? 85  ILE A CG2 1 
ATOM   684  C CD1 . ILE A 1 88  ? 8.807   6.057   11.407  1.00 34.06 ? 85  ILE A CD1 1 
ATOM   685  N N   . LEU A 1 89  ? 3.561   6.685   9.158   1.00 27.69 ? 86  LEU A N   1 
ATOM   686  C CA  . LEU A 1 89  ? 2.663   6.282   8.093   1.00 28.38 ? 86  LEU A CA  1 
ATOM   687  C C   . LEU A 1 89  ? 3.401   6.503   6.742   1.00 28.16 ? 86  LEU A C   1 
ATOM   688  O O   . LEU A 1 89  ? 3.857   7.625   6.444   1.00 27.97 ? 86  LEU A O   1 
ATOM   689  C CB  . LEU A 1 89  ? 1.369   7.049   8.248   1.00 27.92 ? 86  LEU A CB  1 
ATOM   690  C CG  . LEU A 1 89  ? 0.357   7.262   7.121   1.00 34.07 ? 86  LEU A CG  1 
ATOM   691  C CD1 . LEU A 1 89  ? -0.059  6.020   6.513   1.00 35.56 ? 86  LEU A CD1 1 
ATOM   692  C CD2 . LEU A 1 89  ? -0.863  7.893   7.779   1.00 36.41 ? 86  LEU A CD2 1 
ATOM   693  N N   . VAL A 1 90  ? 3.573   5.418   5.987   1.00 27.02 ? 87  VAL A N   1 
ATOM   694  C CA  . VAL A 1 90  ? 4.330   5.415   4.743   1.00 27.54 ? 87  VAL A CA  1 
ATOM   695  C C   . VAL A 1 90  ? 3.338   5.495   3.595   1.00 27.62 ? 87  VAL A C   1 
ATOM   696  O O   . VAL A 1 90  ? 2.372   4.704   3.550   1.00 27.81 ? 87  VAL A O   1 
ATOM   697  C CB  . VAL A 1 90  ? 5.144   4.051   4.527   1.00 29.85 ? 87  VAL A CB  1 
ATOM   698  C CG1 . VAL A 1 90  ? 5.809   4.027   3.149   1.00 29.66 ? 87  VAL A CG1 1 
ATOM   699  C CG2 . VAL A 1 90  ? 6.181   3.846   5.604   1.00 29.02 ? 87  VAL A CG2 1 
ATOM   700  N N   . ARG A 1 91  ? 3.588   6.411   2.657   1.00 26.46 ? 88  ARG A N   1 
ATOM   701  C CA  . ARG A 1 91  ? 2.776   6.519   1.448   1.00 25.42 ? 88  ARG A CA  1 
ATOM   702  C C   . ARG A 1 91  ? 3.708   6.672   0.231   1.00 25.14 ? 88  ARG A C   1 
ATOM   703  O O   . ARG A 1 91  ? 4.829   7.245   0.329   1.00 23.60 ? 88  ARG A O   1 
ATOM   704  C CB  . ARG A 1 91  ? 1.863   7.752   1.554   1.00 27.47 ? 88  ARG A CB  1 
ATOM   705  C CG  . ARG A 1 91  ? 0.895   7.806   2.785   1.00 25.62 ? 88  ARG A CG  1 
ATOM   706  C CD  . ARG A 1 91  ? -0.278  6.877   2.517   1.00 30.93 ? 88  ARG A CD  1 
ATOM   707  N NE  . ARG A 1 91  ? -1.142  7.412   1.481   1.00 30.43 ? 88  ARG A NE  1 
ATOM   708  C CZ  . ARG A 1 91  ? -2.251  6.822   1.000   1.00 33.05 ? 88  ARG A CZ  1 
ATOM   709  N NH1 . ARG A 1 91  ? -2.672  5.667   1.478   1.00 33.16 ? 88  ARG A NH1 1 
ATOM   710  N NH2 . ARG A 1 91  ? -2.986  7.434   0.059   1.00 28.66 ? 88  ARG A NH2 1 
ATOM   711  N N   . GLY A 1 92  ? 3.232   6.209   -0.926  1.00 23.79 ? 89  GLY A N   1 
ATOM   712  C CA  . GLY A 1 92  ? 3.981   6.341   -2.163  1.00 24.80 ? 89  GLY A CA  1 
ATOM   713  C C   . GLY A 1 92  ? 3.581   7.632   -2.890  1.00 25.74 ? 89  GLY A C   1 
ATOM   714  O O   . GLY A 1 92  ? 2.445   8.050   -2.786  1.00 26.35 ? 89  GLY A O   1 
ATOM   715  N N   . LEU A 1 93  ? 4.521   8.265   -3.589  1.00 25.06 ? 90  LEU A N   1 
ATOM   716  C CA  . LEU A 1 93  ? 4.267   9.385   -4.449  1.00 27.38 ? 90  LEU A CA  1 
ATOM   717  C C   . LEU A 1 93  ? 4.801   9.036   -5.809  1.00 30.22 ? 90  LEU A C   1 
ATOM   718  O O   . LEU A 1 93  ? 6.025   9.107   -6.009  1.00 29.62 ? 90  LEU A O   1 
ATOM   719  C CB  . LEU A 1 93  ? 5.100   10.592  -4.007  1.00 27.74 ? 90  LEU A CB  1 
ATOM   720  C CG  . LEU A 1 93  ? 4.523   11.364  -2.831  1.00 30.04 ? 90  LEU A CG  1 
ATOM   721  C CD1 . LEU A 1 93  ? 5.462   12.538  -2.521  1.00 26.44 ? 90  LEU A CD1 1 
ATOM   722  C CD2 . LEU A 1 93  ? 3.070   11.869  -3.168  1.00 29.19 ? 90  LEU A CD2 1 
ATOM   723  N N   . ARG A 1 94  ? 3.927   8.682   -6.749  1.00 32.88 ? 91  ARG A N   1 
ATOM   724  C CA  . ARG A 1 94  ? 4.359   8.241   -8.097  1.00 36.22 ? 91  ARG A CA  1 
ATOM   725  C C   . ARG A 1 94  ? 4.492   9.403   -9.042  1.00 38.38 ? 91  ARG A C   1 
ATOM   726  O O   . ARG A 1 94  ? 5.269   9.282   -9.969  1.00 39.71 ? 91  ARG A O   1 
ATOM   727  C CB  . ARG A 1 94  ? 3.398   7.223   -8.721  1.00 36.10 ? 91  ARG A CB  1 
ATOM   728  C CG  . ARG A 1 94  ? 3.244   5.951   -7.924  1.00 39.45 ? 91  ARG A CG  1 
ATOM   729  C CD  . ARG A 1 94  ? 2.066   5.152   -8.421  1.00 46.73 ? 91  ARG A CD  1 
ATOM   730  N NE  . ARG A 1 94  ? 0.856   5.946   -8.262  1.00 50.21 ? 91  ARG A NE  1 
ATOM   731  C CZ  . ARG A 1 94  ? -0.344  5.675   -8.774  1.00 51.50 ? 91  ARG A CZ  1 
ATOM   732  N NH1 . ARG A 1 94  ? -0.566  4.602   -9.542  1.00 49.99 ? 91  ARG A NH1 1 
ATOM   733  N NH2 . ARG A 1 94  ? -1.332  6.525   -8.511  1.00 49.98 ? 91  ARG A NH2 1 
ATOM   734  N N   . SER A 1 95  ? 3.751   10.506  -8.792  1.00 39.91 ? 92  SER A N   1 
ATOM   735  C CA  . SER A 1 95  ? 3.705   11.693  -9.651  1.00 41.51 ? 92  SER A CA  1 
ATOM   736  C C   . SER A 1 95  ? 3.014   12.881  -8.974  1.00 41.89 ? 92  SER A C   1 
ATOM   737  O O   . SER A 1 95  ? 2.589   12.797  -7.825  1.00 41.80 ? 92  SER A O   1 
ATOM   738  C CB  . SER A 1 95  ? 2.928   11.374  -10.945 1.00 42.11 ? 92  SER A CB  1 
ATOM   739  O OG  . SER A 1 95  ? 1.546   11.259  -10.598 1.00 46.35 ? 92  SER A OG  1 
ATOM   740  N N   . VAL A 1 96  ? 2.868   13.979  -9.722  1.00 41.85 ? 93  VAL A N   1 
ATOM   741  C CA  . VAL A 1 96  ? 2.358   15.242  -9.236  1.00 42.30 ? 93  VAL A CA  1 
ATOM   742  C C   . VAL A 1 96  ? 0.893   15.196  -8.790  1.00 43.62 ? 93  VAL A C   1 
ATOM   743  O O   . VAL A 1 96  ? 0.489   15.845  -7.788  1.00 43.32 ? 93  VAL A O   1 
ATOM   744  C CB  . VAL A 1 96  ? 2.567   16.312  -10.351 1.00 43.46 ? 93  VAL A CB  1 
ATOM   745  C CG1 . VAL A 1 96  ? 1.558   17.471  -10.232 1.00 43.10 ? 93  VAL A CG1 1 
ATOM   746  C CG2 . VAL A 1 96  ? 4.056   16.772  -10.394 1.00 40.80 ? 93  VAL A CG2 1 
ATOM   747  N N   . SER A 1 97  ? 0.101   14.425  -9.532  1.00 44.03 ? 94  SER A N   1 
ATOM   748  C CA  A SER A 1 97  ? -1.310  14.228  -9.244  0.60 44.30 ? 94  SER A CA  1 
ATOM   749  C CA  B SER A 1 97  ? -1.322  14.238  -9.207  0.40 44.09 ? 94  SER A CA  1 
ATOM   750  C C   . SER A 1 97  ? -1.467  13.570  -7.869  1.00 43.97 ? 94  SER A C   1 
ATOM   751  O O   . SER A 1 97  ? -2.384  13.919  -7.081  1.00 45.40 ? 94  SER A O   1 
ATOM   752  C CB  A SER A 1 97  ? -1.920  13.350  -10.356 0.60 45.42 ? 94  SER A CB  1 
ATOM   753  C CB  B SER A 1 97  ? -2.046  13.385  -10.255 0.40 44.84 ? 94  SER A CB  1 
ATOM   754  O OG  A SER A 1 97  ? -1.243  13.520  -11.618 0.60 44.98 ? 94  SER A OG  1 
ATOM   755  O OG  B SER A 1 97  ? -3.188  12.743  -9.689  0.40 44.03 ? 94  SER A OG  1 
ATOM   756  N N   . ASP A 1 98  ? -0.568  12.625  -7.575  1.00 42.90 ? 95  ASP A N   1 
ATOM   757  C CA  . ASP A 1 98  ? -0.505  11.958  -6.257  1.00 41.35 ? 95  ASP A CA  1 
ATOM   758  C C   . ASP A 1 98  ? -0.243  12.953  -5.126  1.00 39.59 ? 95  ASP A C   1 
ATOM   759  O O   . ASP A 1 98  ? -0.731  12.777  -4.013  1.00 39.47 ? 95  ASP A O   1 
ATOM   760  C CB  . ASP A 1 98  ? 0.660   10.955  -6.195  1.00 41.66 ? 95  ASP A CB  1 
ATOM   761  C CG  . ASP A 1 98  ? 0.326   9.595   -6.807  1.00 45.23 ? 95  ASP A CG  1 
ATOM   762  O OD1 . ASP A 1 98  ? -0.750  9.435   -7.430  1.00 43.98 ? 95  ASP A OD1 1 
ATOM   763  O OD2 . ASP A 1 98  ? 1.180   8.677   -6.689  1.00 48.85 ? 95  ASP A OD2 1 
ATOM   764  N N   . PHE A 1 99  ? 0.595   13.942  -5.401  1.00 37.59 ? 96  PHE A N   1 
ATOM   765  C CA  . PHE A 1 99  ? 1.052   14.900  -4.386  1.00 36.53 ? 96  PHE A CA  1 
ATOM   766  C C   . PHE A 1 99  ? -0.090  15.687  -3.729  1.00 34.78 ? 96  PHE A C   1 
ATOM   767  O O   . PHE A 1 99  ? -0.140  15.784  -2.488  1.00 34.59 ? 96  PHE A O   1 
ATOM   768  C CB  . PHE A 1 99  ? 2.097   15.889  -4.936  1.00 35.68 ? 96  PHE A CB  1 
ATOM   769  C CG  . PHE A 1 99  ? 2.650   16.783  -3.880  1.00 36.80 ? 96  PHE A CG  1 
ATOM   770  C CD1 . PHE A 1 99  ? 3.552   16.276  -2.928  1.00 34.82 ? 96  PHE A CD1 1 
ATOM   771  C CD2 . PHE A 1 99  ? 2.212   18.102  -3.756  1.00 37.79 ? 96  PHE A CD2 1 
ATOM   772  C CE1 . PHE A 1 99  ? 4.050   17.090  -1.924  1.00 33.60 ? 96  PHE A CE1 1 
ATOM   773  C CE2 . PHE A 1 99  ? 2.712   18.927  -2.721  1.00 38.43 ? 96  PHE A CE2 1 
ATOM   774  C CZ  . PHE A 1 99  ? 3.647   18.405  -1.815  1.00 34.93 ? 96  PHE A CZ  1 
ATOM   775  N N   . GLU A 1 100 ? -1.000  16.192  -4.562  1.00 32.98 ? 97  GLU A N   1 
ATOM   776  C CA  A GLU A 1 100 ? -2.167  16.972  -4.082  0.60 32.39 ? 97  GLU A CA  1 
ATOM   777  C CA  B GLU A 1 100 ? -2.162  16.946  -4.126  0.40 32.42 ? 97  GLU A CA  1 
ATOM   778  C C   . GLU A 1 100 ? -2.898  16.223  -3.004  1.00 31.65 ? 97  GLU A C   1 
ATOM   779  O O   . GLU A 1 100 ? -3.070  16.750  -1.897  1.00 30.50 ? 97  GLU A O   1 
ATOM   780  C CB  A GLU A 1 100 ? -3.202  17.323  -5.180  0.60 32.81 ? 97  GLU A CB  1 
ATOM   781  C CB  B GLU A 1 100 ? -3.098  17.116  -5.325  0.40 32.87 ? 97  GLU A CB  1 
ATOM   782  C CG  A GLU A 1 100 ? -4.424  18.192  -4.648  0.60 33.68 ? 97  GLU A CG  1 
ATOM   783  C CG  B GLU A 1 100 ? -2.394  17.607  -6.591  0.40 33.80 ? 97  GLU A CG  1 
ATOM   784  C CD  A GLU A 1 100 ? -5.816  17.851  -5.262  0.60 33.16 ? 97  GLU A CD  1 
ATOM   785  C CD  B GLU A 1 100 ? -2.063  19.067  -6.486  0.40 34.56 ? 97  GLU A CD  1 
ATOM   786  O OE1 A GLU A 1 100 ? -6.113  16.664  -5.558  0.60 36.62 ? 97  GLU A OE1 1 
ATOM   787  O OE1 B GLU A 1 100 ? -2.595  19.843  -7.305  0.40 31.76 ? 97  GLU A OE1 1 
ATOM   788  O OE2 A GLU A 1 100 ? -6.628  18.775  -5.389  0.60 26.78 ? 97  GLU A OE2 1 
ATOM   789  O OE2 B GLU A 1 100 ? -1.301  19.430  -5.563  0.40 35.40 ? 97  GLU A OE2 1 
ATOM   790  N N   . TYR A 1 101 ? -3.322  15.007  -3.320  1.00 30.28 ? 98  TYR A N   1 
ATOM   791  C CA  . TYR A 1 101 ? -4.116  14.236  -2.411  1.00 29.53 ? 98  TYR A CA  1 
ATOM   792  C C   . TYR A 1 101 ? -3.370  13.851  -1.106  1.00 28.23 ? 98  TYR A C   1 
ATOM   793  O O   . TYR A 1 101 ? -3.986  13.802  -0.031  1.00 27.18 ? 98  TYR A O   1 
ATOM   794  C CB  . TYR A 1 101 ? -4.645  12.995  -3.086  1.00 29.40 ? 98  TYR A CB  1 
ATOM   795  C CG  . TYR A 1 101 ? -5.424  12.120  -2.131  1.00 31.51 ? 98  TYR A CG  1 
ATOM   796  C CD1 . TYR A 1 101 ? -6.715  12.480  -1.723  1.00 35.06 ? 98  TYR A CD1 1 
ATOM   797  C CD2 . TYR A 1 101 ? -4.861  10.964  -1.596  1.00 32.76 ? 98  TYR A CD2 1 
ATOM   798  C CE1 . TYR A 1 101 ? -7.430  11.700  -0.834  1.00 35.25 ? 98  TYR A CE1 1 
ATOM   799  C CE2 . TYR A 1 101 ? -5.580  10.141  -0.695  1.00 33.18 ? 98  TYR A CE2 1 
ATOM   800  C CZ  . TYR A 1 101 ? -6.851  10.528  -0.328  1.00 38.81 ? 98  TYR A CZ  1 
ATOM   801  O OH  . TYR A 1 101 ? -7.562  9.746   0.537   1.00 42.99 ? 98  TYR A OH  1 
ATOM   802  N N   . GLU A 1 102 ? -2.081  13.520  -1.231  1.00 26.29 ? 99  GLU A N   1 
ATOM   803  C CA  . GLU A 1 102 ? -1.257  13.109  -0.094  1.00 25.73 ? 99  GLU A CA  1 
ATOM   804  C C   . GLU A 1 102 ? -1.024  14.263  0.861   1.00 25.55 ? 99  GLU A C   1 
ATOM   805  O O   . GLU A 1 102 ? -1.009  14.087  2.069   1.00 27.07 ? 99  GLU A O   1 
ATOM   806  C CB  . GLU A 1 102 ? 0.059   12.489  -0.586  1.00 25.68 ? 99  GLU A CB  1 
ATOM   807  C CG  . GLU A 1 102 ? -0.139  11.145  -1.431  1.00 26.20 ? 99  GLU A CG  1 
ATOM   808  C CD  . GLU A 1 102 ? -0.857  10.057  -0.651  1.00 30.50 ? 99  GLU A CD  1 
ATOM   809  O OE1 . GLU A 1 102 ? -0.645  9.954   0.594   1.00 29.52 ? 99  GLU A OE1 1 
ATOM   810  O OE2 . GLU A 1 102 ? -1.642  9.277   -1.258  1.00 30.68 ? 99  GLU A OE2 1 
ATOM   811  N N   . TRP A 1 103 ? -0.890  15.455  0.316   1.00 25.91 ? 100 TRP A N   1 
ATOM   812  C CA  . TRP A 1 103 ? -0.779  16.673  1.098   1.00 26.80 ? 100 TRP A CA  1 
ATOM   813  C C   . TRP A 1 103 ? -2.043  16.921  1.945   1.00 26.18 ? 100 TRP A C   1 
ATOM   814  O O   . TRP A 1 103 ? -1.950  17.211  3.131   1.00 25.76 ? 100 TRP A O   1 
ATOM   815  C CB  . TRP A 1 103 ? -0.488  17.841  0.151   1.00 25.86 ? 100 TRP A CB  1 
ATOM   816  C CG  . TRP A 1 103 ? -0.892  19.197  0.665   1.00 30.57 ? 100 TRP A CG  1 
ATOM   817  C CD1 . TRP A 1 103 ? -0.284  19.918  1.659   1.00 29.61 ? 100 TRP A CD1 1 
ATOM   818  C CD2 . TRP A 1 103 ? -1.979  20.025  0.168   1.00 34.18 ? 100 TRP A CD2 1 
ATOM   819  N NE1 . TRP A 1 103 ? -0.926  21.119  1.826   1.00 34.08 ? 100 TRP A NE1 1 
ATOM   820  C CE2 . TRP A 1 103 ? -1.953  21.227  0.910   1.00 35.72 ? 100 TRP A CE2 1 
ATOM   821  C CE3 . TRP A 1 103 ? -2.933  19.887  -0.890  1.00 38.58 ? 100 TRP A CE3 1 
ATOM   822  C CZ2 . TRP A 1 103 ? -2.883  22.301  0.662   1.00 36.66 ? 100 TRP A CZ2 1 
ATOM   823  C CZ3 . TRP A 1 103 ? -3.869  20.959  -1.146  1.00 35.81 ? 100 TRP A CZ3 1 
ATOM   824  C CH2 . TRP A 1 103 ? -3.824  22.144  -0.363  1.00 36.79 ? 100 TRP A CH2 1 
ATOM   825  N N   . GLN A 1 104 ? -3.213  16.789  1.328   1.00 25.86 ? 101 GLN A N   1 
ATOM   826  C CA  . GLN A 1 104 ? -4.494  16.928  1.999   1.00 26.47 ? 101 GLN A CA  1 
ATOM   827  C C   . GLN A 1 104 ? -4.600  15.856  3.079   1.00 26.46 ? 101 GLN A C   1 
ATOM   828  O O   . GLN A 1 104 ? -4.900  16.145  4.258   1.00 26.01 ? 101 GLN A O   1 
ATOM   829  C CB  . GLN A 1 104 ? -5.641  16.692  1.004   1.00 26.58 ? 101 GLN A CB  1 
ATOM   830  C CG  . GLN A 1 104 ? -5.978  17.868  0.057   1.00 29.08 ? 101 GLN A CG  1 
ATOM   831  C CD  . GLN A 1 104 ? -7.131  17.529  -0.912  1.00 29.39 ? 101 GLN A CD  1 
ATOM   832  O OE1 . GLN A 1 104 ? -7.532  16.384  -1.056  1.00 32.14 ? 101 GLN A OE1 1 
ATOM   833  N NE2 . GLN A 1 104 ? -7.652  18.520  -1.552  1.00 31.76 ? 101 GLN A NE2 1 
ATOM   834  N N   . LEU A 1 105 ? -4.362  14.609  2.677   1.00 25.13 ? 102 LEU A N   1 
ATOM   835  C CA  . LEU A 1 105 ? -4.446  13.505  3.621   1.00 25.93 ? 102 LEU A CA  1 
ATOM   836  C C   . LEU A 1 105 ? -3.450  13.641  4.794   1.00 26.92 ? 102 LEU A C   1 
ATOM   837  O O   . LEU A 1 105 ? -3.836  13.390  5.950   1.00 26.69 ? 102 LEU A O   1 
ATOM   838  C CB  . LEU A 1 105 ? -4.294  12.160  2.929   1.00 24.63 ? 102 LEU A CB  1 
ATOM   839  C CG  . LEU A 1 105 ? -4.241  10.916  3.789   1.00 27.36 ? 102 LEU A CG  1 
ATOM   840  C CD1 . LEU A 1 105 ? -5.603  10.646  4.496   1.00 25.03 ? 102 LEU A CD1 1 
ATOM   841  C CD2 . LEU A 1 105 ? -3.803  9.716   2.972   1.00 28.60 ? 102 LEU A CD2 1 
ATOM   842  N N   . ALA A 1 106 ? -2.184  13.998  4.499   1.00 26.99 ? 103 ALA A N   1 
ATOM   843  C CA  . ALA A 1 106 ? -1.170  14.163  5.549   1.00 26.68 ? 103 ALA A CA  1 
ATOM   844  C C   . ALA A 1 106 ? -1.595  15.232  6.553   1.00 27.80 ? 103 ALA A C   1 
ATOM   845  O O   . ALA A 1 106 ? -1.388  15.073  7.748   1.00 26.70 ? 103 ALA A O   1 
ATOM   846  C CB  . ALA A 1 106 ? 0.192   14.504  4.968   1.00 26.03 ? 103 ALA A CB  1 
ATOM   847  N N   . ASN A 1 107 ? -2.180  16.325  6.059   1.00 28.47 ? 104 ASN A N   1 
ATOM   848  C CA  . ASN A 1 107 ? -2.674  17.366  6.939   1.00 28.80 ? 104 ASN A CA  1 
ATOM   849  C C   . ASN A 1 107 ? -3.870  16.929  7.785   1.00 28.77 ? 104 ASN A C   1 
ATOM   850  O O   . ASN A 1 107 ? -3.937  17.232  8.984   1.00 28.22 ? 104 ASN A O   1 
ATOM   851  C CB  . ASN A 1 107 ? -2.942  18.646  6.167   1.00 29.22 ? 104 ASN A CB  1 
ATOM   852  C CG  . ASN A 1 107 ? -1.677  19.470  5.987   1.00 32.13 ? 104 ASN A CG  1 
ATOM   853  O OD1 . ASN A 1 107 ? -1.226  20.124  6.917   1.00 37.63 ? 104 ASN A OD1 1 
ATOM   854  N ND2 . ASN A 1 107 ? -1.091  19.426  4.796   1.00 31.26 ? 104 ASN A ND2 1 
ATOM   855  N N   . MET A 1 108 ? -4.804  16.212  7.176   1.00 28.42 ? 105 MET A N   1 
ATOM   856  C CA  A MET A 1 108 ? -5.903  15.613  7.921   0.60 27.94 ? 105 MET A CA  1 
ATOM   857  C CA  B MET A 1 108 ? -5.910  15.641  7.926   0.40 28.73 ? 105 MET A CA  1 
ATOM   858  C C   . MET A 1 108 ? -5.351  14.704  9.015   1.00 28.35 ? 105 MET A C   1 
ATOM   859  O O   . MET A 1 108 ? -5.779  14.759  10.178  1.00 27.93 ? 105 MET A O   1 
ATOM   860  C CB  A MET A 1 108 ? -6.814  14.798  7.010   0.60 27.60 ? 105 MET A CB  1 
ATOM   861  C CB  B MET A 1 108 ? -6.855  14.890  6.990   0.40 28.84 ? 105 MET A CB  1 
ATOM   862  C CG  A MET A 1 108 ? -7.924  14.044  7.729   0.60 26.32 ? 105 MET A CG  1 
ATOM   863  C CG  B MET A 1 108 ? -8.348  15.057  7.270   0.40 31.44 ? 105 MET A CG  1 
ATOM   864  S SD  A MET A 1 108 ? -8.869  15.186  8.779   0.60 25.76 ? 105 MET A SD  1 
ATOM   865  S SD  B MET A 1 108 ? -9.152  16.569  6.628   0.40 31.61 ? 105 MET A SD  1 
ATOM   866  C CE  A MET A 1 108 ? -10.088 15.806  7.582   0.60 26.64 ? 105 MET A CE  1 
ATOM   867  C CE  B MET A 1 108 ? -8.343  16.737  5.041   0.40 34.95 ? 105 MET A CE  1 
ATOM   868  N N   . ASN A 1 109 ? -4.404  13.857  8.655   1.00 28.02 ? 106 ASN A N   1 
ATOM   869  C CA  . ASN A 1 109 ? -3.894  12.894  9.628   1.00 28.22 ? 106 ASN A CA  1 
ATOM   870  C C   . ASN A 1 109 ? -3.096  13.558  10.801  1.00 29.32 ? 106 ASN A C   1 
ATOM   871  O O   . ASN A 1 109 ? -3.029  12.990  11.890  1.00 28.28 ? 106 ASN A O   1 
ATOM   872  C CB  . ASN A 1 109 ? -3.090  11.779  8.929   1.00 28.02 ? 106 ASN A CB  1 
ATOM   873  C CG  . ASN A 1 109 ? -3.979  10.755  8.252   1.00 27.78 ? 106 ASN A CG  1 
ATOM   874  O OD1 . ASN A 1 109 ? -5.117  10.538  8.667   1.00 30.69 ? 106 ASN A OD1 1 
ATOM   875  N ND2 . ASN A 1 109 ? -3.464  10.109  7.224   1.00 22.59 ? 106 ASN A ND2 1 
ATOM   876  N N   . ARG A 1 110 ? -2.468  14.712  10.539  1.00 30.17 ? 107 ARG A N   1 
ATOM   877  C CA  A ARG A 1 110 ? -1.776  15.469  11.568  0.60 31.88 ? 107 ARG A CA  1 
ATOM   878  C CA  B ARG A 1 110 ? -1.767  15.487  11.574  0.40 31.38 ? 107 ARG A CA  1 
ATOM   879  C C   . ARG A 1 110 ? -2.777  15.958  12.611  1.00 32.18 ? 107 ARG A C   1 
ATOM   880  O O   . ARG A 1 110 ? -2.488  15.938  13.822  1.00 31.79 ? 107 ARG A O   1 
ATOM   881  C CB  A ARG A 1 110 ? -1.048  16.671  10.971  0.60 32.30 ? 107 ARG A CB  1 
ATOM   882  C CB  B ARG A 1 110 ? -1.069  16.727  11.000  0.40 31.61 ? 107 ARG A CB  1 
ATOM   883  C CG  A ARG A 1 110 ? 0.213   16.307  10.213  0.60 34.51 ? 107 ARG A CG  1 
ATOM   884  C CG  B ARG A 1 110 ? 0.235   17.157  11.718  0.40 31.70 ? 107 ARG A CG  1 
ATOM   885  C CD  A ARG A 1 110 ? 1.220   17.486  10.256  0.60 38.45 ? 107 ARG A CD  1 
ATOM   886  C CD  B ARG A 1 110 ? 1.408   16.931  10.748  0.40 35.51 ? 107 ARG A CD  1 
ATOM   887  N NE  A ARG A 1 110 ? 1.552   18.076  8.959   0.60 35.65 ? 107 ARG A NE  1 
ATOM   888  N NE  B ARG A 1 110 ? 2.536   17.849  10.918  0.40 32.75 ? 107 ARG A NE  1 
ATOM   889  C CZ  A ARG A 1 110 ? 2.362   17.521  8.051   0.60 34.18 ? 107 ARG A CZ  1 
ATOM   890  C CZ  B ARG A 1 110 ? 3.254   18.333  9.907   0.40 32.44 ? 107 ARG A CZ  1 
ATOM   891  N NH1 A ARG A 1 110 ? 2.886   16.307  8.260   0.60 37.07 ? 107 ARG A NH1 1 
ATOM   892  N NH1 B ARG A 1 110 ? 4.255   19.160  10.161  0.40 30.51 ? 107 ARG A NH1 1 
ATOM   893  N NH2 A ARG A 1 110 ? 2.618   18.152  6.915   0.60 25.69 ? 107 ARG A NH2 1 
ATOM   894  N NH2 B ARG A 1 110 ? 2.964   18.019  8.639   0.40 30.76 ? 107 ARG A NH2 1 
ATOM   895  N N   . HIS A 1 111 ? -3.948  16.400  12.137  1.00 31.50 ? 108 HIS A N   1 
ATOM   896  C CA  . HIS A 1 111 ? -5.033  16.700  13.052  1.00 32.24 ? 108 HIS A CA  1 
ATOM   897  C C   . HIS A 1 111 ? -5.537  15.471  13.803  1.00 31.78 ? 108 HIS A C   1 
ATOM   898  O O   . HIS A 1 111 ? -5.711  15.543  14.994  1.00 31.89 ? 108 HIS A O   1 
ATOM   899  C CB  . HIS A 1 111 ? -6.212  17.401  12.381  1.00 32.75 ? 108 HIS A CB  1 
ATOM   900  C CG  . HIS A 1 111 ? -7.491  17.263  13.155  1.00 35.24 ? 108 HIS A CG  1 
ATOM   901  N ND1 . HIS A 1 111 ? -7.767  18.016  14.281  1.00 39.06 ? 108 HIS A ND1 1 
ATOM   902  C CD2 . HIS A 1 111 ? -8.561  16.449  12.978  1.00 37.24 ? 108 HIS A CD2 1 
ATOM   903  C CE1 . HIS A 1 111 ? -8.944  17.660  14.771  1.00 40.08 ? 108 HIS A CE1 1 
ATOM   904  N NE2 . HIS A 1 111 ? -9.455  16.724  13.989  1.00 39.02 ? 108 HIS A NE2 1 
ATOM   905  N N   . LEU A 1 112 ? -5.804  14.362  13.120  1.00 30.94 ? 109 LEU A N   1 
ATOM   906  C CA  . LEU A 1 112 ? -6.378  13.205  13.799  1.00 31.62 ? 109 LEU A CA  1 
ATOM   907  C C   . LEU A 1 112 ? -5.400  12.502  14.775  1.00 31.86 ? 109 LEU A C   1 
ATOM   908  O O   . LEU A 1 112 ? -5.823  12.024  15.819  1.00 33.11 ? 109 LEU A O   1 
ATOM   909  C CB  . LEU A 1 112 ? -6.929  12.167  12.788  1.00 31.42 ? 109 LEU A CB  1 
ATOM   910  C CG  . LEU A 1 112 ? -8.013  12.630  11.806  1.00 31.25 ? 109 LEU A CG  1 
ATOM   911  C CD1 . LEU A 1 112 ? -8.271  11.505  10.836  1.00 27.23 ? 109 LEU A CD1 1 
ATOM   912  C CD2 . LEU A 1 112 ? -9.320  13.104  12.509  1.00 28.01 ? 109 LEU A CD2 1 
ATOM   913  N N   . MET A 1 113 ? -4.124  12.397  14.394  1.00 30.94 ? 110 MET A N   1 
ATOM   914  C CA  A MET A 1 113 ? -3.097  11.774  15.230  0.60 29.95 ? 110 MET A CA  1 
ATOM   915  C CA  B MET A 1 113 ? -3.080  11.751  15.198  0.40 30.49 ? 110 MET A CA  1 
ATOM   916  C C   . MET A 1 113 ? -1.807  12.588  15.159  1.00 29.66 ? 110 MET A C   1 
ATOM   917  O O   . MET A 1 113 ? -0.932  12.302  14.345  1.00 28.66 ? 110 MET A O   1 
ATOM   918  C CB  A MET A 1 113 ? -2.839  10.326  14.805  0.60 30.11 ? 110 MET A CB  1 
ATOM   919  C CB  B MET A 1 113 ? -2.741  10.371  14.627  0.40 30.69 ? 110 MET A CB  1 
ATOM   920  C CG  A MET A 1 113 ? -2.313  9.438   15.948  0.60 29.73 ? 110 MET A CG  1 
ATOM   921  C CG  B MET A 1 113 ? -3.683  9.262   14.998  0.40 32.98 ? 110 MET A CG  1 
ATOM   922  S SD  A MET A 1 113 ? -1.716  7.810   15.465  0.60 35.27 ? 110 MET A SD  1 
ATOM   923  S SD  B MET A 1 113 ? -3.907  9.054   16.773  0.40 35.99 ? 110 MET A SD  1 
ATOM   924  C CE  A MET A 1 113 ? -2.986  7.334   14.373  0.60 33.11 ? 110 MET A CE  1 
ATOM   925  C CE  B MET A 1 113 ? -5.698  8.828   16.773  0.40 36.40 ? 110 MET A CE  1 
ATOM   926  N N   . PRO A 1 114 ? -1.683  13.618  16.031  1.00 30.19 ? 111 PRO A N   1 
ATOM   927  C CA  . PRO A 1 114 ? -0.507  14.501  15.903  1.00 30.53 ? 111 PRO A CA  1 
ATOM   928  C C   . PRO A 1 114 ? 0.863   13.818  16.016  1.00 31.69 ? 111 PRO A C   1 
ATOM   929  O O   . PRO A 1 114 ? 1.821   14.305  15.447  1.00 33.15 ? 111 PRO A O   1 
ATOM   930  C CB  . PRO A 1 114 ? -0.702  15.542  17.038  1.00 30.76 ? 111 PRO A CB  1 
ATOM   931  C CG  . PRO A 1 114 ? -2.149  15.483  17.386  1.00 29.60 ? 111 PRO A CG  1 
ATOM   932  C CD  . PRO A 1 114 ? -2.639  14.109  17.060  1.00 29.37 ? 111 PRO A CD  1 
ATOM   933  N N   . LYS A 1 115 ? 0.998   12.709  16.715  1.00 32.46 ? 112 LYS A N   1 
ATOM   934  C CA  . LYS A 1 115 ? 2.334   12.118  16.795  1.00 34.47 ? 112 LYS A CA  1 
ATOM   935  C C   . LYS A 1 115 ? 2.605   11.076  15.713  1.00 33.21 ? 112 LYS A C   1 
ATOM   936  O O   . LYS A 1 115 ? 3.659   10.434  15.717  1.00 34.18 ? 112 LYS A O   1 
ATOM   937  C CB  . LYS A 1 115 ? 2.676   11.600  18.212  1.00 35.45 ? 112 LYS A CB  1 
ATOM   938  C CG  . LYS A 1 115 ? 1.513   11.653  19.188  1.00 42.21 ? 112 LYS A CG  1 
ATOM   939  C CD  . LYS A 1 115 ? 0.290   10.937  18.525  1.00 48.69 ? 112 LYS A CD  1 
ATOM   940  C CE  . LYS A 1 115 ? -1.015  11.610  18.928  1.00 50.49 ? 112 LYS A CE  1 
ATOM   941  N NZ  . LYS A 1 115 ? -2.169  10.894  18.354  1.00 52.50 ? 112 LYS A NZ  1 
ATOM   942  N N   . LEU A 1 116 ? 1.677   10.917  14.781  1.00 31.24 ? 113 LEU A N   1 
ATOM   943  C CA  . LEU A 1 116 ? 1.917   9.997   13.688  1.00 30.25 ? 113 LEU A CA  1 
ATOM   944  C C   . LEU A 1 116 ? 2.612   10.792  12.602  1.00 29.31 ? 113 LEU A C   1 
ATOM   945  O O   . LEU A 1 116 ? 2.090   11.818  12.164  1.00 29.84 ? 113 LEU A O   1 
ATOM   946  C CB  . LEU A 1 116 ? 0.607   9.406   13.171  1.00 29.90 ? 113 LEU A CB  1 
ATOM   947  C CG  . LEU A 1 116 ? 0.646   8.461   11.956  1.00 29.92 ? 113 LEU A CG  1 
ATOM   948  C CD1 . LEU A 1 116 ? 1.373   7.131   12.223  1.00 25.56 ? 113 LEU A CD1 1 
ATOM   949  C CD2 . LEU A 1 116 ? -0.805  8.214   11.455  1.00 30.28 ? 113 LEU A CD2 1 
ATOM   950  N N   . GLU A 1 117 ? 3.778   10.337  12.160  1.00 27.73 ? 114 GLU A N   1 
ATOM   951  C CA  A GLU A 1 117 ? 4.518   11.057  11.135  0.60 26.69 ? 114 GLU A CA  1 
ATOM   952  C CA  B GLU A 1 117 ? 4.503   11.053  11.126  0.40 27.11 ? 114 GLU A CA  1 
ATOM   953  C C   . GLU A 1 117 ? 4.260   10.454  9.740   1.00 26.72 ? 114 GLU A C   1 
ATOM   954  O O   . GLU A 1 117 ? 4.451   9.257   9.548   1.00 26.24 ? 114 GLU A O   1 
ATOM   955  C CB  A GLU A 1 117 ? 6.027   11.071  11.487  0.60 27.20 ? 114 GLU A CB  1 
ATOM   956  C CB  B GLU A 1 117 ? 5.998   11.055  11.446  0.40 27.62 ? 114 GLU A CB  1 
ATOM   957  C CG  A GLU A 1 117 ? 6.413   11.874  12.763  0.60 24.52 ? 114 GLU A CG  1 
ATOM   958  C CG  B GLU A 1 117 ? 6.780   11.930  10.511  0.40 27.41 ? 114 GLU A CG  1 
ATOM   959  C CD  A GLU A 1 117 ? 6.177   13.395  12.630  0.60 26.29 ? 114 GLU A CD  1 
ATOM   960  C CD  B GLU A 1 117 ? 6.274   13.352  10.500  0.40 28.90 ? 114 GLU A CD  1 
ATOM   961  O OE1 A GLU A 1 117 ? 6.094   13.929  11.504  0.60 26.55 ? 114 GLU A OE1 1 
ATOM   962  O OE1 B GLU A 1 117 ? 5.956   13.895  11.586  0.40 28.95 ? 114 GLU A OE1 1 
ATOM   963  O OE2 A GLU A 1 117 ? 6.071   14.088  13.654  0.60 28.23 ? 114 GLU A OE2 1 
ATOM   964  O OE2 B GLU A 1 117 ? 6.215   13.937  9.400   0.40 29.83 ? 114 GLU A OE2 1 
ATOM   965  N N   . SER A 1 118 ? 3.828   11.273  8.761   1.00 24.76 ? 115 SER A N   1 
ATOM   966  C CA  . SER A 1 118 ? 3.652   10.759  7.391   1.00 25.08 ? 115 SER A CA  1 
ATOM   967  C C   . SER A 1 118 ? 4.959   10.928  6.621   1.00 25.67 ? 115 SER A C   1 
ATOM   968  O O   . SER A 1 118 ? 5.531   12.039  6.608   1.00 25.78 ? 115 SER A O   1 
ATOM   969  C CB  . SER A 1 118 ? 2.557   11.518  6.660   1.00 24.41 ? 115 SER A CB  1 
ATOM   970  O OG  . SER A 1 118 ? 1.289   11.127  7.188   1.00 26.67 ? 115 SER A OG  1 
ATOM   971  N N   . VAL A 1 119 ? 5.436   9.857   5.977   1.00 25.19 ? 116 VAL A N   1 
ATOM   972  C CA  . VAL A 1 119 ? 6.678   9.943   5.196   1.00 25.24 ? 116 VAL A CA  1 
ATOM   973  C C   . VAL A 1 119 ? 6.426   9.342   3.773   1.00 25.78 ? 116 VAL A C   1 
ATOM   974  O O   . VAL A 1 119 ? 5.632   8.395   3.613   1.00 25.07 ? 116 VAL A O   1 
ATOM   975  C CB  . VAL A 1 119 ? 7.869   9.238   5.916   1.00 25.19 ? 116 VAL A CB  1 
ATOM   976  C CG1 . VAL A 1 119 ? 7.987   9.663   7.453   1.00 26.02 ? 116 VAL A CG1 1 
ATOM   977  C CG2 . VAL A 1 119 ? 7.706   7.795   5.848   1.00 23.70 ? 116 VAL A CG2 1 
ATOM   978  N N   . PHE A 1 120 ? 7.080   9.909   2.761   1.00 23.68 ? 117 PHE A N   1 
ATOM   979  C CA  . PHE A 1 120 ? 6.760   9.570   1.394   1.00 22.93 ? 117 PHE A CA  1 
ATOM   980  C C   . PHE A 1 120 ? 7.956   8.960   0.692   1.00 22.65 ? 117 PHE A C   1 
ATOM   981  O O   . PHE A 1 120 ? 9.087   9.380   0.891   1.00 19.98 ? 117 PHE A O   1 
ATOM   982  C CB  . PHE A 1 120 ? 6.195   10.806  0.634   1.00 23.12 ? 117 PHE A CB  1 
ATOM   983  C CG  . PHE A 1 120 ? 4.953   11.379  1.304   1.00 24.94 ? 117 PHE A CG  1 
ATOM   984  C CD1 . PHE A 1 120 ? 3.683   10.882  0.987   1.00 22.66 ? 117 PHE A CD1 1 
ATOM   985  C CD2 . PHE A 1 120 ? 5.082   12.315  2.348   1.00 24.44 ? 117 PHE A CD2 1 
ATOM   986  C CE1 . PHE A 1 120 ? 2.539   11.343  1.681   1.00 24.22 ? 117 PHE A CE1 1 
ATOM   987  C CE2 . PHE A 1 120 ? 3.976   12.768  3.049   1.00 23.68 ? 117 PHE A CE2 1 
ATOM   988  C CZ  . PHE A 1 120 ? 2.685   12.280  2.711   1.00 24.59 ? 117 PHE A CZ  1 
ATOM   989  N N   . LEU A 1 121 ? 7.671   7.972   -0.141  1.00 21.76 ? 118 LEU A N   1 
ATOM   990  C CA  . LEU A 1 121 ? 8.704   7.255   -0.878  1.00 23.53 ? 118 LEU A CA  1 
ATOM   991  C C   . LEU A 1 121 ? 8.289   7.329   -2.332  1.00 24.24 ? 118 LEU A C   1 
ATOM   992  O O   . LEU A 1 121 ? 7.102   7.245   -2.655  1.00 24.70 ? 118 LEU A O   1 
ATOM   993  C CB  . LEU A 1 121 ? 8.731   5.765   -0.429  1.00 23.44 ? 118 LEU A CB  1 
ATOM   994  C CG  . LEU A 1 121 ? 9.084   5.495   1.049   1.00 25.90 ? 118 LEU A CG  1 
ATOM   995  C CD1 . LEU A 1 121 ? 9.174   3.933   1.214   1.00 26.12 ? 118 LEU A CD1 1 
ATOM   996  C CD2 . LEU A 1 121 ? 10.433  6.063   1.334   1.00 26.94 ? 118 LEU A CD2 1 
ATOM   997  N N   . ILE A 1 122 ? 9.274   7.548   -3.187  1.00 25.45 ? 119 ILE A N   1 
ATOM   998  C CA  . ILE A 1 122 ? 9.086   7.549   -4.642  1.00 25.49 ? 119 ILE A CA  1 
ATOM   999  C C   . ILE A 1 122 ? 9.505   6.159   -5.155  1.00 25.66 ? 119 ILE A C   1 
ATOM   1000 O O   . ILE A 1 122 ? 10.644  5.730   -4.935  1.00 23.50 ? 119 ILE A O   1 
ATOM   1001 C CB  . ILE A 1 122 ? 9.922   8.649   -5.318  1.00 24.67 ? 119 ILE A CB  1 
ATOM   1002 C CG1 . ILE A 1 122 ? 9.484   10.034  -4.824  1.00 24.10 ? 119 ILE A CG1 1 
ATOM   1003 C CG2 . ILE A 1 122 ? 9.718   8.582   -6.849  1.00 26.61 ? 119 ILE A CG2 1 
ATOM   1004 C CD1 . ILE A 1 122 ? 10.406  11.173  -5.384  1.00 23.12 ? 119 ILE A CD1 1 
ATOM   1005 N N   . PRO A 1 123 ? 8.598   5.461   -5.846  1.00 25.82 ? 120 PRO A N   1 
ATOM   1006 C CA  . PRO A 1 123 ? 9.018   4.175   -6.450  1.00 26.72 ? 120 PRO A CA  1 
ATOM   1007 C C   . PRO A 1 123 ? 10.135  4.274   -7.462  1.00 26.27 ? 120 PRO A C   1 
ATOM   1008 O O   . PRO A 1 123 ? 10.390  5.359   -7.994  1.00 23.30 ? 120 PRO A O   1 
ATOM   1009 C CB  . PRO A 1 123 ? 7.734   3.637   -7.108  1.00 27.88 ? 120 PRO A CB  1 
ATOM   1010 C CG  . PRO A 1 123 ? 6.612   4.612   -6.670  1.00 29.05 ? 120 PRO A CG  1 
ATOM   1011 C CD  . PRO A 1 123 ? 7.244   5.885   -6.257  1.00 26.39 ? 120 PRO A CD  1 
ATOM   1012 N N   . SER A 1 124 ? 10.831  3.162   -7.703  1.00 28.81 ? 121 SER A N   1 
ATOM   1013 C CA  A SER A 1 124 ? 11.851  3.150   -8.747  0.60 32.21 ? 121 SER A CA  1 
ATOM   1014 C CA  B SER A 1 124 ? 11.852  3.138   -8.755  0.40 31.54 ? 121 SER A CA  1 
ATOM   1015 C C   . SER A 1 124 ? 11.189  3.475   -10.076 1.00 33.61 ? 121 SER A C   1 
ATOM   1016 O O   . SER A 1 124 ? 9.996   3.114   -10.303 1.00 33.57 ? 121 SER A O   1 
ATOM   1017 C CB  A SER A 1 124 ? 12.544  1.799   -8.823  0.60 33.04 ? 121 SER A CB  1 
ATOM   1018 C CB  B SER A 1 124 ? 12.460  1.760   -8.918  0.40 31.89 ? 121 SER A CB  1 
ATOM   1019 O OG  A SER A 1 124 ? 13.216  1.544   -7.587  0.60 35.71 ? 121 SER A OG  1 
ATOM   1020 O OG  B SER A 1 124 ? 11.929  1.159   -10.074 0.40 31.32 ? 121 SER A OG  1 
ATOM   1021 N N   . GLU A 1 125 ? 11.940  4.163   -10.935 1.00 35.90 ? 122 GLU A N   1 
ATOM   1022 C CA  . GLU A 1 125 ? 11.497  4.496   -12.296 1.00 39.47 ? 122 GLU A CA  1 
ATOM   1023 C C   . GLU A 1 125 ? 10.933  3.274   -13.072 1.00 39.83 ? 122 GLU A C   1 
ATOM   1024 O O   . GLU A 1 125 ? 10.032  3.430   -13.921 1.00 40.62 ? 122 GLU A O   1 
ATOM   1025 C CB  . GLU A 1 125 ? 12.627  5.226   -13.067 1.00 40.72 ? 122 GLU A CB  1 
ATOM   1026 C CG  . GLU A 1 125 ? 13.507  4.362   -14.032 1.00 48.70 ? 122 GLU A CG  1 
ATOM   1027 C CD  . GLU A 1 125 ? 14.619  3.512   -13.371 1.00 56.04 ? 122 GLU A CD  1 
ATOM   1028 O OE1 . GLU A 1 125 ? 15.447  4.066   -12.600 1.00 57.41 ? 122 GLU A OE1 1 
ATOM   1029 O OE2 . GLU A 1 125 ? 14.673  2.291   -13.684 1.00 59.62 ? 122 GLU A OE2 1 
ATOM   1030 N N   . LYS A 1 126 ? 11.410  2.067   -12.737 1.00 40.19 ? 123 LYS A N   1 
ATOM   1031 C CA  . LYS A 1 126 ? 10.862  0.814   -13.316 1.00 41.05 ? 123 LYS A CA  1 
ATOM   1032 C C   . LYS A 1 126 ? 9.339   0.705   -13.145 1.00 40.81 ? 123 LYS A C   1 
ATOM   1033 O O   . LYS A 1 126 ? 8.626   0.141   -14.004 1.00 38.62 ? 123 LYS A O   1 
ATOM   1034 C CB  . LYS A 1 126 ? 11.517  -0.428  -12.662 1.00 41.09 ? 123 LYS A CB  1 
ATOM   1035 C CG  . LYS A 1 126 ? 12.992  -0.596  -12.954 1.00 44.80 ? 123 LYS A CG  1 
ATOM   1036 C CD  . LYS A 1 126 ? 13.461  -1.993  -12.560 1.00 51.08 ? 123 LYS A CD  1 
ATOM   1037 C CE  . LYS A 1 126 ? 13.184  -2.995  -13.700 1.00 55.14 ? 123 LYS A CE  1 
ATOM   1038 N NZ  . LYS A 1 126 ? 13.281  -4.440  -13.303 1.00 55.80 ? 123 LYS A NZ  1 
ATOM   1039 N N   . TRP A 1 127 ? 8.834   1.240   -12.027 1.00 41.02 ? 124 TRP A N   1 
ATOM   1040 C CA  . TRP A 1 127 ? 7.457   0.859   -11.606 1.00 42.34 ? 124 TRP A CA  1 
ATOM   1041 C C   . TRP A 1 127 ? 6.523   2.029   -11.477 1.00 41.91 ? 124 TRP A C   1 
ATOM   1042 O O   . TRP A 1 127 ? 5.337   1.831   -11.253 1.00 41.43 ? 124 TRP A O   1 
ATOM   1043 C CB  . TRP A 1 127 ? 7.471   0.126   -10.237 1.00 43.20 ? 124 TRP A CB  1 
ATOM   1044 C CG  . TRP A 1 127 ? 8.531   -1.003  -10.125 1.00 46.31 ? 124 TRP A CG  1 
ATOM   1045 C CD1 . TRP A 1 127 ? 9.510   -1.113  -9.157  1.00 48.57 ? 124 TRP A CD1 1 
ATOM   1046 C CD2 . TRP A 1 127 ? 8.711   -2.141  -11.003 1.00 48.09 ? 124 TRP A CD2 1 
ATOM   1047 N NE1 . TRP A 1 127 ? 10.271  -2.240  -9.376  1.00 48.16 ? 124 TRP A NE1 1 
ATOM   1048 C CE2 . TRP A 1 127 ? 9.812   -2.888  -10.498 1.00 48.67 ? 124 TRP A CE2 1 
ATOM   1049 C CE3 . TRP A 1 127 ? 8.065   -2.593  -12.164 1.00 48.51 ? 124 TRP A CE3 1 
ATOM   1050 C CZ2 . TRP A 1 127 ? 10.276  -4.064  -11.115 1.00 47.39 ? 124 TRP A CZ2 1 
ATOM   1051 C CZ3 . TRP A 1 127 ? 8.527   -3.772  -12.780 1.00 50.08 ? 124 TRP A CZ3 1 
ATOM   1052 C CH2 . TRP A 1 127 ? 9.617   -4.495  -12.242 1.00 49.49 ? 124 TRP A CH2 1 
ATOM   1053 N N   . SER A 1 128 ? 7.095   3.234   -11.604 1.00 41.37 ? 125 SER A N   1 
ATOM   1054 C CA  A SER A 1 128 ? 6.439   4.490   -11.227 0.50 40.64 ? 125 SER A CA  1 
ATOM   1055 C CA  B SER A 1 128 ? 6.432   4.485   -11.218 0.50 41.52 ? 125 SER A CA  1 
ATOM   1056 C C   . SER A 1 128 ? 5.185   4.807   -12.057 1.00 41.82 ? 125 SER A C   1 
ATOM   1057 O O   . SER A 1 128 ? 4.268   5.454   -11.566 1.00 42.56 ? 125 SER A O   1 
ATOM   1058 C CB  A SER A 1 128 ? 7.433   5.650   -11.319 0.50 39.63 ? 125 SER A CB  1 
ATOM   1059 C CB  B SER A 1 128 ? 7.423   5.660   -11.235 0.50 40.72 ? 125 SER A CB  1 
ATOM   1060 O OG  A SER A 1 128 ? 7.747   5.908   -12.667 0.50 34.89 ? 125 SER A OG  1 
ATOM   1061 O OG  B SER A 1 128 ? 7.104   6.590   -10.206 0.50 41.13 ? 125 SER A OG  1 
ATOM   1062 N N   . PHE A 1 129 ? 5.149   4.349   -13.311 1.00 41.66 ? 126 PHE A N   1 
ATOM   1063 C CA  . PHE A 1 129 ? 3.972   4.583   -14.171 1.00 42.50 ? 126 PHE A CA  1 
ATOM   1064 C C   . PHE A 1 129 ? 2.839   3.529   -13.935 1.00 42.02 ? 126 PHE A C   1 
ATOM   1065 O O   . PHE A 1 129 ? 1.792   3.495   -14.592 1.00 41.55 ? 126 PHE A O   1 
ATOM   1066 C CB  . PHE A 1 129 ? 4.424   4.544   -15.640 1.00 42.17 ? 126 PHE A CB  1 
ATOM   1067 C CG  . PHE A 1 129 ? 4.861   3.179   -16.082 1.00 43.71 ? 126 PHE A CG  1 
ATOM   1068 C CD1 . PHE A 1 129 ? 3.901   2.213   -16.468 1.00 43.65 ? 126 PHE A CD1 1 
ATOM   1069 C CD2 . PHE A 1 129 ? 6.221   2.836   -16.077 1.00 44.93 ? 126 PHE A CD2 1 
ATOM   1070 C CE1 . PHE A 1 129 ? 4.293   0.945   -16.853 1.00 46.60 ? 126 PHE A CE1 1 
ATOM   1071 C CE2 . PHE A 1 129 ? 6.638   1.553   -16.467 1.00 45.85 ? 126 PHE A CE2 1 
ATOM   1072 C CZ  . PHE A 1 129 ? 5.669   0.595   -16.858 1.00 47.61 ? 126 PHE A CZ  1 
ATOM   1073 N N   . ILE A 1 130 ? 3.108   2.602   -13.050 1.00 42.18 ? 127 ILE A N   1 
ATOM   1074 C CA  . ILE A 1 130 ? 2.238   1.468   -12.919 1.00 42.37 ? 127 ILE A CA  1 
ATOM   1075 C C   . ILE A 1 130 ? 1.078   1.863   -12.035 1.00 42.61 ? 127 ILE A C   1 
ATOM   1076 O O   . ILE A 1 130 ? 1.254   2.406   -10.897 1.00 43.64 ? 127 ILE A O   1 
ATOM   1077 C CB  . ILE A 1 130 ? 2.993   0.265   -12.305 1.00 43.01 ? 127 ILE A CB  1 
ATOM   1078 C CG1 . ILE A 1 130 ? 4.170   -0.126  -13.210 1.00 42.39 ? 127 ILE A CG1 1 
ATOM   1079 C CG2 . ILE A 1 130 ? 2.007   -0.888  -11.954 1.00 40.87 ? 127 ILE A CG2 1 
ATOM   1080 C CD1 . ILE A 1 130 ? 4.783   -1.458  -12.781 1.00 47.88 ? 127 ILE A CD1 1 
ATOM   1081 N N   . SER A 1 131 ? -0.097  1.575   -12.545 1.00 41.74 ? 128 SER A N   1 
ATOM   1082 C CA  . SER A 1 131 ? -1.341  1.967   -11.898 1.00 42.95 ? 128 SER A CA  1 
ATOM   1083 C C   . SER A 1 131 ? -2.304  0.775   -11.917 1.00 41.98 ? 128 SER A C   1 
ATOM   1084 O O   . SER A 1 131 ? -2.610  0.287   -12.996 1.00 41.82 ? 128 SER A O   1 
ATOM   1085 C CB  . SER A 1 131 ? -1.913  3.151   -12.698 1.00 41.54 ? 128 SER A CB  1 
ATOM   1086 O OG  . SER A 1 131 ? -3.327  3.146   -12.662 1.00 44.94 ? 128 SER A OG  1 
ATOM   1087 N N   . SER A 1 132 ? -2.710  0.291   -10.736 1.00 42.53 ? 129 SER A N   1 
ATOM   1088 C CA  . SER A 1 132 ? -3.599  -0.878  -10.570 1.00 41.75 ? 129 SER A CA  1 
ATOM   1089 C C   . SER A 1 132 ? -4.743  -0.795  -11.610 1.00 41.22 ? 129 SER A C   1 
ATOM   1090 O O   . SER A 1 132 ? -5.099  -1.793  -12.220 1.00 41.32 ? 129 SER A O   1 
ATOM   1091 C CB  . SER A 1 132 ? -4.193  -0.926  -9.142  1.00 42.34 ? 129 SER A CB  1 
ATOM   1092 O OG  . SER A 1 132 ? -3.470  -1.709  -8.145  1.00 45.66 ? 129 SER A OG  1 
ATOM   1093 N N   . SER A 1 133 ? -5.295  0.393   -11.839 1.00 39.85 ? 130 SER A N   1 
ATOM   1094 C CA  . SER A 1 133 ? -6.458  0.538   -12.705 1.00 39.66 ? 130 SER A CA  1 
ATOM   1095 C C   . SER A 1 133 ? -6.164  0.323   -14.156 1.00 38.77 ? 130 SER A C   1 
ATOM   1096 O O   . SER A 1 133 ? -6.981  -0.264  -14.884 1.00 38.26 ? 130 SER A O   1 
ATOM   1097 C CB  . SER A 1 133 ? -7.123  1.908   -12.532 1.00 40.95 ? 130 SER A CB  1 
ATOM   1098 O OG  . SER A 1 133 ? -7.201  2.204   -11.132 1.00 45.18 ? 130 SER A OG  1 
ATOM   1099 N N   . LEU A 1 134 ? -5.018  0.807   -14.620 1.00 36.99 ? 131 LEU A N   1 
ATOM   1100 C CA  . LEU A 1 134 ? -4.687  0.568   -16.026 1.00 35.69 ? 131 LEU A CA  1 
ATOM   1101 C C   . LEU A 1 134 ? -4.249  -0.885  -16.272 1.00 33.56 ? 131 LEU A C   1 
ATOM   1102 O O   . LEU A 1 134 ? -4.558  -1.495  -17.314 1.00 33.36 ? 131 LEU A O   1 
ATOM   1103 C CB  . LEU A 1 134 ? -3.635  1.569   -16.516 1.00 35.93 ? 131 LEU A CB  1 
ATOM   1104 C CG  . LEU A 1 134 ? -3.299  1.602   -17.999 1.00 35.93 ? 131 LEU A CG  1 
ATOM   1105 C CD1 . LEU A 1 134 ? -4.547  1.686   -18.847 1.00 39.65 ? 131 LEU A CD1 1 
ATOM   1106 C CD2 . LEU A 1 134 ? -2.417  2.849   -18.268 1.00 38.97 ? 131 LEU A CD2 1 
ATOM   1107 N N   . VAL A 1 135 ? -3.522  -1.440  -15.319 1.00 31.62 ? 132 VAL A N   1 
ATOM   1108 C CA  . VAL A 1 135 ? -3.176  -2.853  -15.408 1.00 30.12 ? 132 VAL A CA  1 
ATOM   1109 C C   . VAL A 1 135 ? -4.452  -3.689  -15.491 1.00 29.84 ? 132 VAL A C   1 
ATOM   1110 O O   . VAL A 1 135 ? -4.528  -4.626  -16.295 1.00 29.42 ? 132 VAL A O   1 
ATOM   1111 C CB  . VAL A 1 135 ? -2.269  -3.297  -14.203 1.00 30.87 ? 132 VAL A CB  1 
ATOM   1112 C CG1 . VAL A 1 135 ? -2.042  -4.806  -14.220 1.00 28.62 ? 132 VAL A CG1 1 
ATOM   1113 C CG2 . VAL A 1 135 ? -0.898  -2.487  -14.202 1.00 29.32 ? 132 VAL A CG2 1 
ATOM   1114 N N   . LYS A 1 136 ? -5.447  -3.376  -14.655 1.00 29.70 ? 133 LYS A N   1 
ATOM   1115 C CA  . LYS A 1 136 ? -6.721  -4.152  -14.669 1.00 30.56 ? 133 LYS A CA  1 
ATOM   1116 C C   . LYS A 1 136 ? -7.414  -3.982  -16.026 1.00 31.12 ? 133 LYS A C   1 
ATOM   1117 O O   . LYS A 1 136 ? -7.968  -4.962  -16.580 1.00 30.45 ? 133 LYS A O   1 
ATOM   1118 C CB  . LYS A 1 136 ? -7.666  -3.762  -13.503 1.00 29.71 ? 133 LYS A CB  1 
ATOM   1119 C CG  . LYS A 1 136 ? -7.269  -4.382  -12.188 1.00 32.47 ? 133 LYS A CG  1 
ATOM   1120 C CD  . LYS A 1 136 ? -8.209  -4.059  -11.051 1.00 37.19 ? 133 LYS A CD  1 
ATOM   1121 C CE  . LYS A 1 136 ? -7.989  -2.700  -10.487 1.00 39.91 ? 133 LYS A CE  1 
ATOM   1122 N NZ  . LYS A 1 136 ? -8.907  -2.498  -9.358  1.00 37.21 ? 133 LYS A NZ  1 
ATOM   1123 N N   . GLU A 1 137 ? -7.343  -2.755  -16.580 1.00 31.85 ? 134 GLU A N   1 
ATOM   1124 C CA  A GLU A 1 137 ? -7.963  -2.518  -17.874 0.60 33.26 ? 134 GLU A CA  1 
ATOM   1125 C CA  B GLU A 1 137 ? -7.915  -2.444  -17.882 0.40 32.98 ? 134 GLU A CA  1 
ATOM   1126 C C   . GLU A 1 137 ? -7.231  -3.327  -18.929 1.00 33.31 ? 134 GLU A C   1 
ATOM   1127 O O   . GLU A 1 137 ? -7.881  -3.972  -19.748 1.00 34.22 ? 134 GLU A O   1 
ATOM   1128 C CB  A GLU A 1 137 ? -8.040  -1.032  -18.259 0.60 34.12 ? 134 GLU A CB  1 
ATOM   1129 C CB  B GLU A 1 137 ? -7.714  -0.946  -18.186 0.40 33.53 ? 134 GLU A CB  1 
ATOM   1130 C CG  A GLU A 1 137 ? -8.734  -0.799  -19.616 0.60 36.67 ? 134 GLU A CG  1 
ATOM   1131 C CG  B GLU A 1 137 ? -8.571  -0.357  -19.302 0.40 34.85 ? 134 GLU A CG  1 
ATOM   1132 C CD  A GLU A 1 137 ? -10.220 -1.201  -19.624 0.60 41.51 ? 134 GLU A CD  1 
ATOM   1133 C CD  B GLU A 1 137 ? -8.558  1.172   -19.290 0.40 37.56 ? 134 GLU A CD  1 
ATOM   1134 O OE1 A GLU A 1 137 ? -10.945 -0.841  -18.667 0.60 43.60 ? 134 GLU A OE1 1 
ATOM   1135 O OE1 B GLU A 1 137 ? -8.881  1.807   -20.326 0.40 37.58 ? 134 GLU A OE1 1 
ATOM   1136 O OE2 A GLU A 1 137 ? -10.667 -1.877  -20.585 0.60 42.31 ? 134 GLU A OE2 1 
ATOM   1137 O OE2 B GLU A 1 137 ? -8.217  1.739   -18.230 0.40 38.89 ? 134 GLU A OE2 1 
ATOM   1138 N N   . VAL A 1 138 ? -5.901  -3.364  -18.884 1.00 32.43 ? 135 VAL A N   1 
ATOM   1139 C CA  . VAL A 1 138 ? -5.162  -4.141  -19.891 1.00 32.33 ? 135 VAL A CA  1 
ATOM   1140 C C   . VAL A 1 138 ? -5.473  -5.637  -19.777 1.00 33.50 ? 135 VAL A C   1 
ATOM   1141 O O   . VAL A 1 138 ? -5.735  -6.319  -20.790 1.00 34.33 ? 135 VAL A O   1 
ATOM   1142 C CB  . VAL A 1 138 ? -3.647  -3.837  -19.803 1.00 32.27 ? 135 VAL A CB  1 
ATOM   1143 C CG1 . VAL A 1 138 ? -2.829  -4.828  -20.624 1.00 30.62 ? 135 VAL A CG1 1 
ATOM   1144 C CG2 . VAL A 1 138 ? -3.414  -2.415  -20.247 1.00 30.21 ? 135 VAL A CG2 1 
ATOM   1145 N N   . ALA A 1 139 ? -5.500  -6.139  -18.543 1.00 33.12 ? 136 ALA A N   1 
ATOM   1146 C CA  . ALA A 1 139 ? -5.801  -7.553  -18.298 1.00 33.55 ? 136 ALA A CA  1 
ATOM   1147 C C   . ALA A 1 139 ? -7.195  -7.966  -18.781 1.00 34.35 ? 136 ALA A C   1 
ATOM   1148 O O   . ALA A 1 139 ? -7.352  -9.061  -19.319 1.00 33.87 ? 136 ALA A O   1 
ATOM   1149 C CB  . ALA A 1 139 ? -5.608  -7.909  -16.817 1.00 32.50 ? 136 ALA A CB  1 
ATOM   1150 N N   . ARG A 1 140 ? -8.191  -7.105  -18.586 1.00 35.94 ? 137 ARG A N   1 
ATOM   1151 C CA  . ARG A 1 140 ? -9.549  -7.355  -19.104 1.00 37.76 ? 137 ARG A CA  1 
ATOM   1152 C C   . ARG A 1 140 ? -9.552  -7.707  -20.574 1.00 38.35 ? 137 ARG A C   1 
ATOM   1153 O O   . ARG A 1 140 ? -10.391 -8.477  -20.994 1.00 38.58 ? 137 ARG A O   1 
ATOM   1154 C CB  . ARG A 1 140 ? -10.499 -6.171  -18.864 1.00 37.73 ? 137 ARG A CB  1 
ATOM   1155 C CG  . ARG A 1 140 ? -11.068 -6.199  -17.455 1.00 41.17 ? 137 ARG A CG  1 
ATOM   1156 C CD  . ARG A 1 140 ? -12.042 -5.070  -17.154 1.00 45.99 ? 137 ARG A CD  1 
ATOM   1157 N NE  . ARG A 1 140 ? -11.910 -4.664  -15.743 1.00 49.77 ? 137 ARG A NE  1 
ATOM   1158 C CZ  . ARG A 1 140 ? -11.465 -3.466  -15.323 1.00 52.90 ? 137 ARG A CZ  1 
ATOM   1159 N NH1 . ARG A 1 140 ? -11.134 -2.500  -16.191 1.00 52.53 ? 137 ARG A NH1 1 
ATOM   1160 N NH2 . ARG A 1 140 ? -11.368 -3.216  -14.015 1.00 52.64 ? 137 ARG A NH2 1 
ATOM   1161 N N   . HIS A 1 141 ? -8.634  -7.133  -21.359 1.00 39.20 ? 138 HIS A N   1 
ATOM   1162 C CA  . HIS A 1 141 ? -8.547  -7.454  -22.798 1.00 39.31 ? 138 HIS A CA  1 
ATOM   1163 C C   . HIS A 1 141 ? -7.491  -8.471  -23.166 1.00 39.91 ? 138 HIS A C   1 
ATOM   1164 O O   . HIS A 1 141 ? -7.132  -8.599  -24.342 1.00 41.52 ? 138 HIS A O   1 
ATOM   1165 C CB  . HIS A 1 141 ? -8.326  -6.211  -23.629 1.00 38.24 ? 138 HIS A CB  1 
ATOM   1166 C CG  . HIS A 1 141 ? -9.328  -5.148  -23.368 1.00 38.96 ? 138 HIS A CG  1 
ATOM   1167 N ND1 . HIS A 1 141 ? -10.470 -4.999  -24.127 1.00 41.82 ? 138 HIS A ND1 1 
ATOM   1168 C CD2 . HIS A 1 141 ? -9.362  -4.173  -22.430 1.00 40.81 ? 138 HIS A CD2 1 
ATOM   1169 C CE1 . HIS A 1 141 ? -11.164 -3.971  -23.661 1.00 44.06 ? 138 HIS A CE1 1 
ATOM   1170 N NE2 . HIS A 1 141 ? -10.509 -3.449  -22.634 1.00 42.63 ? 138 HIS A NE2 1 
ATOM   1171 N N   . GLY A 1 142 ? -6.982  -9.191  -22.179 1.00 39.92 ? 139 GLY A N   1 
ATOM   1172 C CA  . GLY A 1 142 ? -5.975  -10.198 -22.449 1.00 39.67 ? 139 GLY A CA  1 
ATOM   1173 C C   . GLY A 1 142 ? -4.612  -9.665  -22.831 1.00 40.02 ? 139 GLY A C   1 
ATOM   1174 O O   . GLY A 1 142 ? -3.778  -10.439 -23.297 1.00 40.70 ? 139 GLY A O   1 
ATOM   1175 N N   . GLY A 1 143 ? -4.359  -8.363  -22.624 1.00 38.93 ? 140 GLY A N   1 
ATOM   1176 C CA  . GLY A 1 143 ? -3.006  -7.846  -22.770 1.00 37.79 ? 140 GLY A CA  1 
ATOM   1177 C C   . GLY A 1 143 ? -2.025  -8.461  -21.762 1.00 36.97 ? 140 GLY A C   1 
ATOM   1178 O O   . GLY A 1 143 ? -2.403  -8.883  -20.687 1.00 35.21 ? 140 GLY A O   1 
ATOM   1179 N N   . ASP A 1 144 ? -0.749  -8.492  -22.105 1.00 36.23 ? 141 ASP A N   1 
ATOM   1180 C CA  . ASP A 1 144 ? 0.198   -9.078  -21.204 1.00 36.89 ? 141 ASP A CA  1 
ATOM   1181 C C   . ASP A 1 144 ? 0.566   -8.126  -20.018 1.00 35.71 ? 141 ASP A C   1 
ATOM   1182 O O   . ASP A 1 144 ? 1.138   -7.047  -20.223 1.00 34.59 ? 141 ASP A O   1 
ATOM   1183 C CB  . ASP A 1 144 ? 1.446   -9.441  -21.978 1.00 37.91 ? 141 ASP A CB  1 
ATOM   1184 C CG  . ASP A 1 144 ? 2.479   -10.053 -21.091 1.00 43.07 ? 141 ASP A CG  1 
ATOM   1185 O OD1 . ASP A 1 144 ? 2.221   -11.168 -20.595 1.00 48.31 ? 141 ASP A OD1 1 
ATOM   1186 O OD2 . ASP A 1 144 ? 3.519   -9.399  -20.856 1.00 47.89 ? 141 ASP A OD2 1 
ATOM   1187 N N   . ILE A 1 145 ? 0.240   -8.515  -18.785 1.00 34.48 ? 142 ILE A N   1 
ATOM   1188 C CA  . ILE A 1 145 ? 0.521   -7.634  -17.643 1.00 33.61 ? 142 ILE A CA  1 
ATOM   1189 C C   . ILE A 1 145 ? 1.675   -8.129  -16.737 1.00 33.50 ? 142 ILE A C   1 
ATOM   1190 O O   . ILE A 1 145 ? 1.942   -7.549  -15.657 1.00 31.40 ? 142 ILE A O   1 
ATOM   1191 C CB  . ILE A 1 145 ? -0.764  -7.331  -16.815 1.00 33.09 ? 142 ILE A CB  1 
ATOM   1192 C CG1 . ILE A 1 145 ? -1.606  -8.574  -16.606 1.00 32.86 ? 142 ILE A CG1 1 
ATOM   1193 C CG2 . ILE A 1 145 ? -1.615  -6.285  -17.504 1.00 34.05 ? 142 ILE A CG2 1 
ATOM   1194 C CD1 . ILE A 1 145 ? -1.296  -9.346  -15.413 1.00 33.31 ? 142 ILE A CD1 1 
ATOM   1195 N N   . THR A 1 146 ? 2.375   -9.169  -17.192 1.00 33.09 ? 143 THR A N   1 
ATOM   1196 C CA  . THR A 1 146 ? 3.387   -9.852  -16.376 1.00 35.06 ? 143 THR A CA  1 
ATOM   1197 C C   . THR A 1 146 ? 4.541   -8.941  -15.908 1.00 35.48 ? 143 THR A C   1 
ATOM   1198 O O   . THR A 1 146 ? 5.061   -9.110  -14.805 1.00 36.92 ? 143 THR A O   1 
ATOM   1199 C CB  . THR A 1 146 ? 3.924   -11.158 -17.048 1.00 35.61 ? 143 THR A CB  1 
ATOM   1200 O OG1 . THR A 1 146 ? 4.566   -10.803 -18.268 1.00 38.81 ? 143 THR A OG1 1 
ATOM   1201 C CG2 . THR A 1 146 ? 2.802   -12.139 -17.371 1.00 34.37 ? 143 THR A CG2 1 
ATOM   1202 N N   . PRO A 1 147 ? 4.887   -7.915  -16.681 1.00 35.16 ? 144 PRO A N   1 
ATOM   1203 C CA  . PRO A 1 147 ? 5.901   -6.992  -16.170 1.00 35.13 ? 144 PRO A CA  1 
ATOM   1204 C C   . PRO A 1 147 ? 5.489   -6.150  -14.973 1.00 35.20 ? 144 PRO A C   1 
ATOM   1205 O O   . PRO A 1 147 ? 6.347   -5.526  -14.356 1.00 36.11 ? 144 PRO A O   1 
ATOM   1206 C CB  . PRO A 1 147 ? 6.114   -6.012  -17.338 1.00 35.11 ? 144 PRO A CB  1 
ATOM   1207 C CG  . PRO A 1 147 ? 5.712   -6.786  -18.541 1.00 35.48 ? 144 PRO A CG  1 
ATOM   1208 C CD  . PRO A 1 147 ? 4.569   -7.674  -18.098 1.00 35.28 ? 144 PRO A CD  1 
ATOM   1209 N N   . PHE A 1 148 ? 4.201   -6.100  -14.635 1.00 33.93 ? 145 PHE A N   1 
ATOM   1210 C CA  . PHE A 1 148 ? 3.750   -5.090  -13.659 1.00 32.79 ? 145 PHE A CA  1 
ATOM   1211 C C   . PHE A 1 148 ? 3.356   -5.657  -12.307 1.00 32.06 ? 145 PHE A C   1 
ATOM   1212 O O   . PHE A 1 148 ? 3.215   -4.891  -11.344 1.00 31.26 ? 145 PHE A O   1 
ATOM   1213 C CB  . PHE A 1 148 ? 2.548   -4.314  -14.222 1.00 33.26 ? 145 PHE A CB  1 
ATOM   1214 C CG  . PHE A 1 148 ? 2.706   -3.918  -15.665 1.00 35.12 ? 145 PHE A CG  1 
ATOM   1215 C CD1 . PHE A 1 148 ? 3.680   -3.022  -16.052 1.00 39.71 ? 145 PHE A CD1 1 
ATOM   1216 C CD2 . PHE A 1 148 ? 1.894   -4.460  -16.634 1.00 35.56 ? 145 PHE A CD2 1 
ATOM   1217 C CE1 . PHE A 1 148 ? 3.826   -2.657  -17.386 1.00 40.81 ? 145 PHE A CE1 1 
ATOM   1218 C CE2 . PHE A 1 148 ? 2.042   -4.113  -17.963 1.00 38.04 ? 145 PHE A CE2 1 
ATOM   1219 C CZ  . PHE A 1 148 ? 3.010   -3.221  -18.341 1.00 39.45 ? 145 PHE A CZ  1 
ATOM   1220 N N   . LEU A 1 149 ? 3.130   -6.976  -12.258 1.00 30.05 ? 146 LEU A N   1 
ATOM   1221 C CA  . LEU A 1 149 ? 2.608   -7.663  -11.066 1.00 30.53 ? 146 LEU A CA  1 
ATOM   1222 C C   . LEU A 1 149 ? 3.518   -8.824  -10.664 1.00 30.77 ? 146 LEU A C   1 
ATOM   1223 O O   . LEU A 1 149 ? 4.157   -9.455  -11.520 1.00 30.75 ? 146 LEU A O   1 
ATOM   1224 C CB  . LEU A 1 149 ? 1.192   -8.207  -11.293 1.00 29.40 ? 146 LEU A CB  1 
ATOM   1225 C CG  . LEU A 1 149 ? 0.126   -7.243  -11.782 1.00 28.85 ? 146 LEU A CG  1 
ATOM   1226 C CD1 . LEU A 1 149 ? -1.203  -8.011  -11.987 1.00 28.62 ? 146 LEU A CD1 1 
ATOM   1227 C CD2 . LEU A 1 149 ? -0.020  -6.030  -10.829 1.00 26.86 ? 146 LEU A CD2 1 
ATOM   1228 N N   . PRO A 1 150 ? 3.616   -9.087  -9.359  1.00 30.93 ? 147 PRO A N   1 
ATOM   1229 C CA  . PRO A 1 150 ? 4.269   -10.314 -8.942  1.00 31.10 ? 147 PRO A CA  1 
ATOM   1230 C C   . PRO A 1 150 ? 3.536   -11.510 -9.570  1.00 32.42 ? 147 PRO A C   1 
ATOM   1231 O O   . PRO A 1 150 ? 2.306   -11.456 -9.768  1.00 31.18 ? 147 PRO A O   1 
ATOM   1232 C CB  . PRO A 1 150 ? 4.027   -10.327 -7.439  1.00 30.94 ? 147 PRO A CB  1 
ATOM   1233 C CG  . PRO A 1 150 ? 3.879   -8.819  -7.101  1.00 31.52 ? 147 PRO A CG  1 
ATOM   1234 C CD  . PRO A 1 150 ? 3.235   -8.209  -8.235  1.00 30.07 ? 147 PRO A CD  1 
ATOM   1235 N N   . LYS A 1 151 ? 4.286   -12.596 -9.813  1.00 33.83 ? 148 LYS A N   1 
ATOM   1236 C CA  . LYS A 1 151 ? 3.786   -13.804 -10.478 1.00 35.33 ? 148 LYS A CA  1 
ATOM   1237 C C   . LYS A 1 151 ? 2.465   -14.386 -9.905  1.00 34.02 ? 148 LYS A C   1 
ATOM   1238 O O   . LYS A 1 151 ? 1.558   -14.732 -10.675 1.00 33.68 ? 148 LYS A O   1 
ATOM   1239 C CB  . LYS A 1 151 ? 4.904   -14.854 -10.504 1.00 36.88 ? 148 LYS A CB  1 
ATOM   1240 C CG  . LYS A 1 151 ? 4.626   -16.089 -11.387 1.00 42.74 ? 148 LYS A CG  1 
ATOM   1241 C CD  . LYS A 1 151 ? 5.948   -16.763 -11.835 1.00 50.48 ? 148 LYS A CD  1 
ATOM   1242 C CE  . LYS A 1 151 ? 6.567   -17.647 -10.718 1.00 53.96 ? 148 LYS A CE  1 
ATOM   1243 N NZ  . LYS A 1 151 ? 7.320   -18.797 -11.346 1.00 55.86 ? 148 LYS A NZ  1 
ATOM   1244 N N   . PRO A 1 152 ? 2.338   -14.477 -8.568  1.00 33.55 ? 149 PRO A N   1 
ATOM   1245 C CA  . PRO A 1 152 ? 1.086   -15.027 -8.008  1.00 33.30 ? 149 PRO A CA  1 
ATOM   1246 C C   . PRO A 1 152 ? -0.116  -14.085 -8.197  1.00 32.51 ? 149 PRO A C   1 
ATOM   1247 O O   . PRO A 1 152 ? -1.277  -14.541 -8.219  1.00 30.76 ? 149 PRO A O   1 
ATOM   1248 C CB  . PRO A 1 152 ? 1.384   -15.170 -6.507  1.00 34.11 ? 149 PRO A CB  1 
ATOM   1249 C CG  . PRO A 1 152 ? 2.875   -15.051 -6.363  1.00 34.72 ? 149 PRO A CG  1 
ATOM   1250 C CD  . PRO A 1 152 ? 3.398   -14.315 -7.551  1.00 34.48 ? 149 PRO A CD  1 
ATOM   1251 N N   . VAL A 1 153 ? 0.181   -12.786 -8.320  1.00 31.11 ? 150 VAL A N   1 
ATOM   1252 C CA  . VAL A 1 153 ? -0.843  -11.772 -8.529  1.00 30.73 ? 150 VAL A CA  1 
ATOM   1253 C C   . VAL A 1 153 ? -1.353  -11.820 -9.990  1.00 31.59 ? 150 VAL A C   1 
ATOM   1254 O O   . VAL A 1 153 ? -2.567  -11.786 -10.233 1.00 31.43 ? 150 VAL A O   1 
ATOM   1255 C CB  . VAL A 1 153 ? -0.375  -10.356 -8.094  1.00 29.72 ? 150 VAL A CB  1 
ATOM   1256 C CG1 . VAL A 1 153 ? -1.493  -9.363  -8.249  1.00 27.90 ? 150 VAL A CG1 1 
ATOM   1257 C CG2 . VAL A 1 153 ? 0.104   -10.415 -6.614  1.00 30.68 ? 150 VAL A CG2 1 
ATOM   1258 N N   . THR A 1 154 ? -0.428  -11.893 -10.935 1.00 32.06 ? 151 THR A N   1 
ATOM   1259 C CA  . THR A 1 154 ? -0.761  -12.137 -12.329 1.00 33.13 ? 151 THR A CA  1 
ATOM   1260 C C   . THR A 1 154 ? -1.663  -13.386 -12.453 1.00 33.27 ? 151 THR A C   1 
ATOM   1261 O O   . THR A 1 154 ? -2.720  -13.347 -13.084 1.00 32.55 ? 151 THR A O   1 
ATOM   1262 C CB  . THR A 1 154 ? 0.513   -12.397 -13.120 1.00 33.16 ? 151 THR A CB  1 
ATOM   1263 O OG1 . THR A 1 154 ? 1.318   -11.219 -13.119 1.00 34.44 ? 151 THR A OG1 1 
ATOM   1264 C CG2 . THR A 1 154 ? 0.174   -12.809 -14.550 1.00 34.19 ? 151 THR A CG2 1 
ATOM   1265 N N   . LYS A 1 155 ? -1.246  -14.480 -11.820 1.00 34.48 ? 152 LYS A N   1 
ATOM   1266 C CA  . LYS A 1 155 ? -2.012  -15.712 -11.871 1.00 35.74 ? 152 LYS A CA  1 
ATOM   1267 C C   . LYS A 1 155 ? -3.436  -15.506 -11.300 1.00 35.74 ? 152 LYS A C   1 
ATOM   1268 O O   . LYS A 1 155 ? -4.431  -15.946 -11.900 1.00 35.96 ? 152 LYS A O   1 
ATOM   1269 C CB  . LYS A 1 155 ? -1.260  -16.838 -11.149 1.00 36.68 ? 152 LYS A CB  1 
ATOM   1270 C CG  . LYS A 1 155 ? -1.830  -18.193 -11.412 1.00 40.86 ? 152 LYS A CG  1 
ATOM   1271 C CD  . LYS A 1 155 ? -1.621  -19.158 -10.231 1.00 48.52 ? 152 LYS A CD  1 
ATOM   1272 C CE  . LYS A 1 155 ? -2.585  -20.347 -10.326 1.00 48.79 ? 152 LYS A CE  1 
ATOM   1273 N NZ  . LYS A 1 155 ? -2.231  -21.304 -9.245  1.00 54.54 ? 152 LYS A NZ  1 
ATOM   1274 N N   . ALA A 1 156 ? -3.562  -14.834 -10.166 1.00 34.40 ? 153 ALA A N   1 
ATOM   1275 C CA  . ALA A 1 156 ? -4.911  -14.608 -9.642  1.00 35.15 ? 153 ALA A CA  1 
ATOM   1276 C C   . ALA A 1 156 ? -5.722  -13.590 -10.494 1.00 35.68 ? 153 ALA A C   1 
ATOM   1277 O O   . ALA A 1 156 ? -6.951  -13.704 -10.628 1.00 35.33 ? 153 ALA A O   1 
ATOM   1278 C CB  . ALA A 1 156 ? -4.852  -14.188 -8.151  1.00 34.97 ? 153 ALA A CB  1 
ATOM   1279 N N   . LEU A 1 157 ? -5.054  -12.593 -11.088 1.00 35.22 ? 154 LEU A N   1 
ATOM   1280 C CA  . LEU A 1 157 ? -5.786  -11.641 -11.912 1.00 35.25 ? 154 LEU A CA  1 
ATOM   1281 C C   . LEU A 1 157 ? -6.367  -12.360 -13.152 1.00 36.24 ? 154 LEU A C   1 
ATOM   1282 O O   . LEU A 1 157 ? -7.531  -12.164 -13.522 1.00 34.71 ? 154 LEU A O   1 
ATOM   1283 C CB  . LEU A 1 157 ? -4.874  -10.489 -12.333 1.00 34.77 ? 154 LEU A CB  1 
ATOM   1284 C CG  . LEU A 1 157 ? -5.517  -9.362  -13.139 1.00 36.94 ? 154 LEU A CG  1 
ATOM   1285 C CD1 . LEU A 1 157 ? -6.618  -8.705  -12.334 1.00 37.07 ? 154 LEU A CD1 1 
ATOM   1286 C CD2 . LEU A 1 157 ? -4.465  -8.287  -13.488 1.00 35.93 ? 154 LEU A CD2 1 
ATOM   1287 N N   . LEU A 1 158 ? -5.533  -13.186 -13.782 1.00 37.63 ? 155 LEU A N   1 
ATOM   1288 C CA  . LEU A 1 158 ? -5.911  -13.976 -14.955 1.00 39.17 ? 155 LEU A CA  1 
ATOM   1289 C C   . LEU A 1 158 ? -7.047  -14.960 -14.642 1.00 40.73 ? 155 LEU A C   1 
ATOM   1290 O O   . LEU A 1 158 ? -7.980  -15.061 -15.441 1.00 41.76 ? 155 LEU A O   1 
ATOM   1291 C CB  . LEU A 1 158 ? -4.694  -14.710 -15.533 1.00 38.64 ? 155 LEU A CB  1 
ATOM   1292 C CG  . LEU A 1 158 ? -3.922  -14.027 -16.683 1.00 40.44 ? 155 LEU A CG  1 
ATOM   1293 C CD1 . LEU A 1 158 ? -4.081  -12.483 -16.750 1.00 38.47 ? 155 LEU A CD1 1 
ATOM   1294 C CD2 . LEU A 1 158 ? -2.462  -14.405 -16.680 1.00 40.22 ? 155 LEU A CD2 1 
ATOM   1295 N N   . ALA A 1 159 ? -6.995  -15.647 -13.491 1.00 41.68 ? 156 ALA A N   1 
ATOM   1296 C CA  . ALA A 1 159 ? -8.118  -16.516 -13.077 1.00 42.96 ? 156 ALA A CA  1 
ATOM   1297 C C   . ALA A 1 159 ? -9.384  -15.697 -12.811 1.00 44.24 ? 156 ALA A C   1 
ATOM   1298 O O   . ALA A 1 159 ? -10.461 -16.033 -13.297 1.00 45.01 ? 156 ALA A O   1 
ATOM   1299 C CB  . ALA A 1 159 ? -7.756  -17.366 -11.891 1.00 41.88 ? 156 ALA A CB  1 
ATOM   1300 N N   . LYS A 1 160 ? -9.251  -14.596 -12.089 1.00 45.82 ? 157 LYS A N   1 
ATOM   1301 C CA  . LYS A 1 160 ? -10.396 -13.744 -11.786 1.00 47.46 ? 157 LYS A CA  1 
ATOM   1302 C C   . LYS A 1 160 ? -11.073 -13.248 -13.054 1.00 49.38 ? 157 LYS A C   1 
ATOM   1303 O O   . LYS A 1 160 ? -12.255 -12.935 -13.012 1.00 50.34 ? 157 LYS A O   1 
ATOM   1304 C CB  . LYS A 1 160 ? -9.982  -12.573 -10.882 1.00 47.24 ? 157 LYS A CB  1 
ATOM   1305 C CG  . LYS A 1 160 ? -11.028 -11.472 -10.651 1.00 45.97 ? 157 LYS A CG  1 
ATOM   1306 C CD  . LYS A 1 160 ? -12.081 -11.768 -9.548  1.00 46.52 ? 157 LYS A CD  1 
ATOM   1307 C CE  . LYS A 1 160 ? -11.493 -11.982 -8.131  1.00 46.53 ? 157 LYS A CE  1 
ATOM   1308 N NZ  . LYS A 1 160 ? -12.534 -11.960 -7.004  1.00 46.34 ? 157 LYS A NZ  1 
ATOM   1309 N N   . LEU A 1 161 ? -10.353 -13.185 -14.180 1.00 50.89 ? 158 LEU A N   1 
ATOM   1310 C CA  . LEU A 1 161 ? -10.955 -12.707 -15.448 1.00 51.90 ? 158 LEU A CA  1 
ATOM   1311 C C   . LEU A 1 161 ? -11.324 -13.820 -16.446 1.00 53.38 ? 158 LEU A C   1 
ATOM   1312 O O   . LEU A 1 161 ? -12.404 -13.784 -17.013 1.00 53.60 ? 158 LEU A O   1 
ATOM   1313 C CB  . LEU A 1 161 ? -10.080 -11.663 -16.141 1.00 51.03 ? 158 LEU A CB  1 
ATOM   1314 C CG  . LEU A 1 161 ? -9.743  -10.404 -15.350 1.00 49.71 ? 158 LEU A CG  1 
ATOM   1315 C CD1 . LEU A 1 161 ? -8.643  -9.682  -16.088 1.00 48.16 ? 158 LEU A CD1 1 
ATOM   1316 C CD2 . LEU A 1 161 ? -10.952 -9.468  -15.031 1.00 46.25 ? 158 LEU A CD2 1 
ATOM   1317 N N   . ALA A 1 162 ? -10.422 -14.779 -16.668 1.00 54.89 ? 159 ALA A N   1 
ATOM   1318 C CA  . ALA A 1 162 ? -10.660 -15.836 -17.642 1.00 56.27 ? 159 ALA A CA  1 
ATOM   1319 C C   . ALA A 1 162 ? -11.710 -16.740 -17.048 1.00 57.17 ? 159 ALA A C   1 
ATOM   1320 O O   . ALA A 1 162 ? -12.820 -16.870 -17.595 1.00 57.69 ? 159 ALA A O   1 
ATOM   1321 C CB  . ALA A 1 162 ? -9.367  -16.627 -17.969 1.00 56.14 ? 159 ALA A CB  1 
ATOM   1322 O OXT . ALA A 1 162 ? -11.456 -17.320 -15.985 1.00 57.81 ? 159 ALA A OXT 1 
HETATM 1323 C C   . FMT B 2 .   ? -8.445  7.417   6.325   1.00 56.29 ? 301 FMT A C   1 
HETATM 1324 O O1  . FMT B 2 .   ? -8.646  8.585   5.903   1.00 58.31 ? 301 FMT A O1  1 
HETATM 1325 O O2  . FMT B 2 .   ? -9.013  6.456   5.764   1.00 55.58 ? 301 FMT A O2  1 
HETATM 1326 O O   . HOH C 3 .   ? 5.108   14.566  5.782   1.00 20.61 ? 160 HOH A O   1 
HETATM 1327 O O   . HOH C 3 .   ? -6.944  -13.836 3.517   1.00 21.45 ? 161 HOH A O   1 
HETATM 1328 O O   . HOH C 3 .   ? -1.062  10.708  5.594   1.00 24.23 ? 162 HOH A O   1 
HETATM 1329 O O   . HOH C 3 .   ? 1.578   3.126   -2.596  1.00 36.72 ? 163 HOH A O   1 
HETATM 1330 O O   . HOH C 3 .   ? -0.701  11.378  2.981   1.00 21.39 ? 164 HOH A O   1 
HETATM 1331 O O   . HOH C 3 .   ? -7.027  8.635   8.885   1.00 26.79 ? 165 HOH A O   1 
HETATM 1332 O O   . HOH C 3 .   ? -4.785  -14.811 4.855   1.00 22.40 ? 166 HOH A O   1 
HETATM 1333 O O   . HOH C 3 .   ? 0.338   13.175  8.824   1.00 23.54 ? 167 HOH A O   1 
HETATM 1334 O O   . HOH C 3 .   ? -3.333  -7.440  -2.723  1.00 26.79 ? 168 HOH A O   1 
HETATM 1335 O O   . HOH C 3 .   ? 1.551   -11.211 7.216   1.00 30.94 ? 169 HOH A O   1 
HETATM 1336 O O   . HOH C 3 .   ? 3.894   -11.469 -13.528 1.00 36.43 ? 170 HOH A O   1 
HETATM 1337 O O   . HOH C 3 .   ? 6.367   -11.508 6.264   1.00 32.08 ? 171 HOH A O   1 
HETATM 1338 O O   . HOH C 3 .   ? 3.915   -11.209 5.294   1.00 38.37 ? 172 HOH A O   1 
HETATM 1339 O O   . HOH C 3 .   ? -1.701  1.550   -8.016  1.00 40.05 ? 173 HOH A O   1 
HETATM 1340 O O   . HOH C 3 .   ? 0.976   0.558   -8.354  1.00 35.88 ? 174 HOH A O   1 
HETATM 1341 O O   . HOH C 3 .   ? 3.889   2.561   -9.462  1.00 38.50 ? 175 HOH A O   1 
HETATM 1342 O O   . HOH C 3 .   ? -0.463  12.135  11.290  1.00 32.76 ? 176 HOH A O   1 
HETATM 1343 O O   . HOH C 3 .   ? 3.543   -13.606 4.422   1.00 35.26 ? 177 HOH A O   1 
HETATM 1344 O O   . HOH C 3 .   ? -4.950  -0.812  -5.559  1.00 36.27 ? 178 HOH A O   1 
HETATM 1345 O O   . HOH C 3 .   ? -13.064 -10.709 2.300   1.00 25.85 ? 179 HOH A O   1 
HETATM 1346 O O   . HOH C 3 .   ? 0.030   7.443   -2.393  1.00 38.04 ? 180 HOH A O   1 
HETATM 1347 O O   . HOH C 3 .   ? 13.202  -13.945 5.331   1.00 28.07 ? 181 HOH A O   1 
HETATM 1348 O O   . HOH C 3 .   ? -3.307  0.637   -3.453  1.00 37.66 ? 182 HOH A O   1 
HETATM 1349 O O   . HOH C 3 .   ? -3.493  3.079   -8.827  1.00 48.27 ? 183 HOH A O   1 
HETATM 1350 O O   . HOH C 3 .   ? -4.541  2.763   -2.197  1.00 45.76 ? 184 HOH A O   1 
HETATM 1351 O O   . HOH C 3 .   ? -5.184  4.825   0.921   1.00 45.87 ? 185 HOH A O   1 
HETATM 1352 O O   . HOH C 3 .   ? -11.878 4.860   12.594  1.00 35.50 ? 186 HOH A O   1 
HETATM 1353 O O   . HOH C 3 .   ? 9.096   -4.740  -7.019  1.00 31.78 ? 187 HOH A O   1 
HETATM 1354 O O   . HOH C 3 .   ? 2.904   13.839  9.228   1.00 29.33 ? 188 HOH A O   1 
HETATM 1355 O O   . HOH C 3 .   ? 1.561   6.188   -11.882 1.00 42.61 ? 189 HOH A O   1 
HETATM 1356 O O   . HOH C 3 .   ? 3.158   2.150   -6.863  1.00 44.51 ? 190 HOH A O   1 
HETATM 1357 O O   . HOH C 3 .   ? 0.606   5.097   -1.065  1.00 33.00 ? 191 HOH A O   1 
HETATM 1358 O O   . HOH C 3 .   ? -10.291 -1.054  -6.349  1.00 34.96 ? 192 HOH A O   1 
HETATM 1359 O O   . HOH C 3 .   ? -7.992  -12.158 5.477   1.00 37.09 ? 193 HOH A O   1 
HETATM 1360 O O   . HOH C 3 .   ? 7.090   -12.539 -9.006  1.00 42.73 ? 194 HOH A O   1 
HETATM 1361 O O   . HOH C 3 .   ? -6.563  -9.062  8.661   1.00 33.51 ? 195 HOH A O   1 
HETATM 1362 O O   . HOH C 3 .   ? 13.581  -9.405  6.073   1.00 36.40 ? 196 HOH A O   1 
HETATM 1363 O O   . HOH C 3 .   ? 3.157   15.128  11.879  1.00 42.21 ? 197 HOH A O   1 
HETATM 1364 O O   . HOH C 3 .   ? 6.692   -9.135  -12.451 1.00 43.31 ? 198 HOH A O   1 
HETATM 1365 O O   . HOH C 3 .   ? 8.550   -1.780  -16.083 1.00 42.73 ? 199 HOH A O   1 
HETATM 1366 O O   . HOH C 3 .   ? -0.412  -11.248 -18.498 1.00 43.14 ? 200 HOH A O   1 
HETATM 1367 O O   . HOH C 3 .   ? 0.182   -8.154  -24.777 1.00 36.39 ? 201 HOH A O   1 
HETATM 1368 O O   . HOH C 3 .   ? 2.217   3.874   -5.171  1.00 46.09 ? 202 HOH A O   1 
HETATM 1369 O O   . HOH C 3 .   ? 12.736  -2.909  -3.681  1.00 41.34 ? 203 HOH A O   1 
HETATM 1370 O O   . HOH C 3 .   ? 14.217  0.555   -5.165  1.00 39.74 ? 204 HOH A O   1 
HETATM 1371 O O   . HOH C 3 .   ? 7.573   -10.129 -7.503  1.00 50.56 ? 205 HOH A O   1 
HETATM 1372 O O   . HOH C 3 .   ? -14.020 -7.875  0.693   1.00 44.65 ? 206 HOH A O   1 
HETATM 1373 O O   . HOH C 3 .   ? -10.266 2.106   5.826   1.00 49.39 ? 207 HOH A O   1 
HETATM 1374 O O   . HOH C 3 .   ? -8.176  4.108   5.047   1.00 40.57 ? 208 HOH A O   1 
HETATM 1375 O O   . HOH C 3 .   ? -5.268  20.367  10.863  1.00 47.63 ? 209 HOH A O   1 
HETATM 1376 O O   . HOH C 3 .   ? -6.518  3.359   2.333   1.00 52.42 ? 210 HOH A O   1 
HETATM 1377 O O   . HOH C 3 .   ? -2.003  -16.736 -7.299  1.00 40.51 ? 211 HOH A O   1 
HETATM 1378 O O   . HOH C 3 .   ? 11.400  7.068   -10.029 1.00 37.67 ? 212 HOH A O   1 
HETATM 1379 O O   . HOH C 3 .   ? -2.384  9.637   -3.965  1.00 40.07 ? 213 HOH A O   1 
HETATM 1380 O O   . HOH C 3 .   ? -4.141  -17.739 -13.935 1.00 42.59 ? 214 HOH A O   1 
HETATM 1381 O O   . HOH C 3 .   ? 14.987  -2.427  -2.735  1.00 42.87 ? 215 HOH A O   1 
HETATM 1382 O O   . HOH C 3 .   ? 11.064  -4.738  -5.305  1.00 43.86 ? 216 HOH A O   1 
HETATM 1383 O O   . HOH C 3 .   ? 16.911  -4.153  -5.280  1.00 67.86 ? 217 HOH A O   1 
HETATM 1384 O O   . HOH C 3 .   ? 14.313  -7.536  8.388   1.00 58.14 ? 218 HOH A O   1 
HETATM 1385 O O   . HOH C 3 .   ? -7.351  8.999   -4.287  1.00 56.15 ? 219 HOH A O   1 
HETATM 1386 O O   . HOH C 3 .   ? 4.980   -9.912  12.689  1.00 50.68 ? 220 HOH A O   1 
HETATM 1387 O O   . HOH C 3 .   ? -7.450  6.540   -2.973  1.00 58.23 ? 221 HOH A O   1 
HETATM 1388 O O   . HOH C 3 .   ? -11.746 -2.677  -9.871  1.00 40.71 ? 222 HOH A O   1 
HETATM 1389 O O   . HOH C 3 .   ? 8.056   -11.433 -3.248  1.00 40.17 ? 223 HOH A O   1 
HETATM 1390 O O   . HOH C 3 .   ? 11.007  -7.802  -2.023  1.00 33.02 ? 224 HOH A O   1 
HETATM 1391 O O   . HOH C 3 .   ? -12.068 -0.498  -8.051  1.00 54.20 ? 225 HOH A O   1 
HETATM 1392 O O   . HOH C 3 .   ? -5.840  19.937  14.730  1.00 38.86 ? 226 HOH A O   1 
HETATM 1393 O O   . HOH C 3 .   ? -6.434  7.266   0.902   1.00 52.48 ? 227 HOH A O   1 
HETATM 1394 O O   . HOH C 3 .   ? 1.013   -4.901  15.181  1.00 47.81 ? 228 HOH A O   1 
HETATM 1395 O O   . HOH C 3 .   ? -12.356 0.529   4.210   1.00 52.22 ? 229 HOH A O   1 
HETATM 1396 O O   . HOH C 3 .   ? -12.166 -10.091 -19.246 1.00 39.10 ? 230 HOH A O   1 
HETATM 1397 O O   . HOH C 3 .   ? -6.334  -5.277  13.311  1.00 50.36 ? 231 HOH A O   1 
HETATM 1398 O O   . HOH C 3 .   ? -5.334  2.061   -9.155  1.00 52.00 ? 232 HOH A O   1 
HETATM 1399 O O   . HOH C 3 .   ? -14.838 -8.379  -8.802  1.00 38.77 ? 233 HOH A O   1 
HETATM 1400 O O   . HOH C 3 .   ? -14.908 -9.797  -5.403  1.00 48.79 ? 234 HOH A O   1 
HETATM 1401 O O   . HOH C 3 .   ? -5.257  6.528   -2.256  1.00 53.77 ? 235 HOH A O   1 
HETATM 1402 O O   A HOH C 3 .   ? 6.545   13.478  8.866   0.60 32.77 ? 236 HOH A O   1 
HETATM 1403 O O   . HOH C 3 .   ? -0.571  -12.662 -22.619 1.00 51.85 ? 237 HOH A O   1 
HETATM 1404 O O   . HOH C 3 .   ? -11.508 5.308   5.292   1.00 57.71 ? 238 HOH A O   1 
# 
loop_
_pdbx_poly_seq_scheme.asym_id 
_pdbx_poly_seq_scheme.entity_id 
_pdbx_poly_seq_scheme.seq_id 
_pdbx_poly_seq_scheme.mon_id 
_pdbx_poly_seq_scheme.ndb_seq_num 
_pdbx_poly_seq_scheme.pdb_seq_num 
_pdbx_poly_seq_scheme.auth_seq_num 
_pdbx_poly_seq_scheme.pdb_mon_id 
_pdbx_poly_seq_scheme.auth_mon_id 
_pdbx_poly_seq_scheme.pdb_strand_id 
_pdbx_poly_seq_scheme.pdb_ins_code 
_pdbx_poly_seq_scheme.hetero 
A 1 1   SER 1   -2  ?   ?   ?   A . n 
A 1 2   ASN 2   -1  -1  ASN ASN A . n 
A 1 3   ALA 3   0   0   ALA ALA A . n 
A 1 4   MET 4   1   1   MET MET A . n 
A 1 5   ILE 5   2   2   ILE ILE A . n 
A 1 6   THR 6   3   3   THR THR A . n 
A 1 7   LYS 7   4   4   LYS LYS A . n 
A 1 8   ALA 8   5   5   ALA ALA A . n 
A 1 9   ILE 9   6   6   ILE ILE A . n 
A 1 10  TYR 10  7   7   TYR TYR A . n 
A 1 11  PRO 11  8   8   PRO PRO A . n 
A 1 12  GLY 12  9   9   GLY GLY A . n 
A 1 13  THR 13  10  10  THR THR A . n 
A 1 14  PHE 14  11  11  PHE PHE A . n 
A 1 15  ASP 15  12  12  ASP ASP A . n 
A 1 16  PRO 16  13  13  PRO PRO A . n 
A 1 17  ILE 17  14  14  ILE ILE A . n 
A 1 18  THR 18  15  15  THR THR A . n 
A 1 19  ASN 19  16  16  ASN ASN A . n 
A 1 20  GLY 20  17  17  GLY GLY A . n 
A 1 21  HIS 21  18  18  HIS HIS A . n 
A 1 22  LEU 22  19  19  LEU LEU A . n 
A 1 23  ASP 23  20  20  ASP ASP A . n 
A 1 24  LEU 24  21  21  LEU LEU A . n 
A 1 25  VAL 25  22  22  VAL VAL A . n 
A 1 26  THR 26  23  23  THR THR A . n 
A 1 27  ARG 27  24  24  ARG ARG A . n 
A 1 28  ALA 28  25  25  ALA ALA A . n 
A 1 29  SER 29  26  26  SER SER A . n 
A 1 30  ALA 30  27  27  ALA ALA A . n 
A 1 31  MET 31  28  28  MET MET A . n 
A 1 32  PHE 32  29  29  PHE PHE A . n 
A 1 33  SER 33  30  30  SER SER A . n 
A 1 34  HIS 34  31  31  HIS HIS A . n 
A 1 35  VAL 35  32  32  VAL VAL A . n 
A 1 36  ILE 36  33  33  ILE ILE A . n 
A 1 37  LEU 37  34  34  LEU LEU A . n 
A 1 38  ALA 38  35  35  ALA ALA A . n 
A 1 39  ILE 39  36  36  ILE ILE A . n 
A 1 40  ALA 40  37  37  ALA ALA A . n 
A 1 41  ASP 41  38  38  ASP ASP A . n 
A 1 42  SER 42  39  39  SER SER A . n 
A 1 43  SER 43  40  40  SER SER A . n 
A 1 44  SER 44  41  41  SER SER A . n 
A 1 45  LYS 45  42  42  LYS LYS A . n 
A 1 46  LYS 46  43  43  LYS LYS A . n 
A 1 47  PRO 47  44  44  PRO PRO A . n 
A 1 48  MET 48  45  45  MET MET A . n 
A 1 49  PHE 49  46  46  PHE PHE A . n 
A 1 50  THR 50  47  47  THR THR A . n 
A 1 51  LEU 51  48  48  LEU LEU A . n 
A 1 52  ASP 52  49  49  ASP ASP A . n 
A 1 53  GLU 53  50  50  GLU GLU A . n 
A 1 54  ARG 54  51  51  ARG ARG A . n 
A 1 55  VAL 55  52  52  VAL VAL A . n 
A 1 56  ALA 56  53  53  ALA ALA A . n 
A 1 57  LEU 57  54  54  LEU LEU A . n 
A 1 58  ALA 58  55  55  ALA ALA A . n 
A 1 59  LYS 59  56  56  LYS LYS A . n 
A 1 60  LYS 60  57  57  LYS LYS A . n 
A 1 61  VAL 61  58  58  VAL VAL A . n 
A 1 62  THR 62  59  59  THR THR A . n 
A 1 63  ALA 63  60  60  ALA ALA A . n 
A 1 64  PRO 64  61  61  PRO PRO A . n 
A 1 65  LEU 65  62  62  LEU LEU A . n 
A 1 66  LYS 66  63  63  LYS LYS A . n 
A 1 67  ASN 67  64  64  ASN ASN A . n 
A 1 68  VAL 68  65  65  VAL VAL A . n 
A 1 69  GLU 69  66  66  GLU GLU A . n 
A 1 70  VAL 70  67  67  VAL VAL A . n 
A 1 71  LEU 71  68  68  LEU LEU A . n 
A 1 72  GLY 72  69  69  GLY GLY A . n 
A 1 73  PHE 73  70  70  PHE PHE A . n 
A 1 74  SER 74  71  71  SER SER A . n 
A 1 75  GLU 75  72  72  GLU GLU A . n 
A 1 76  LEU 76  73  73  LEU LEU A . n 
A 1 77  MET 77  74  74  MET MET A . n 
A 1 78  ALA 78  75  75  ALA ALA A . n 
A 1 79  GLU 79  76  76  GLU GLU A . n 
A 1 80  PHE 80  77  77  PHE PHE A . n 
A 1 81  ALA 81  78  78  ALA ALA A . n 
A 1 82  LYS 82  79  79  LYS LYS A . n 
A 1 83  LYS 83  80  80  LYS LYS A . n 
A 1 84  HIS 84  81  81  HIS HIS A . n 
A 1 85  ASN 85  82  82  ASN ASN A . n 
A 1 86  ALA 86  83  83  ALA ALA A . n 
A 1 87  ASN 87  84  84  ASN ASN A . n 
A 1 88  ILE 88  85  85  ILE ILE A . n 
A 1 89  LEU 89  86  86  LEU LEU A . n 
A 1 90  VAL 90  87  87  VAL VAL A . n 
A 1 91  ARG 91  88  88  ARG ARG A . n 
A 1 92  GLY 92  89  89  GLY GLY A . n 
A 1 93  LEU 93  90  90  LEU LEU A . n 
A 1 94  ARG 94  91  91  ARG ARG A . n 
A 1 95  SER 95  92  92  SER SER A . n 
A 1 96  VAL 96  93  93  VAL VAL A . n 
A 1 97  SER 97  94  94  SER SER A . n 
A 1 98  ASP 98  95  95  ASP ASP A . n 
A 1 99  PHE 99  96  96  PHE PHE A . n 
A 1 100 GLU 100 97  97  GLU GLU A . n 
A 1 101 TYR 101 98  98  TYR TYR A . n 
A 1 102 GLU 102 99  99  GLU GLU A . n 
A 1 103 TRP 103 100 100 TRP TRP A . n 
A 1 104 GLN 104 101 101 GLN GLN A . n 
A 1 105 LEU 105 102 102 LEU LEU A . n 
A 1 106 ALA 106 103 103 ALA ALA A . n 
A 1 107 ASN 107 104 104 ASN ASN A . n 
A 1 108 MET 108 105 105 MET MET A . n 
A 1 109 ASN 109 106 106 ASN ASN A . n 
A 1 110 ARG 110 107 107 ARG ARG A . n 
A 1 111 HIS 111 108 108 HIS HIS A . n 
A 1 112 LEU 112 109 109 LEU LEU A . n 
A 1 113 MET 113 110 110 MET MET A . n 
A 1 114 PRO 114 111 111 PRO PRO A . n 
A 1 115 LYS 115 112 112 LYS LYS A . n 
A 1 116 LEU 116 113 113 LEU LEU A . n 
A 1 117 GLU 117 114 114 GLU GLU A . n 
A 1 118 SER 118 115 115 SER SER A . n 
A 1 119 VAL 119 116 116 VAL VAL A . n 
A 1 120 PHE 120 117 117 PHE PHE A . n 
A 1 121 LEU 121 118 118 LEU LEU A . n 
A 1 122 ILE 122 119 119 ILE ILE A . n 
A 1 123 PRO 123 120 120 PRO PRO A . n 
A 1 124 SER 124 121 121 SER SER A . n 
A 1 125 GLU 125 122 122 GLU GLU A . n 
A 1 126 LYS 126 123 123 LYS LYS A . n 
A 1 127 TRP 127 124 124 TRP TRP A . n 
A 1 128 SER 128 125 125 SER SER A . n 
A 1 129 PHE 129 126 126 PHE PHE A . n 
A 1 130 ILE 130 127 127 ILE ILE A . n 
A 1 131 SER 131 128 128 SER SER A . n 
A 1 132 SER 132 129 129 SER SER A . n 
A 1 133 SER 133 130 130 SER SER A . n 
A 1 134 LEU 134 131 131 LEU LEU A . n 
A 1 135 VAL 135 132 132 VAL VAL A . n 
A 1 136 LYS 136 133 133 LYS LYS A . n 
A 1 137 GLU 137 134 134 GLU GLU A . n 
A 1 138 VAL 138 135 135 VAL VAL A . n 
A 1 139 ALA 139 136 136 ALA ALA A . n 
A 1 140 ARG 140 137 137 ARG ARG A . n 
A 1 141 HIS 141 138 138 HIS HIS A . n 
A 1 142 GLY 142 139 139 GLY GLY A . n 
A 1 143 GLY 143 140 140 GLY GLY A . n 
A 1 144 ASP 144 141 141 ASP ASP A . n 
A 1 145 ILE 145 142 142 ILE ILE A . n 
A 1 146 THR 146 143 143 THR THR A . n 
A 1 147 PRO 147 144 144 PRO PRO A . n 
A 1 148 PHE 148 145 145 PHE PHE A . n 
A 1 149 LEU 149 146 146 LEU LEU A . n 
A 1 150 PRO 150 147 147 PRO PRO A . n 
A 1 151 LYS 151 148 148 LYS LYS A . n 
A 1 152 PRO 152 149 149 PRO PRO A . n 
A 1 153 VAL 153 150 150 VAL VAL A . n 
A 1 154 THR 154 151 151 THR THR A . n 
A 1 155 LYS 155 152 152 LYS LYS A . n 
A 1 156 ALA 156 153 153 ALA ALA A . n 
A 1 157 LEU 157 154 154 LEU LEU A . n 
A 1 158 LEU 158 155 155 LEU LEU A . n 
A 1 159 ALA 159 156 156 ALA ALA A . n 
A 1 160 LYS 160 157 157 LYS LYS A . n 
A 1 161 LEU 161 158 158 LEU LEU A . n 
A 1 162 ALA 162 159 159 ALA ALA A . n 
# 
_pdbx_SG_project.id                    1 
_pdbx_SG_project.project_name          ? 
_pdbx_SG_project.full_name_of_center   'Center for Structural Genomics of Infectious Diseases' 
_pdbx_SG_project.initial_of_center     CSGID 
# 
loop_
_pdbx_nonpoly_scheme.asym_id 
_pdbx_nonpoly_scheme.entity_id 
_pdbx_nonpoly_scheme.mon_id 
_pdbx_nonpoly_scheme.ndb_seq_num 
_pdbx_nonpoly_scheme.pdb_seq_num 
_pdbx_nonpoly_scheme.auth_seq_num 
_pdbx_nonpoly_scheme.pdb_mon_id 
_pdbx_nonpoly_scheme.auth_mon_id 
_pdbx_nonpoly_scheme.pdb_strand_id 
_pdbx_nonpoly_scheme.pdb_ins_code 
B 2 FMT 1  301 301 FMT FMT A . 
C 3 HOH 1  160 1   HOH HOH A . 
C 3 HOH 2  161 2   HOH HOH A . 
C 3 HOH 3  162 3   HOH HOH A . 
C 3 HOH 4  163 4   HOH HOH A . 
C 3 HOH 5  164 5   HOH HOH A . 
C 3 HOH 6  165 6   HOH HOH A . 
C 3 HOH 7  166 7   HOH HOH A . 
C 3 HOH 8  167 8   HOH HOH A . 
C 3 HOH 9  168 9   HOH HOH A . 
C 3 HOH 10 169 10  HOH HOH A . 
C 3 HOH 11 170 11  HOH HOH A . 
C 3 HOH 12 171 12  HOH HOH A . 
C 3 HOH 13 172 13  HOH HOH A . 
C 3 HOH 14 173 14  HOH HOH A . 
C 3 HOH 15 174 15  HOH HOH A . 
C 3 HOH 16 175 16  HOH HOH A . 
C 3 HOH 17 176 17  HOH HOH A . 
C 3 HOH 18 177 18  HOH HOH A . 
C 3 HOH 19 178 19  HOH HOH A . 
C 3 HOH 20 179 20  HOH HOH A . 
C 3 HOH 21 180 21  HOH HOH A . 
C 3 HOH 22 181 22  HOH HOH A . 
C 3 HOH 23 182 23  HOH HOH A . 
C 3 HOH 24 183 24  HOH HOH A . 
C 3 HOH 25 184 25  HOH HOH A . 
C 3 HOH 26 185 26  HOH HOH A . 
C 3 HOH 27 186 27  HOH HOH A . 
C 3 HOH 28 187 28  HOH HOH A . 
C 3 HOH 29 188 29  HOH HOH A . 
C 3 HOH 30 189 30  HOH HOH A . 
C 3 HOH 31 190 31  HOH HOH A . 
C 3 HOH 32 191 32  HOH HOH A . 
C 3 HOH 33 192 33  HOH HOH A . 
C 3 HOH 34 193 34  HOH HOH A . 
C 3 HOH 35 194 35  HOH HOH A . 
C 3 HOH 36 195 36  HOH HOH A . 
C 3 HOH 37 196 37  HOH HOH A . 
C 3 HOH 38 197 38  HOH HOH A . 
C 3 HOH 39 198 39  HOH HOH A . 
C 3 HOH 40 199 40  HOH HOH A . 
C 3 HOH 41 200 41  HOH HOH A . 
C 3 HOH 42 201 42  HOH HOH A . 
C 3 HOH 43 202 43  HOH HOH A . 
C 3 HOH 44 203 44  HOH HOH A . 
C 3 HOH 45 204 45  HOH HOH A . 
C 3 HOH 46 205 46  HOH HOH A . 
C 3 HOH 47 206 47  HOH HOH A . 
C 3 HOH 48 207 48  HOH HOH A . 
C 3 HOH 49 208 49  HOH HOH A . 
C 3 HOH 50 209 50  HOH HOH A . 
C 3 HOH 51 210 51  HOH HOH A . 
C 3 HOH 52 211 52  HOH HOH A . 
C 3 HOH 53 212 53  HOH HOH A . 
C 3 HOH 54 213 54  HOH HOH A . 
C 3 HOH 55 214 55  HOH HOH A . 
C 3 HOH 56 215 56  HOH HOH A . 
C 3 HOH 57 216 57  HOH HOH A . 
C 3 HOH 58 217 58  HOH HOH A . 
C 3 HOH 59 218 59  HOH HOH A . 
C 3 HOH 60 219 60  HOH HOH A . 
C 3 HOH 61 220 61  HOH HOH A . 
C 3 HOH 62 221 62  HOH HOH A . 
C 3 HOH 63 222 63  HOH HOH A . 
C 3 HOH 64 223 64  HOH HOH A . 
C 3 HOH 65 224 65  HOH HOH A . 
C 3 HOH 66 225 66  HOH HOH A . 
C 3 HOH 67 226 67  HOH HOH A . 
C 3 HOH 68 227 68  HOH HOH A . 
C 3 HOH 69 228 69  HOH HOH A . 
C 3 HOH 70 229 70  HOH HOH A . 
C 3 HOH 71 230 71  HOH HOH A . 
C 3 HOH 72 231 72  HOH HOH A . 
C 3 HOH 73 232 73  HOH HOH A . 
C 3 HOH 74 233 74  HOH HOH A . 
C 3 HOH 75 234 75  HOH HOH A . 
C 3 HOH 76 235 76  HOH HOH A . 
C 3 HOH 77 236 77  HOH HOH A . 
C 3 HOH 78 237 78  HOH HOH A . 
C 3 HOH 79 238 79  HOH HOH A . 
# 
loop_
_pdbx_struct_assembly.id 
_pdbx_struct_assembly.details 
_pdbx_struct_assembly.method_details 
_pdbx_struct_assembly.oligomeric_details 
_pdbx_struct_assembly.oligomeric_count 
1 software_defined_assembly PISA hexameric 6 
2 software_defined_assembly PISA trimeric  3 
3 software_defined_assembly PISA dimeric   2 
# 
loop_
_pdbx_struct_assembly_gen.assembly_id 
_pdbx_struct_assembly_gen.oper_expression 
_pdbx_struct_assembly_gen.asym_id_list 
1 1,2,3,4,5,6 A,B,C 
2 1,2,3       A,B,C 
3 1,4         A,B,C 
# 
loop_
_pdbx_struct_assembly_prop.biol_id 
_pdbx_struct_assembly_prop.type 
_pdbx_struct_assembly_prop.value 
_pdbx_struct_assembly_prop.details 
1 'ABSA (A^2)' 17220 ? 
1 MORE         -150  ? 
1 'SSA (A^2)'  37910 ? 
2 'ABSA (A^2)' 4320  ? 
2 MORE         -38   ? 
2 'SSA (A^2)'  23250 ? 
3 'ABSA (A^2)' 2920  ? 
3 MORE         -24   ? 
3 'SSA (A^2)'  15450 ? 
# 
loop_
_pdbx_struct_oper_list.id 
_pdbx_struct_oper_list.type 
_pdbx_struct_oper_list.name 
_pdbx_struct_oper_list.symmetry_operation 
_pdbx_struct_oper_list.matrix[1][1] 
_pdbx_struct_oper_list.matrix[1][2] 
_pdbx_struct_oper_list.matrix[1][3] 
_pdbx_struct_oper_list.vector[1] 
_pdbx_struct_oper_list.matrix[2][1] 
_pdbx_struct_oper_list.matrix[2][2] 
_pdbx_struct_oper_list.matrix[2][3] 
_pdbx_struct_oper_list.vector[2] 
_pdbx_struct_oper_list.matrix[3][1] 
_pdbx_struct_oper_list.matrix[3][2] 
_pdbx_struct_oper_list.matrix[3][3] 
_pdbx_struct_oper_list.vector[3] 
1 'identity operation'         1_555 x,y,z        1.0000000000  0.0000000000  0.0000000000  0.0000000000   0.0000000000  1.0000000000  0.0000000000  0.0000000000  0.0000000000  0.0000000000  1.0000000000  0.0000000000   
2 'crystal symmetry operation' 2_555 -y,x-y,z     0.5384714630  0.7373434880  0.4078885438  -9.4824990348  0.6401621444  -0.0431935698 -0.7670246048 11.1643066622 -0.5479424352 0.6741356660  -0.4952778932 -30.8146666723 
3 'crystal symmetry operation' 3_555 -x+y,-x,z    0.5384714630  0.6401621444  -0.5479424352 -18.9255748627 0.7373434880  -0.0431935698 0.6741356660  28.2473510123 0.4078885438  -0.7670246048 -0.4952778932 -2.8307225616  
4 'crystal symmetry operation' 4_556 y,x,-z+1     -0.6910690504 -0.4049196649 0.5987183249  17.9523329576  -0.4049196649 -0.4692667238 -0.7847476072 21.2124545354 0.5987183249  -0.7847476072 0.1603357742  5.0830391983   
5 'crystal symmetry operation' 5_556 x-y,-y,-z+1  -0.9593983806 -0.0884479616 -0.2678277533 1.5354416377   -0.0884479616 -0.8073219239 0.5834451725  43.9948031930 -0.2678277533 0.5834451725  0.7667203045  -14.2961631164 
6 'crystal symmetry operation' 6_556 -x,-x+y,-z+1 -0.4264754951 -0.8841380060 -0.1908366801 17.8984986311  -0.8841380060 0.3629757873  0.2941913735  17.8416528586 -0.1908366801 0.2941913735  -0.9365002922 -28.8689564908 
# 
loop_
_pdbx_audit_revision_history.ordinal 
_pdbx_audit_revision_history.data_content_type 
_pdbx_audit_revision_history.major_revision 
_pdbx_audit_revision_history.minor_revision 
_pdbx_audit_revision_history.revision_date 
1 'Structure model' 1 0 2010-01-19 
2 'Structure model' 1 1 2011-07-13 
3 'Structure model' 1 2 2014-10-01 
4 'Structure model' 1 3 2017-11-01 
5 'Structure model' 1 4 2023-09-06 
# 
_pdbx_audit_revision_details.ordinal             1 
_pdbx_audit_revision_details.revision_ordinal    1 
_pdbx_audit_revision_details.data_content_type   'Structure model' 
_pdbx_audit_revision_details.provider            repository 
_pdbx_audit_revision_details.type                'Initial release' 
_pdbx_audit_revision_details.description         ? 
_pdbx_audit_revision_details.details             ? 
# 
loop_
_pdbx_audit_revision_group.ordinal 
_pdbx_audit_revision_group.revision_ordinal 
_pdbx_audit_revision_group.data_content_type 
_pdbx_audit_revision_group.group 
1 2 'Structure model' Advisory                    
2 2 'Structure model' 'Refinement description'    
3 2 'Structure model' 'Version format compliance' 
4 3 'Structure model' 'Structure summary'         
5 4 'Structure model' 'Refinement description'    
6 5 'Structure model' 'Data collection'           
7 5 'Structure model' 'Database references'       
8 5 'Structure model' 'Derived calculations'      
9 5 'Structure model' 'Refinement description'    
# 
loop_
_pdbx_audit_revision_category.ordinal 
_pdbx_audit_revision_category.revision_ordinal 
_pdbx_audit_revision_category.data_content_type 
_pdbx_audit_revision_category.category 
1 4 'Structure model' software                      
2 5 'Structure model' chem_comp_atom                
3 5 'Structure model' chem_comp_bond                
4 5 'Structure model' database_2                    
5 5 'Structure model' pdbx_initial_refinement_model 
6 5 'Structure model' struct_site                   
# 
loop_
_pdbx_audit_revision_item.ordinal 
_pdbx_audit_revision_item.revision_ordinal 
_pdbx_audit_revision_item.data_content_type 
_pdbx_audit_revision_item.item 
1  4 'Structure model' '_software.classification'            
2  4 'Structure model' '_software.contact_author'            
3  4 'Structure model' '_software.contact_author_email'      
4  4 'Structure model' '_software.date'                      
5  4 'Structure model' '_software.language'                  
6  4 'Structure model' '_software.location'                  
7  4 'Structure model' '_software.name'                      
8  4 'Structure model' '_software.type'                      
9  4 'Structure model' '_software.version'                   
10 5 'Structure model' '_database_2.pdbx_DOI'                
11 5 'Structure model' '_database_2.pdbx_database_accession' 
12 5 'Structure model' '_struct_site.pdbx_auth_asym_id'      
13 5 'Structure model' '_struct_site.pdbx_auth_comp_id'      
14 5 'Structure model' '_struct_site.pdbx_auth_seq_id'       
# 
_pdbx_refine_tls.pdbx_refine_id   'X-RAY DIFFRACTION' 
_pdbx_refine_tls.id               1 
_pdbx_refine_tls.details          ? 
_pdbx_refine_tls.method           refined 
_pdbx_refine_tls.origin_x         -0.1585 
_pdbx_refine_tls.origin_y         -0.2470 
_pdbx_refine_tls.origin_z         -0.2831 
_pdbx_refine_tls.T[1][1]          0.0664 
_pdbx_refine_tls.T[2][2]          0.0459 
_pdbx_refine_tls.T[3][3]          0.1200 
_pdbx_refine_tls.T[1][2]          0.0212 
_pdbx_refine_tls.T[1][3]          -0.0311 
_pdbx_refine_tls.T[2][3]          0.0528 
_pdbx_refine_tls.L[1][1]          0.7064 
_pdbx_refine_tls.L[2][2]          3.4061 
_pdbx_refine_tls.L[3][3]          2.4083 
_pdbx_refine_tls.L[1][2]          0.4666 
_pdbx_refine_tls.L[1][3]          -0.1873 
_pdbx_refine_tls.L[2][3]          0.5427 
_pdbx_refine_tls.S[1][1]          -0.0723 
_pdbx_refine_tls.S[2][2]          0.1175 
_pdbx_refine_tls.S[3][3]          -0.0452 
_pdbx_refine_tls.S[1][2]          -0.0754 
_pdbx_refine_tls.S[1][3]          -0.0421 
_pdbx_refine_tls.S[2][3]          0.1303 
_pdbx_refine_tls.S[2][1]          -0.0370 
_pdbx_refine_tls.S[3][1]          -0.0985 
_pdbx_refine_tls.S[3][2]          -0.0581 
# 
loop_
_pdbx_refine_tls_group.pdbx_refine_id 
_pdbx_refine_tls_group.id 
_pdbx_refine_tls_group.refine_tls_id 
_pdbx_refine_tls_group.beg_auth_asym_id 
_pdbx_refine_tls_group.beg_auth_seq_id 
_pdbx_refine_tls_group.end_auth_asym_id 
_pdbx_refine_tls_group.end_auth_seq_id 
_pdbx_refine_tls_group.selection_details 
_pdbx_refine_tls_group.beg_label_asym_id 
_pdbx_refine_tls_group.beg_label_seq_id 
_pdbx_refine_tls_group.end_label_asym_id 
_pdbx_refine_tls_group.end_label_seq_id 
_pdbx_refine_tls_group.selection 
'X-RAY DIFFRACTION' 1 1 A -1  A 159 ? . . . . ? 
'X-RAY DIFFRACTION' 2 1 A 301 A 301 ? . . . . ? 
'X-RAY DIFFRACTION' 3 1 A 160 A 238 ? . . . . ? 
# 
loop_
_software.pdbx_ordinal 
_software.name 
_software.version 
_software.date 
_software.type 
_software.contact_author 
_software.contact_author_email 
_software.classification 
_software.location 
_software.language 
_software.citation_id 
1 DENZO       .        ?               package 'Zbyszek Otwinowski' hkl@hkl-xray.com      'data reduction'  
http://www.hkl-xray.com/                     ?          ? 
2 SCALEPACK   .        ?               package 'Zbyszek Otwinowski' hkl@hkl-xray.com      'data scaling'    
http://www.hkl-xray.com/                     ?          ? 
3 REFMAC      5.5.0102 ?               program 'Garib N. Murshudov' garib@ysbl.york.ac.uk refinement        
http://www.ccp4.ac.uk/dist/html/refmac5.html Fortran_77 ? 
4 PDB_EXTRACT 3.005    'June 11, 2008' package PDB                  help@deposit.rcsb.org 'data extraction' 
http://sw-tools.pdb.org/apps/PDB_EXTRACT/    C++        ? 
5 SBC-Collect .        ?               ?       ?                    ?                     'data collection' ? ?          ? 
6 HKL-3000    .        ?               ?       ?                    ?                     'data reduction'  ? ?          ? 
7 MOLREP      .        ?               ?       ?                    ?                     phasing           ? ?          ? 
8 HKL-3000    .        ?               ?       ?                    ?                     phasing           ? ?          ? 
# 
loop_
_pdbx_validate_close_contact.id 
_pdbx_validate_close_contact.PDB_model_num 
_pdbx_validate_close_contact.auth_atom_id_1 
_pdbx_validate_close_contact.auth_asym_id_1 
_pdbx_validate_close_contact.auth_comp_id_1 
_pdbx_validate_close_contact.auth_seq_id_1 
_pdbx_validate_close_contact.PDB_ins_code_1 
_pdbx_validate_close_contact.label_alt_id_1 
_pdbx_validate_close_contact.auth_atom_id_2 
_pdbx_validate_close_contact.auth_asym_id_2 
_pdbx_validate_close_contact.auth_comp_id_2 
_pdbx_validate_close_contact.auth_seq_id_2 
_pdbx_validate_close_contact.PDB_ins_code_2 
_pdbx_validate_close_contact.label_alt_id_2 
_pdbx_validate_close_contact.dist 
1 1 O A ALA 75  ? ? CE A MET 110 ? A 2.12 
2 1 O A HOH 183 ? ? O  A HOH 232 ? ? 2.13 
# 
_pdbx_validate_torsion.id              1 
_pdbx_validate_torsion.PDB_model_num   1 
_pdbx_validate_torsion.auth_comp_id    LYS 
_pdbx_validate_torsion.auth_asym_id    A 
_pdbx_validate_torsion.auth_seq_id     43 
_pdbx_validate_torsion.PDB_ins_code    ? 
_pdbx_validate_torsion.label_alt_id    ? 
_pdbx_validate_torsion.phi             37.71 
_pdbx_validate_torsion.psi             72.05 
# 
_pdbx_unobs_or_zero_occ_residues.id               1 
_pdbx_unobs_or_zero_occ_residues.PDB_model_num    1 
_pdbx_unobs_or_zero_occ_residues.polymer_flag     Y 
_pdbx_unobs_or_zero_occ_residues.occupancy_flag   1 
_pdbx_unobs_or_zero_occ_residues.auth_asym_id     A 
_pdbx_unobs_or_zero_occ_residues.auth_comp_id     SER 
_pdbx_unobs_or_zero_occ_residues.auth_seq_id      -2 
_pdbx_unobs_or_zero_occ_residues.PDB_ins_code     ? 
_pdbx_unobs_or_zero_occ_residues.label_asym_id    A 
_pdbx_unobs_or_zero_occ_residues.label_comp_id    SER 
_pdbx_unobs_or_zero_occ_residues.label_seq_id     1 
# 
loop_
_chem_comp_atom.comp_id 
_chem_comp_atom.atom_id 
_chem_comp_atom.type_symbol 
_chem_comp_atom.pdbx_aromatic_flag 
_chem_comp_atom.pdbx_stereo_config 
_chem_comp_atom.pdbx_ordinal 
ALA N    N N N 1   
ALA CA   C N S 2   
ALA C    C N N 3   
ALA O    O N N 4   
ALA CB   C N N 5   
ALA OXT  O N N 6   
ALA H    H N N 7   
ALA H2   H N N 8   
ALA HA   H N N 9   
ALA HB1  H N N 10  
ALA HB2  H N N 11  
ALA HB3  H N N 12  
ALA HXT  H N N 13  
ARG N    N N N 14  
ARG CA   C N S 15  
ARG C    C N N 16  
ARG O    O N N 17  
ARG CB   C N N 18  
ARG CG   C N N 19  
ARG CD   C N N 20  
ARG NE   N N N 21  
ARG CZ   C N N 22  
ARG NH1  N N N 23  
ARG NH2  N N N 24  
ARG OXT  O N N 25  
ARG H    H N N 26  
ARG H2   H N N 27  
ARG HA   H N N 28  
ARG HB2  H N N 29  
ARG HB3  H N N 30  
ARG HG2  H N N 31  
ARG HG3  H N N 32  
ARG HD2  H N N 33  
ARG HD3  H N N 34  
ARG HE   H N N 35  
ARG HH11 H N N 36  
ARG HH12 H N N 37  
ARG HH21 H N N 38  
ARG HH22 H N N 39  
ARG HXT  H N N 40  
ASN N    N N N 41  
ASN CA   C N S 42  
ASN C    C N N 43  
ASN O    O N N 44  
ASN CB   C N N 45  
ASN CG   C N N 46  
ASN OD1  O N N 47  
ASN ND2  N N N 48  
ASN OXT  O N N 49  
ASN H    H N N 50  
ASN H2   H N N 51  
ASN HA   H N N 52  
ASN HB2  H N N 53  
ASN HB3  H N N 54  
ASN HD21 H N N 55  
ASN HD22 H N N 56  
ASN HXT  H N N 57  
ASP N    N N N 58  
ASP CA   C N S 59  
ASP C    C N N 60  
ASP O    O N N 61  
ASP CB   C N N 62  
ASP CG   C N N 63  
ASP OD1  O N N 64  
ASP OD2  O N N 65  
ASP OXT  O N N 66  
ASP H    H N N 67  
ASP H2   H N N 68  
ASP HA   H N N 69  
ASP HB2  H N N 70  
ASP HB3  H N N 71  
ASP HD2  H N N 72  
ASP HXT  H N N 73  
FMT C    C N N 74  
FMT O1   O N N 75  
FMT O2   O N N 76  
FMT H    H N N 77  
FMT HO2  H N N 78  
GLN N    N N N 79  
GLN CA   C N S 80  
GLN C    C N N 81  
GLN O    O N N 82  
GLN CB   C N N 83  
GLN CG   C N N 84  
GLN CD   C N N 85  
GLN OE1  O N N 86  
GLN NE2  N N N 87  
GLN OXT  O N N 88  
GLN H    H N N 89  
GLN H2   H N N 90  
GLN HA   H N N 91  
GLN HB2  H N N 92  
GLN HB3  H N N 93  
GLN HG2  H N N 94  
GLN HG3  H N N 95  
GLN HE21 H N N 96  
GLN HE22 H N N 97  
GLN HXT  H N N 98  
GLU N    N N N 99  
GLU CA   C N S 100 
GLU C    C N N 101 
GLU O    O N N 102 
GLU CB   C N N 103 
GLU CG   C N N 104 
GLU CD   C N N 105 
GLU OE1  O N N 106 
GLU OE2  O N N 107 
GLU OXT  O N N 108 
GLU H    H N N 109 
GLU H2   H N N 110 
GLU HA   H N N 111 
GLU HB2  H N N 112 
GLU HB3  H N N 113 
GLU HG2  H N N 114 
GLU HG3  H N N 115 
GLU HE2  H N N 116 
GLU HXT  H N N 117 
GLY N    N N N 118 
GLY CA   C N N 119 
GLY C    C N N 120 
GLY O    O N N 121 
GLY OXT  O N N 122 
GLY H    H N N 123 
GLY H2   H N N 124 
GLY HA2  H N N 125 
GLY HA3  H N N 126 
GLY HXT  H N N 127 
HIS N    N N N 128 
HIS CA   C N S 129 
HIS C    C N N 130 
HIS O    O N N 131 
HIS CB   C N N 132 
HIS CG   C Y N 133 
HIS ND1  N Y N 134 
HIS CD2  C Y N 135 
HIS CE1  C Y N 136 
HIS NE2  N Y N 137 
HIS OXT  O N N 138 
HIS H    H N N 139 
HIS H2   H N N 140 
HIS HA   H N N 141 
HIS HB2  H N N 142 
HIS HB3  H N N 143 
HIS HD1  H N N 144 
HIS HD2  H N N 145 
HIS HE1  H N N 146 
HIS HE2  H N N 147 
HIS HXT  H N N 148 
HOH O    O N N 149 
HOH H1   H N N 150 
HOH H2   H N N 151 
ILE N    N N N 152 
ILE CA   C N S 153 
ILE C    C N N 154 
ILE O    O N N 155 
ILE CB   C N S 156 
ILE CG1  C N N 157 
ILE CG2  C N N 158 
ILE CD1  C N N 159 
ILE OXT  O N N 160 
ILE H    H N N 161 
ILE H2   H N N 162 
ILE HA   H N N 163 
ILE HB   H N N 164 
ILE HG12 H N N 165 
ILE HG13 H N N 166 
ILE HG21 H N N 167 
ILE HG22 H N N 168 
ILE HG23 H N N 169 
ILE HD11 H N N 170 
ILE HD12 H N N 171 
ILE HD13 H N N 172 
ILE HXT  H N N 173 
LEU N    N N N 174 
LEU CA   C N S 175 
LEU C    C N N 176 
LEU O    O N N 177 
LEU CB   C N N 178 
LEU CG   C N N 179 
LEU CD1  C N N 180 
LEU CD2  C N N 181 
LEU OXT  O N N 182 
LEU H    H N N 183 
LEU H2   H N N 184 
LEU HA   H N N 185 
LEU HB2  H N N 186 
LEU HB3  H N N 187 
LEU HG   H N N 188 
LEU HD11 H N N 189 
LEU HD12 H N N 190 
LEU HD13 H N N 191 
LEU HD21 H N N 192 
LEU HD22 H N N 193 
LEU HD23 H N N 194 
LEU HXT  H N N 195 
LYS N    N N N 196 
LYS CA   C N S 197 
LYS C    C N N 198 
LYS O    O N N 199 
LYS CB   C N N 200 
LYS CG   C N N 201 
LYS CD   C N N 202 
LYS CE   C N N 203 
LYS NZ   N N N 204 
LYS OXT  O N N 205 
LYS H    H N N 206 
LYS H2   H N N 207 
LYS HA   H N N 208 
LYS HB2  H N N 209 
LYS HB3  H N N 210 
LYS HG2  H N N 211 
LYS HG3  H N N 212 
LYS HD2  H N N 213 
LYS HD3  H N N 214 
LYS HE2  H N N 215 
LYS HE3  H N N 216 
LYS HZ1  H N N 217 
LYS HZ2  H N N 218 
LYS HZ3  H N N 219 
LYS HXT  H N N 220 
MET N    N N N 221 
MET CA   C N S 222 
MET C    C N N 223 
MET O    O N N 224 
MET CB   C N N 225 
MET CG   C N N 226 
MET SD   S N N 227 
MET CE   C N N 228 
MET OXT  O N N 229 
MET H    H N N 230 
MET H2   H N N 231 
MET HA   H N N 232 
MET HB2  H N N 233 
MET HB3  H N N 234 
MET HG2  H N N 235 
MET HG3  H N N 236 
MET HE1  H N N 237 
MET HE2  H N N 238 
MET HE3  H N N 239 
MET HXT  H N N 240 
PHE N    N N N 241 
PHE CA   C N S 242 
PHE C    C N N 243 
PHE O    O N N 244 
PHE CB   C N N 245 
PHE CG   C Y N 246 
PHE CD1  C Y N 247 
PHE CD2  C Y N 248 
PHE CE1  C Y N 249 
PHE CE2  C Y N 250 
PHE CZ   C Y N 251 
PHE OXT  O N N 252 
PHE H    H N N 253 
PHE H2   H N N 254 
PHE HA   H N N 255 
PHE HB2  H N N 256 
PHE HB3  H N N 257 
PHE HD1  H N N 258 
PHE HD2  H N N 259 
PHE HE1  H N N 260 
PHE HE2  H N N 261 
PHE HZ   H N N 262 
PHE HXT  H N N 263 
PRO N    N N N 264 
PRO CA   C N S 265 
PRO C    C N N 266 
PRO O    O N N 267 
PRO CB   C N N 268 
PRO CG   C N N 269 
PRO CD   C N N 270 
PRO OXT  O N N 271 
PRO H    H N N 272 
PRO HA   H N N 273 
PRO HB2  H N N 274 
PRO HB3  H N N 275 
PRO HG2  H N N 276 
PRO HG3  H N N 277 
PRO HD2  H N N 278 
PRO HD3  H N N 279 
PRO HXT  H N N 280 
SER N    N N N 281 
SER CA   C N S 282 
SER C    C N N 283 
SER O    O N N 284 
SER CB   C N N 285 
SER OG   O N N 286 
SER OXT  O N N 287 
SER H    H N N 288 
SER H2   H N N 289 
SER HA   H N N 290 
SER HB2  H N N 291 
SER HB3  H N N 292 
SER HG   H N N 293 
SER HXT  H N N 294 
THR N    N N N 295 
THR CA   C N S 296 
THR C    C N N 297 
THR O    O N N 298 
THR CB   C N R 299 
THR OG1  O N N 300 
THR CG2  C N N 301 
THR OXT  O N N 302 
THR H    H N N 303 
THR H2   H N N 304 
THR HA   H N N 305 
THR HB   H N N 306 
THR HG1  H N N 307 
THR HG21 H N N 308 
THR HG22 H N N 309 
THR HG23 H N N 310 
THR HXT  H N N 311 
TRP N    N N N 312 
TRP CA   C N S 313 
TRP C    C N N 314 
TRP O    O N N 315 
TRP CB   C N N 316 
TRP CG   C Y N 317 
TRP CD1  C Y N 318 
TRP CD2  C Y N 319 
TRP NE1  N Y N 320 
TRP CE2  C Y N 321 
TRP CE3  C Y N 322 
TRP CZ2  C Y N 323 
TRP CZ3  C Y N 324 
TRP CH2  C Y N 325 
TRP OXT  O N N 326 
TRP H    H N N 327 
TRP H2   H N N 328 
TRP HA   H N N 329 
TRP HB2  H N N 330 
TRP HB3  H N N 331 
TRP HD1  H N N 332 
TRP HE1  H N N 333 
TRP HE3  H N N 334 
TRP HZ2  H N N 335 
TRP HZ3  H N N 336 
TRP HH2  H N N 337 
TRP HXT  H N N 338 
TYR N    N N N 339 
TYR CA   C N S 340 
TYR C    C N N 341 
TYR O    O N N 342 
TYR CB   C N N 343 
TYR CG   C Y N 344 
TYR CD1  C Y N 345 
TYR CD2  C Y N 346 
TYR CE1  C Y N 347 
TYR CE2  C Y N 348 
TYR CZ   C Y N 349 
TYR OH   O N N 350 
TYR OXT  O N N 351 
TYR H    H N N 352 
TYR H2   H N N 353 
TYR HA   H N N 354 
TYR HB2  H N N 355 
TYR HB3  H N N 356 
TYR HD1  H N N 357 
TYR HD2  H N N 358 
TYR HE1  H N N 359 
TYR HE2  H N N 360 
TYR HH   H N N 361 
TYR HXT  H N N 362 
VAL N    N N N 363 
VAL CA   C N S 364 
VAL C    C N N 365 
VAL O    O N N 366 
VAL CB   C N N 367 
VAL CG1  C N N 368 
VAL CG2  C N N 369 
VAL OXT  O N N 370 
VAL H    H N N 371 
VAL H2   H N N 372 
VAL HA   H N N 373 
VAL HB   H N N 374 
VAL HG11 H N N 375 
VAL HG12 H N N 376 
VAL HG13 H N N 377 
VAL HG21 H N N 378 
VAL HG22 H N N 379 
VAL HG23 H N N 380 
VAL HXT  H N N 381 
# 
loop_
_chem_comp_bond.comp_id 
_chem_comp_bond.atom_id_1 
_chem_comp_bond.atom_id_2 
_chem_comp_bond.value_order 
_chem_comp_bond.pdbx_aromatic_flag 
_chem_comp_bond.pdbx_stereo_config 
_chem_comp_bond.pdbx_ordinal 
ALA N   CA   sing N N 1   
ALA N   H    sing N N 2   
ALA N   H2   sing N N 3   
ALA CA  C    sing N N 4   
ALA CA  CB   sing N N 5   
ALA CA  HA   sing N N 6   
ALA C   O    doub N N 7   
ALA C   OXT  sing N N 8   
ALA CB  HB1  sing N N 9   
ALA CB  HB2  sing N N 10  
ALA CB  HB3  sing N N 11  
ALA OXT HXT  sing N N 12  
ARG N   CA   sing N N 13  
ARG N   H    sing N N 14  
ARG N   H2   sing N N 15  
ARG CA  C    sing N N 16  
ARG CA  CB   sing N N 17  
ARG CA  HA   sing N N 18  
ARG C   O    doub N N 19  
ARG C   OXT  sing N N 20  
ARG CB  CG   sing N N 21  
ARG CB  HB2  sing N N 22  
ARG CB  HB3  sing N N 23  
ARG CG  CD   sing N N 24  
ARG CG  HG2  sing N N 25  
ARG CG  HG3  sing N N 26  
ARG CD  NE   sing N N 27  
ARG CD  HD2  sing N N 28  
ARG CD  HD3  sing N N 29  
ARG NE  CZ   sing N N 30  
ARG NE  HE   sing N N 31  
ARG CZ  NH1  sing N N 32  
ARG CZ  NH2  doub N N 33  
ARG NH1 HH11 sing N N 34  
ARG NH1 HH12 sing N N 35  
ARG NH2 HH21 sing N N 36  
ARG NH2 HH22 sing N N 37  
ARG OXT HXT  sing N N 38  
ASN N   CA   sing N N 39  
ASN N   H    sing N N 40  
ASN N   H2   sing N N 41  
ASN CA  C    sing N N 42  
ASN CA  CB   sing N N 43  
ASN CA  HA   sing N N 44  
ASN C   O    doub N N 45  
ASN C   OXT  sing N N 46  
ASN CB  CG   sing N N 47  
ASN CB  HB2  sing N N 48  
ASN CB  HB3  sing N N 49  
ASN CG  OD1  doub N N 50  
ASN CG  ND2  sing N N 51  
ASN ND2 HD21 sing N N 52  
ASN ND2 HD22 sing N N 53  
ASN OXT HXT  sing N N 54  
ASP N   CA   sing N N 55  
ASP N   H    sing N N 56  
ASP N   H2   sing N N 57  
ASP CA  C    sing N N 58  
ASP CA  CB   sing N N 59  
ASP CA  HA   sing N N 60  
ASP C   O    doub N N 61  
ASP C   OXT  sing N N 62  
ASP CB  CG   sing N N 63  
ASP CB  HB2  sing N N 64  
ASP CB  HB3  sing N N 65  
ASP CG  OD1  doub N N 66  
ASP CG  OD2  sing N N 67  
ASP OD2 HD2  sing N N 68  
ASP OXT HXT  sing N N 69  
FMT C   O1   doub N N 70  
FMT C   O2   sing N N 71  
FMT C   H    sing N N 72  
FMT O2  HO2  sing N N 73  
GLN N   CA   sing N N 74  
GLN N   H    sing N N 75  
GLN N   H2   sing N N 76  
GLN CA  C    sing N N 77  
GLN CA  CB   sing N N 78  
GLN CA  HA   sing N N 79  
GLN C   O    doub N N 80  
GLN C   OXT  sing N N 81  
GLN CB  CG   sing N N 82  
GLN CB  HB2  sing N N 83  
GLN CB  HB3  sing N N 84  
GLN CG  CD   sing N N 85  
GLN CG  HG2  sing N N 86  
GLN CG  HG3  sing N N 87  
GLN CD  OE1  doub N N 88  
GLN CD  NE2  sing N N 89  
GLN NE2 HE21 sing N N 90  
GLN NE2 HE22 sing N N 91  
GLN OXT HXT  sing N N 92  
GLU N   CA   sing N N 93  
GLU N   H    sing N N 94  
GLU N   H2   sing N N 95  
GLU CA  C    sing N N 96  
GLU CA  CB   sing N N 97  
GLU CA  HA   sing N N 98  
GLU C   O    doub N N 99  
GLU C   OXT  sing N N 100 
GLU CB  CG   sing N N 101 
GLU CB  HB2  sing N N 102 
GLU CB  HB3  sing N N 103 
GLU CG  CD   sing N N 104 
GLU CG  HG2  sing N N 105 
GLU CG  HG3  sing N N 106 
GLU CD  OE1  doub N N 107 
GLU CD  OE2  sing N N 108 
GLU OE2 HE2  sing N N 109 
GLU OXT HXT  sing N N 110 
GLY N   CA   sing N N 111 
GLY N   H    sing N N 112 
GLY N   H2   sing N N 113 
GLY CA  C    sing N N 114 
GLY CA  HA2  sing N N 115 
GLY CA  HA3  sing N N 116 
GLY C   O    doub N N 117 
GLY C   OXT  sing N N 118 
GLY OXT HXT  sing N N 119 
HIS N   CA   sing N N 120 
HIS N   H    sing N N 121 
HIS N   H2   sing N N 122 
HIS CA  C    sing N N 123 
HIS CA  CB   sing N N 124 
HIS CA  HA   sing N N 125 
HIS C   O    doub N N 126 
HIS C   OXT  sing N N 127 
HIS CB  CG   sing N N 128 
HIS CB  HB2  sing N N 129 
HIS CB  HB3  sing N N 130 
HIS CG  ND1  sing Y N 131 
HIS CG  CD2  doub Y N 132 
HIS ND1 CE1  doub Y N 133 
HIS ND1 HD1  sing N N 134 
HIS CD2 NE2  sing Y N 135 
HIS CD2 HD2  sing N N 136 
HIS CE1 NE2  sing Y N 137 
HIS CE1 HE1  sing N N 138 
HIS NE2 HE2  sing N N 139 
HIS OXT HXT  sing N N 140 
HOH O   H1   sing N N 141 
HOH O   H2   sing N N 142 
ILE N   CA   sing N N 143 
ILE N   H    sing N N 144 
ILE N   H2   sing N N 145 
ILE CA  C    sing N N 146 
ILE CA  CB   sing N N 147 
ILE CA  HA   sing N N 148 
ILE C   O    doub N N 149 
ILE C   OXT  sing N N 150 
ILE CB  CG1  sing N N 151 
ILE CB  CG2  sing N N 152 
ILE CB  HB   sing N N 153 
ILE CG1 CD1  sing N N 154 
ILE CG1 HG12 sing N N 155 
ILE CG1 HG13 sing N N 156 
ILE CG2 HG21 sing N N 157 
ILE CG2 HG22 sing N N 158 
ILE CG2 HG23 sing N N 159 
ILE CD1 HD11 sing N N 160 
ILE CD1 HD12 sing N N 161 
ILE CD1 HD13 sing N N 162 
ILE OXT HXT  sing N N 163 
LEU N   CA   sing N N 164 
LEU N   H    sing N N 165 
LEU N   H2   sing N N 166 
LEU CA  C    sing N N 167 
LEU CA  CB   sing N N 168 
LEU CA  HA   sing N N 169 
LEU C   O    doub N N 170 
LEU C   OXT  sing N N 171 
LEU CB  CG   sing N N 172 
LEU CB  HB2  sing N N 173 
LEU CB  HB3  sing N N 174 
LEU CG  CD1  sing N N 175 
LEU CG  CD2  sing N N 176 
LEU CG  HG   sing N N 177 
LEU CD1 HD11 sing N N 178 
LEU CD1 HD12 sing N N 179 
LEU CD1 HD13 sing N N 180 
LEU CD2 HD21 sing N N 181 
LEU CD2 HD22 sing N N 182 
LEU CD2 HD23 sing N N 183 
LEU OXT HXT  sing N N 184 
LYS N   CA   sing N N 185 
LYS N   H    sing N N 186 
LYS N   H2   sing N N 187 
LYS CA  C    sing N N 188 
LYS CA  CB   sing N N 189 
LYS CA  HA   sing N N 190 
LYS C   O    doub N N 191 
LYS C   OXT  sing N N 192 
LYS CB  CG   sing N N 193 
LYS CB  HB2  sing N N 194 
LYS CB  HB3  sing N N 195 
LYS CG  CD   sing N N 196 
LYS CG  HG2  sing N N 197 
LYS CG  HG3  sing N N 198 
LYS CD  CE   sing N N 199 
LYS CD  HD2  sing N N 200 
LYS CD  HD3  sing N N 201 
LYS CE  NZ   sing N N 202 
LYS CE  HE2  sing N N 203 
LYS CE  HE3  sing N N 204 
LYS NZ  HZ1  sing N N 205 
LYS NZ  HZ2  sing N N 206 
LYS NZ  HZ3  sing N N 207 
LYS OXT HXT  sing N N 208 
MET N   CA   sing N N 209 
MET N   H    sing N N 210 
MET N   H2   sing N N 211 
MET CA  C    sing N N 212 
MET CA  CB   sing N N 213 
MET CA  HA   sing N N 214 
MET C   O    doub N N 215 
MET C   OXT  sing N N 216 
MET CB  CG   sing N N 217 
MET CB  HB2  sing N N 218 
MET CB  HB3  sing N N 219 
MET CG  SD   sing N N 220 
MET CG  HG2  sing N N 221 
MET CG  HG3  sing N N 222 
MET SD  CE   sing N N 223 
MET CE  HE1  sing N N 224 
MET CE  HE2  sing N N 225 
MET CE  HE3  sing N N 226 
MET OXT HXT  sing N N 227 
PHE N   CA   sing N N 228 
PHE N   H    sing N N 229 
PHE N   H2   sing N N 230 
PHE CA  C    sing N N 231 
PHE CA  CB   sing N N 232 
PHE CA  HA   sing N N 233 
PHE C   O    doub N N 234 
PHE C   OXT  sing N N 235 
PHE CB  CG   sing N N 236 
PHE CB  HB2  sing N N 237 
PHE CB  HB3  sing N N 238 
PHE CG  CD1  doub Y N 239 
PHE CG  CD2  sing Y N 240 
PHE CD1 CE1  sing Y N 241 
PHE CD1 HD1  sing N N 242 
PHE CD2 CE2  doub Y N 243 
PHE CD2 HD2  sing N N 244 
PHE CE1 CZ   doub Y N 245 
PHE CE1 HE1  sing N N 246 
PHE CE2 CZ   sing Y N 247 
PHE CE2 HE2  sing N N 248 
PHE CZ  HZ   sing N N 249 
PHE OXT HXT  sing N N 250 
PRO N   CA   sing N N 251 
PRO N   CD   sing N N 252 
PRO N   H    sing N N 253 
PRO CA  C    sing N N 254 
PRO CA  CB   sing N N 255 
PRO CA  HA   sing N N 256 
PRO C   O    doub N N 257 
PRO C   OXT  sing N N 258 
PRO CB  CG   sing N N 259 
PRO CB  HB2  sing N N 260 
PRO CB  HB3  sing N N 261 
PRO CG  CD   sing N N 262 
PRO CG  HG2  sing N N 263 
PRO CG  HG3  sing N N 264 
PRO CD  HD2  sing N N 265 
PRO CD  HD3  sing N N 266 
PRO OXT HXT  sing N N 267 
SER N   CA   sing N N 268 
SER N   H    sing N N 269 
SER N   H2   sing N N 270 
SER CA  C    sing N N 271 
SER CA  CB   sing N N 272 
SER CA  HA   sing N N 273 
SER C   O    doub N N 274 
SER C   OXT  sing N N 275 
SER CB  OG   sing N N 276 
SER CB  HB2  sing N N 277 
SER CB  HB3  sing N N 278 
SER OG  HG   sing N N 279 
SER OXT HXT  sing N N 280 
THR N   CA   sing N N 281 
THR N   H    sing N N 282 
THR N   H2   sing N N 283 
THR CA  C    sing N N 284 
THR CA  CB   sing N N 285 
THR CA  HA   sing N N 286 
THR C   O    doub N N 287 
THR C   OXT  sing N N 288 
THR CB  OG1  sing N N 289 
THR CB  CG2  sing N N 290 
THR CB  HB   sing N N 291 
THR OG1 HG1  sing N N 292 
THR CG2 HG21 sing N N 293 
THR CG2 HG22 sing N N 294 
THR CG2 HG23 sing N N 295 
THR OXT HXT  sing N N 296 
TRP N   CA   sing N N 297 
TRP N   H    sing N N 298 
TRP N   H2   sing N N 299 
TRP CA  C    sing N N 300 
TRP CA  CB   sing N N 301 
TRP CA  HA   sing N N 302 
TRP C   O    doub N N 303 
TRP C   OXT  sing N N 304 
TRP CB  CG   sing N N 305 
TRP CB  HB2  sing N N 306 
TRP CB  HB3  sing N N 307 
TRP CG  CD1  doub Y N 308 
TRP CG  CD2  sing Y N 309 
TRP CD1 NE1  sing Y N 310 
TRP CD1 HD1  sing N N 311 
TRP CD2 CE2  doub Y N 312 
TRP CD2 CE3  sing Y N 313 
TRP NE1 CE2  sing Y N 314 
TRP NE1 HE1  sing N N 315 
TRP CE2 CZ2  sing Y N 316 
TRP CE3 CZ3  doub Y N 317 
TRP CE3 HE3  sing N N 318 
TRP CZ2 CH2  doub Y N 319 
TRP CZ2 HZ2  sing N N 320 
TRP CZ3 CH2  sing Y N 321 
TRP CZ3 HZ3  sing N N 322 
TRP CH2 HH2  sing N N 323 
TRP OXT HXT  sing N N 324 
TYR N   CA   sing N N 325 
TYR N   H    sing N N 326 
TYR N   H2   sing N N 327 
TYR CA  C    sing N N 328 
TYR CA  CB   sing N N 329 
TYR CA  HA   sing N N 330 
TYR C   O    doub N N 331 
TYR C   OXT  sing N N 332 
TYR CB  CG   sing N N 333 
TYR CB  HB2  sing N N 334 
TYR CB  HB3  sing N N 335 
TYR CG  CD1  doub Y N 336 
TYR CG  CD2  sing Y N 337 
TYR CD1 CE1  sing Y N 338 
TYR CD1 HD1  sing N N 339 
TYR CD2 CE2  doub Y N 340 
TYR CD2 HD2  sing N N 341 
TYR CE1 CZ   doub Y N 342 
TYR CE1 HE1  sing N N 343 
TYR CE2 CZ   sing Y N 344 
TYR CE2 HE2  sing N N 345 
TYR CZ  OH   sing N N 346 
TYR OH  HH   sing N N 347 
TYR OXT HXT  sing N N 348 
VAL N   CA   sing N N 349 
VAL N   H    sing N N 350 
VAL N   H2   sing N N 351 
VAL CA  C    sing N N 352 
VAL CA  CB   sing N N 353 
VAL CA  HA   sing N N 354 
VAL C   O    doub N N 355 
VAL C   OXT  sing N N 356 
VAL CB  CG1  sing N N 357 
VAL CB  CG2  sing N N 358 
VAL CB  HB   sing N N 359 
VAL CG1 HG11 sing N N 360 
VAL CG1 HG12 sing N N 361 
VAL CG1 HG13 sing N N 362 
VAL CG2 HG21 sing N N 363 
VAL CG2 HG22 sing N N 364 
VAL CG2 HG23 sing N N 365 
VAL OXT HXT  sing N N 366 
# 
loop_
_pdbx_entity_nonpoly.entity_id 
_pdbx_entity_nonpoly.name 
_pdbx_entity_nonpoly.comp_id 
2 'FORMIC ACID' FMT 
3 water         HOH 
# 
_pdbx_initial_refinement_model.id               1 
_pdbx_initial_refinement_model.entity_id_list   ? 
_pdbx_initial_refinement_model.type             'experimental model' 
_pdbx_initial_refinement_model.source_name      PDB 
_pdbx_initial_refinement_model.accession_code   3L92 
_pdbx_initial_refinement_model.details          ? 
# 
